data_2CPX
#
_entry.id   2CPX
#
_entity_poly.entity_id   1
_entity_poly.type   'polypeptide(L)'
_entity_poly.pdbx_seq_one_letter_code
;GSSGSSGEEIRKIPMFSSYNPGEPNKVLYLKNLSPRVTERDLVSLFARFQEKKGPPIQFRMMTGRMRGQAFITFPNKEIA
WQALHLVNGYKLYGKILVIEFGKNKKQRSSGPSSG
;
_entity_poly.pdbx_strand_id   A
#
# COMPACT_ATOMS: atom_id res chain seq x y z
N GLY A 1 -34.74 1.72 31.71
CA GLY A 1 -33.99 1.68 30.46
C GLY A 1 -32.55 2.13 30.64
N SER A 2 -31.75 1.30 31.27
CA SER A 2 -30.34 1.61 31.52
C SER A 2 -29.49 1.24 30.31
N SER A 3 -28.25 1.71 30.31
CA SER A 3 -27.33 1.43 29.21
C SER A 3 -27.24 -0.07 28.94
N GLY A 4 -26.82 -0.42 27.73
CA GLY A 4 -26.70 -1.81 27.35
C GLY A 4 -26.52 -2.01 25.86
N SER A 5 -27.44 -1.46 25.08
CA SER A 5 -27.38 -1.58 23.63
C SER A 5 -26.12 -0.91 23.08
N SER A 6 -25.37 -1.66 22.27
CA SER A 6 -24.14 -1.16 21.68
C SER A 6 -23.73 -1.99 20.47
N GLY A 7 -23.40 -1.31 19.38
CA GLY A 7 -23.00 -2.00 18.16
C GLY A 7 -24.15 -2.17 17.18
N GLU A 8 -24.54 -1.08 16.54
CA GLU A 8 -25.64 -1.12 15.57
C GLU A 8 -25.18 -1.74 14.26
N GLU A 9 -24.05 -1.27 13.74
CA GLU A 9 -23.52 -1.78 12.49
C GLU A 9 -22.67 -3.03 12.73
N ILE A 10 -21.81 -2.96 13.74
CA ILE A 10 -20.94 -4.09 14.07
C ILE A 10 -21.74 -5.22 14.72
N ARG A 11 -21.67 -6.41 14.13
CA ARG A 11 -22.38 -7.56 14.65
C ARG A 11 -21.54 -8.27 15.71
N LYS A 12 -20.92 -7.49 16.60
CA LYS A 12 -20.10 -8.04 17.66
C LYS A 12 -18.91 -8.83 17.09
N ILE A 13 -18.20 -8.21 16.17
CA ILE A 13 -17.04 -8.85 15.54
C ILE A 13 -15.88 -8.96 16.52
N PRO A 14 -15.32 -10.17 16.65
CA PRO A 14 -14.19 -10.43 17.54
C PRO A 14 -13.13 -9.34 17.48
N MET A 15 -12.99 -8.74 16.30
CA MET A 15 -12.00 -7.67 16.11
C MET A 15 -12.44 -6.74 14.98
N PHE A 16 -12.90 -5.55 15.35
CA PHE A 16 -13.34 -4.56 14.38
C PHE A 16 -12.15 -3.89 13.71
N SER A 17 -11.24 -4.70 13.18
CA SER A 17 -10.05 -4.18 12.52
C SER A 17 -10.33 -3.90 11.04
N SER A 18 -9.80 -2.79 10.55
CA SER A 18 -10.01 -2.40 9.15
C SER A 18 -9.35 -3.40 8.21
N TYR A 19 -9.41 -3.11 6.91
CA TYR A 19 -8.82 -4.00 5.92
C TYR A 19 -7.47 -4.52 6.37
N ASN A 20 -7.03 -5.63 5.79
CA ASN A 20 -5.76 -6.23 6.13
C ASN A 20 -4.80 -6.22 4.93
N PRO A 21 -3.53 -5.90 5.20
CA PRO A 21 -2.49 -5.84 4.16
C PRO A 21 -2.01 -7.23 3.75
N GLY A 22 -1.94 -8.14 4.71
CA GLY A 22 -1.50 -9.49 4.42
C GLY A 22 0.01 -9.63 4.50
N GLU A 23 0.61 -10.17 3.44
CA GLU A 23 2.05 -10.36 3.39
C GLU A 23 2.73 -9.17 2.73
N PRO A 24 3.89 -8.78 3.27
CA PRO A 24 4.68 -7.65 2.74
C PRO A 24 5.42 -8.01 1.46
N ASN A 25 5.21 -7.20 0.42
CA ASN A 25 5.86 -7.43 -0.87
C ASN A 25 6.61 -6.19 -1.33
N LYS A 26 7.26 -6.30 -2.48
CA LYS A 26 8.01 -5.18 -3.04
C LYS A 26 7.09 -4.20 -3.77
N VAL A 27 6.01 -4.73 -4.34
CA VAL A 27 5.04 -3.91 -5.05
C VAL A 27 3.84 -3.58 -4.19
N LEU A 28 3.45 -2.31 -4.16
CA LEU A 28 2.31 -1.87 -3.38
C LEU A 28 1.15 -1.43 -4.27
N TYR A 29 -0.06 -1.54 -3.76
CA TYR A 29 -1.26 -1.16 -4.52
C TYR A 29 -2.08 -0.14 -3.75
N LEU A 30 -1.95 1.13 -4.15
CA LEU A 30 -2.69 2.21 -3.49
C LEU A 30 -4.03 2.44 -4.18
N LYS A 31 -5.07 2.68 -3.38
CA LYS A 31 -6.40 2.93 -3.91
C LYS A 31 -7.07 4.09 -3.18
N ASN A 32 -8.31 4.39 -3.57
CA ASN A 32 -9.06 5.48 -2.95
C ASN A 32 -8.38 6.83 -3.18
N LEU A 33 -8.11 7.13 -4.45
CA LEU A 33 -7.47 8.38 -4.82
C LEU A 33 -8.39 9.25 -5.66
N SER A 34 -8.58 10.49 -5.23
CA SER A 34 -9.44 11.42 -5.96
C SER A 34 -8.87 11.75 -7.33
N PRO A 35 -9.76 11.91 -8.32
CA PRO A 35 -9.37 12.22 -9.70
C PRO A 35 -8.31 13.32 -9.77
N ARG A 36 -8.23 14.12 -8.71
CA ARG A 36 -7.25 15.20 -8.65
C ARG A 36 -5.86 14.67 -8.33
N VAL A 37 -5.80 13.68 -7.45
CA VAL A 37 -4.53 13.08 -7.06
C VAL A 37 -3.67 12.78 -8.28
N THR A 38 -2.36 13.03 -8.16
CA THR A 38 -1.43 12.79 -9.24
C THR A 38 -0.12 12.21 -8.73
N GLU A 39 0.71 11.73 -9.65
CA GLU A 39 2.00 11.15 -9.29
C GLU A 39 2.68 11.97 -8.19
N ARG A 40 2.71 13.29 -8.39
CA ARG A 40 3.33 14.19 -7.41
C ARG A 40 2.98 13.77 -5.99
N ASP A 41 1.69 13.60 -5.72
CA ASP A 41 1.23 13.20 -4.39
C ASP A 41 1.95 11.93 -3.93
N LEU A 42 1.99 10.94 -4.80
CA LEU A 42 2.64 9.67 -4.49
C LEU A 42 4.11 9.88 -4.13
N VAL A 43 4.80 10.67 -4.95
CA VAL A 43 6.21 10.97 -4.71
C VAL A 43 6.43 11.50 -3.31
N SER A 44 5.74 12.57 -2.97
CA SER A 44 5.86 13.18 -1.65
C SER A 44 5.49 12.19 -0.55
N LEU A 45 4.40 11.46 -0.78
CA LEU A 45 3.92 10.48 0.20
C LEU A 45 5.05 9.52 0.59
N PHE A 46 5.74 8.99 -0.41
CA PHE A 46 6.83 8.06 -0.16
C PHE A 46 8.16 8.62 -0.70
N ALA A 47 8.37 9.91 -0.46
CA ALA A 47 9.59 10.57 -0.92
C ALA A 47 10.76 10.26 0.01
N ARG A 48 10.50 10.32 1.32
CA ARG A 48 11.54 10.05 2.31
C ARG A 48 12.27 8.75 1.99
N PHE A 49 11.54 7.79 1.44
CA PHE A 49 12.12 6.49 1.09
C PHE A 49 13.00 6.61 -0.15
N GLN A 50 12.55 7.43 -1.10
CA GLN A 50 13.30 7.62 -2.34
C GLN A 50 14.79 7.78 -2.06
N GLU A 51 15.15 8.85 -1.36
CA GLU A 51 16.54 9.12 -1.02
C GLU A 51 17.14 7.97 -0.23
N LYS A 52 16.39 7.48 0.75
CA LYS A 52 16.85 6.38 1.58
C LYS A 52 17.61 5.35 0.76
N LYS A 53 18.55 4.66 1.40
CA LYS A 53 19.35 3.65 0.72
C LYS A 53 18.48 2.78 -0.18
N GLY A 54 18.94 2.56 -1.41
CA GLY A 54 18.20 1.75 -2.36
C GLY A 54 17.89 2.49 -3.65
N PRO A 55 17.93 1.76 -4.76
CA PRO A 55 17.64 2.33 -6.09
C PRO A 55 16.40 3.19 -6.10
N PRO A 56 16.34 4.16 -7.04
CA PRO A 56 15.20 5.07 -7.17
C PRO A 56 13.87 4.34 -7.13
N ILE A 57 12.90 4.91 -6.43
CA ILE A 57 11.57 4.32 -6.32
C ILE A 57 10.74 4.59 -7.57
N GLN A 58 10.06 3.56 -8.06
CA GLN A 58 9.23 3.70 -9.24
C GLN A 58 7.76 3.89 -8.87
N PHE A 59 7.09 4.81 -9.56
CA PHE A 59 5.69 5.09 -9.28
C PHE A 59 4.84 4.91 -10.54
N ARG A 60 3.65 4.35 -10.38
CA ARG A 60 2.75 4.10 -11.51
C ARG A 60 1.32 4.49 -11.14
N MET A 61 0.66 5.23 -12.02
CA MET A 61 -0.70 5.67 -11.79
C MET A 61 -1.66 4.99 -12.77
N MET A 62 -2.79 4.53 -12.26
CA MET A 62 -3.79 3.86 -13.10
C MET A 62 -4.92 4.82 -13.47
N THR A 63 -5.24 4.86 -14.76
CA THR A 63 -6.30 5.74 -15.24
C THR A 63 -7.23 5.01 -16.21
N GLY A 64 -7.83 3.93 -15.72
CA GLY A 64 -8.73 3.15 -16.56
C GLY A 64 -10.19 3.54 -16.36
N ARG A 65 -11.09 2.76 -16.94
CA ARG A 65 -12.52 3.03 -16.82
C ARG A 65 -12.87 3.47 -15.40
N MET A 66 -12.07 3.04 -14.44
CA MET A 66 -12.30 3.38 -13.03
C MET A 66 -11.03 3.91 -12.39
N ARG A 67 -10.92 5.23 -12.30
CA ARG A 67 -9.75 5.87 -11.69
C ARG A 67 -9.79 5.75 -10.18
N GLY A 68 -8.68 6.13 -9.53
CA GLY A 68 -8.62 6.06 -8.09
C GLY A 68 -7.74 4.92 -7.60
N GLN A 69 -6.76 4.55 -8.41
CA GLN A 69 -5.85 3.46 -8.06
C GLN A 69 -4.46 3.70 -8.62
N ALA A 70 -3.45 3.15 -7.94
CA ALA A 70 -2.06 3.31 -8.38
C ALA A 70 -1.18 2.21 -7.81
N PHE A 71 0.03 2.10 -8.34
CA PHE A 71 0.98 1.08 -7.88
C PHE A 71 2.37 1.67 -7.73
N ILE A 72 3.05 1.28 -6.66
CA ILE A 72 4.40 1.76 -6.39
C ILE A 72 5.37 0.61 -6.17
N THR A 73 6.52 0.67 -6.84
CA THR A 73 7.53 -0.37 -6.70
C THR A 73 8.73 0.12 -5.90
N PHE A 74 8.98 -0.52 -4.77
CA PHE A 74 10.11 -0.15 -3.92
C PHE A 74 11.30 -1.08 -4.14
N PRO A 75 12.49 -0.61 -3.77
CA PRO A 75 13.73 -1.39 -3.91
C PRO A 75 13.58 -2.83 -3.43
N ASN A 76 12.78 -3.01 -2.38
CA ASN A 76 12.55 -4.33 -1.83
C ASN A 76 11.24 -4.38 -1.03
N LYS A 77 10.87 -5.56 -0.57
CA LYS A 77 9.65 -5.73 0.21
C LYS A 77 9.74 -5.01 1.54
N GLU A 78 10.87 -5.16 2.22
CA GLU A 78 11.09 -4.53 3.51
C GLU A 78 10.68 -3.06 3.47
N ILE A 79 11.39 -2.27 2.66
CA ILE A 79 11.09 -0.85 2.53
C ILE A 79 9.62 -0.62 2.18
N ALA A 80 9.17 -1.27 1.10
CA ALA A 80 7.79 -1.14 0.67
C ALA A 80 6.83 -1.22 1.85
N TRP A 81 6.86 -2.33 2.56
CA TRP A 81 6.00 -2.52 3.72
C TRP A 81 6.07 -1.32 4.67
N GLN A 82 7.25 -1.08 5.22
CA GLN A 82 7.45 0.03 6.14
C GLN A 82 6.65 1.25 5.70
N ALA A 83 6.79 1.62 4.44
CA ALA A 83 6.07 2.77 3.90
C ALA A 83 4.56 2.57 4.00
N LEU A 84 4.11 1.34 3.79
CA LEU A 84 2.69 1.02 3.86
C LEU A 84 2.14 1.28 5.27
N HIS A 85 2.67 0.55 6.25
CA HIS A 85 2.24 0.71 7.63
C HIS A 85 2.33 2.17 8.06
N LEU A 86 3.26 2.90 7.47
CA LEU A 86 3.44 4.32 7.80
C LEU A 86 2.36 5.17 7.15
N VAL A 87 2.12 4.94 5.86
CA VAL A 87 1.10 5.69 5.14
C VAL A 87 -0.19 4.90 5.03
N ASN A 88 -0.48 4.11 6.06
CA ASN A 88 -1.69 3.30 6.08
C ASN A 88 -2.89 4.11 6.54
N GLY A 89 -3.65 4.63 5.58
CA GLY A 89 -4.83 5.43 5.91
C GLY A 89 -4.51 6.91 5.96
N TYR A 90 -3.76 7.39 4.97
CA TYR A 90 -3.40 8.80 4.91
C TYR A 90 -4.48 9.62 4.23
N LYS A 91 -5.18 10.43 5.02
CA LYS A 91 -6.26 11.26 4.49
C LYS A 91 -5.72 12.27 3.48
N LEU A 92 -6.20 12.19 2.25
CA LEU A 92 -5.78 13.10 1.19
C LEU A 92 -6.97 13.64 0.42
N TYR A 93 -7.02 14.97 0.28
CA TYR A 93 -8.12 15.61 -0.43
C TYR A 93 -9.47 15.04 -0.01
N GLY A 94 -9.61 14.81 1.30
CA GLY A 94 -10.86 14.27 1.81
C GLY A 94 -11.11 12.85 1.34
N LYS A 95 -10.06 12.04 1.34
CA LYS A 95 -10.17 10.64 0.91
C LYS A 95 -9.28 9.74 1.76
N ILE A 96 -9.79 8.56 2.08
CA ILE A 96 -9.04 7.59 2.88
C ILE A 96 -8.21 6.67 2.01
N LEU A 97 -6.95 7.05 1.78
CA LEU A 97 -6.05 6.25 0.96
C LEU A 97 -5.83 4.88 1.57
N VAL A 98 -6.00 3.84 0.76
CA VAL A 98 -5.81 2.46 1.23
C VAL A 98 -4.67 1.79 0.49
N ILE A 99 -3.58 1.51 1.20
CA ILE A 99 -2.42 0.86 0.62
C ILE A 99 -2.48 -0.66 0.81
N GLU A 100 -2.12 -1.39 -0.23
CA GLU A 100 -2.14 -2.85 -0.18
C GLU A 100 -0.84 -3.43 -0.76
N PHE A 101 -0.74 -4.75 -0.74
CA PHE A 101 0.44 -5.43 -1.27
C PHE A 101 0.12 -6.16 -2.57
N GLY A 102 1.05 -6.11 -3.52
CA GLY A 102 0.85 -6.76 -4.79
C GLY A 102 0.76 -8.26 -4.66
N LYS A 103 1.32 -8.97 -5.65
CA LYS A 103 1.30 -10.44 -5.64
C LYS A 103 2.25 -10.99 -6.71
N ASN A 104 2.40 -12.31 -6.72
CA ASN A 104 3.28 -12.97 -7.68
C ASN A 104 2.47 -13.53 -8.85
N LYS A 105 2.68 -12.96 -10.03
CA LYS A 105 1.98 -13.42 -11.23
C LYS A 105 2.90 -13.39 -12.44
N LYS A 106 2.58 -14.22 -13.43
CA LYS A 106 3.38 -14.29 -14.65
C LYS A 106 4.82 -14.70 -14.34
N GLN A 107 4.96 -15.71 -13.49
CA GLN A 107 6.29 -16.19 -13.10
C GLN A 107 6.71 -17.39 -13.96
N ARG A 108 8.01 -17.60 -14.07
CA ARG A 108 8.52 -18.71 -14.86
C ARG A 108 9.08 -19.82 -13.95
N SER A 109 8.94 -21.06 -14.40
CA SER A 109 9.42 -22.20 -13.63
C SER A 109 10.70 -22.77 -14.23
N SER A 110 11.62 -21.88 -14.57
CA SER A 110 12.89 -22.30 -15.16
C SER A 110 14.07 -21.71 -14.39
N GLY A 111 15.24 -22.32 -14.54
CA GLY A 111 16.43 -21.84 -13.85
C GLY A 111 17.68 -22.61 -14.24
N PRO A 112 18.42 -22.05 -15.22
CA PRO A 112 19.66 -22.68 -15.71
C PRO A 112 20.82 -22.49 -14.74
N SER A 113 20.61 -21.68 -13.71
CA SER A 113 21.65 -21.41 -12.72
C SER A 113 22.41 -22.69 -12.37
N SER A 114 23.63 -22.53 -11.88
CA SER A 114 24.46 -23.67 -11.51
C SER A 114 25.14 -23.43 -10.17
N GLY A 115 25.78 -24.48 -9.65
CA GLY A 115 26.47 -24.36 -8.37
C GLY A 115 27.71 -25.22 -8.31
N GLY A 1 -25.48 -28.50 28.51
CA GLY A 1 -25.88 -27.35 27.73
C GLY A 1 -24.85 -26.23 27.77
N SER A 2 -24.26 -25.95 26.62
CA SER A 2 -23.24 -24.90 26.52
C SER A 2 -23.89 -23.52 26.45
N SER A 3 -23.06 -22.48 26.51
CA SER A 3 -23.55 -21.12 26.45
C SER A 3 -22.44 -20.15 26.04
N GLY A 4 -22.73 -19.32 25.04
CA GLY A 4 -21.75 -18.36 24.56
C GLY A 4 -21.80 -18.18 23.06
N SER A 5 -22.16 -16.97 22.63
CA SER A 5 -22.25 -16.67 21.21
C SER A 5 -21.24 -15.60 20.81
N SER A 6 -20.01 -15.77 21.27
CA SER A 6 -18.94 -14.82 20.96
C SER A 6 -19.02 -14.37 19.50
N GLY A 7 -18.38 -13.24 19.22
CA GLY A 7 -18.38 -12.71 17.86
C GLY A 7 -19.44 -11.65 17.65
N GLU A 8 -19.46 -10.66 18.54
CA GLU A 8 -20.44 -9.57 18.46
C GLU A 8 -20.34 -8.86 17.11
N GLU A 9 -19.12 -8.49 16.73
CA GLU A 9 -18.90 -7.80 15.47
C GLU A 9 -17.99 -8.63 14.55
N ILE A 10 -17.33 -9.62 15.13
CA ILE A 10 -16.43 -10.49 14.36
C ILE A 10 -16.97 -11.91 14.28
N ARG A 11 -16.49 -12.67 13.32
CA ARG A 11 -16.92 -14.05 13.13
C ARG A 11 -15.74 -15.01 13.24
N LYS A 12 -15.28 -15.24 14.46
CA LYS A 12 -14.15 -16.15 14.69
C LYS A 12 -12.93 -15.71 13.89
N ILE A 13 -12.75 -14.40 13.75
CA ILE A 13 -11.63 -13.86 13.00
C ILE A 13 -10.59 -13.24 13.94
N PRO A 14 -9.30 -13.53 13.68
CA PRO A 14 -8.20 -13.03 14.49
C PRO A 14 -7.85 -11.57 14.16
N MET A 15 -7.90 -11.25 12.86
CA MET A 15 -7.58 -9.90 12.41
C MET A 15 -8.75 -9.32 11.61
N PHE A 16 -9.63 -8.59 12.30
CA PHE A 16 -10.78 -7.98 11.67
C PHE A 16 -10.88 -6.51 12.02
N SER A 17 -9.75 -5.82 12.01
CA SER A 17 -9.70 -4.41 12.34
C SER A 17 -9.72 -3.56 11.07
N SER A 18 -8.75 -3.79 10.20
CA SER A 18 -8.65 -3.05 8.94
C SER A 18 -8.54 -4.00 7.75
N TYR A 19 -8.54 -3.43 6.56
CA TYR A 19 -8.45 -4.23 5.33
C TYR A 19 -7.27 -5.19 5.39
N ASN A 20 -7.22 -6.11 4.44
CA ASN A 20 -6.14 -7.09 4.38
C ASN A 20 -5.09 -6.69 3.35
N PRO A 21 -3.95 -6.17 3.83
CA PRO A 21 -2.85 -5.74 2.96
C PRO A 21 -2.07 -6.92 2.39
N GLY A 22 -1.67 -7.84 3.26
CA GLY A 22 -0.91 -8.99 2.82
C GLY A 22 0.49 -9.03 3.38
N GLU A 23 1.29 -9.98 2.91
CA GLU A 23 2.67 -10.12 3.37
C GLU A 23 3.57 -9.07 2.73
N PRO A 24 4.52 -8.53 3.53
CA PRO A 24 5.45 -7.51 3.06
C PRO A 24 6.09 -7.87 1.72
N ASN A 25 5.61 -7.22 0.65
CA ASN A 25 6.13 -7.48 -0.69
C ASN A 25 6.75 -6.22 -1.28
N LYS A 26 7.39 -6.36 -2.43
CA LYS A 26 8.03 -5.24 -3.10
C LYS A 26 7.06 -4.55 -4.05
N VAL A 27 5.76 -4.67 -3.77
CA VAL A 27 4.74 -4.06 -4.60
C VAL A 27 3.58 -3.54 -3.75
N LEU A 28 3.30 -2.25 -3.88
CA LEU A 28 2.22 -1.62 -3.12
C LEU A 28 1.12 -1.11 -4.06
N TYR A 29 -0.11 -1.53 -3.80
CA TYR A 29 -1.24 -1.12 -4.62
C TYR A 29 -2.10 -0.10 -3.88
N LEU A 30 -1.96 1.17 -4.27
CA LEU A 30 -2.72 2.25 -3.66
C LEU A 30 -4.07 2.42 -4.33
N LYS A 31 -5.09 2.77 -3.55
CA LYS A 31 -6.43 2.96 -4.08
C LYS A 31 -7.11 4.15 -3.40
N ASN A 32 -8.33 4.46 -3.82
CA ASN A 32 -9.09 5.56 -3.25
C ASN A 32 -8.34 6.88 -3.45
N LEU A 33 -7.84 7.10 -4.67
CA LEU A 33 -7.11 8.31 -4.98
C LEU A 33 -7.96 9.25 -5.84
N SER A 34 -8.33 10.39 -5.27
CA SER A 34 -9.16 11.37 -5.97
C SER A 34 -8.50 11.76 -7.30
N PRO A 35 -9.35 12.00 -8.31
CA PRO A 35 -8.88 12.39 -9.66
C PRO A 35 -7.79 13.45 -9.60
N ARG A 36 -7.86 14.32 -8.60
CA ARG A 36 -6.89 15.39 -8.43
C ARG A 36 -5.51 14.82 -8.10
N VAL A 37 -5.49 13.79 -7.26
CA VAL A 37 -4.24 13.16 -6.86
C VAL A 37 -3.34 12.89 -8.07
N THR A 38 -2.21 13.59 -8.13
CA THR A 38 -1.28 13.42 -9.23
C THR A 38 -0.01 12.71 -8.77
N GLU A 39 0.78 12.25 -9.74
CA GLU A 39 2.02 11.54 -9.43
C GLU A 39 2.77 12.23 -8.29
N ARG A 40 2.95 13.54 -8.41
CA ARG A 40 3.65 14.32 -7.40
C ARG A 40 3.20 13.90 -5.99
N ASP A 41 1.89 13.86 -5.78
CA ASP A 41 1.34 13.49 -4.49
C ASP A 41 1.96 12.18 -3.99
N LEU A 42 2.09 11.21 -4.89
CA LEU A 42 2.67 9.91 -4.54
C LEU A 42 4.14 10.06 -4.15
N VAL A 43 4.91 10.72 -5.01
CA VAL A 43 6.33 10.93 -4.75
C VAL A 43 6.56 11.46 -3.35
N SER A 44 5.84 12.54 -2.99
CA SER A 44 5.97 13.15 -1.68
C SER A 44 5.55 12.17 -0.59
N LEU A 45 4.47 11.43 -0.85
CA LEU A 45 3.95 10.46 0.11
C LEU A 45 5.04 9.46 0.51
N PHE A 46 5.79 9.00 -0.48
CA PHE A 46 6.86 8.03 -0.24
C PHE A 46 8.20 8.58 -0.70
N ALA A 47 8.43 9.87 -0.41
CA ALA A 47 9.68 10.52 -0.79
C ALA A 47 10.79 10.22 0.22
N ARG A 48 10.41 10.15 1.49
CA ARG A 48 11.37 9.88 2.55
C ARG A 48 12.13 8.57 2.29
N PHE A 49 11.52 7.69 1.50
CA PHE A 49 12.14 6.43 1.16
C PHE A 49 12.66 6.42 -0.28
N GLN A 50 13.18 7.58 -0.71
CA GLN A 50 13.70 7.71 -2.06
C GLN A 50 15.10 8.32 -2.04
N GLU A 51 15.29 9.33 -1.20
CA GLU A 51 16.58 10.00 -1.08
C GLU A 51 17.59 9.12 -0.35
N LYS A 52 18.21 8.20 -1.08
CA LYS A 52 19.19 7.30 -0.50
C LYS A 52 19.88 6.47 -1.58
N LYS A 53 20.73 5.55 -1.16
CA LYS A 53 21.44 4.69 -2.09
C LYS A 53 20.48 3.99 -3.05
N GLY A 54 19.51 3.28 -2.48
CA GLY A 54 18.53 2.58 -3.30
C GLY A 54 18.17 3.34 -4.55
N PRO A 55 17.75 2.62 -5.60
CA PRO A 55 17.38 3.21 -6.88
C PRO A 55 16.01 3.90 -6.82
N PRO A 56 15.82 4.90 -7.70
CA PRO A 56 14.56 5.65 -7.76
C PRO A 56 13.33 4.75 -7.75
N ILE A 57 12.43 4.99 -6.80
CA ILE A 57 11.22 4.20 -6.68
C ILE A 57 10.38 4.29 -7.95
N GLN A 58 9.84 3.15 -8.38
CA GLN A 58 9.02 3.09 -9.58
C GLN A 58 7.55 3.30 -9.23
N PHE A 59 6.96 4.38 -9.76
CA PHE A 59 5.56 4.69 -9.50
C PHE A 59 4.71 4.39 -10.74
N ARG A 60 3.48 3.95 -10.51
CA ARG A 60 2.57 3.63 -11.60
C ARG A 60 1.14 4.07 -11.27
N MET A 61 0.54 4.85 -12.16
CA MET A 61 -0.81 5.34 -11.95
C MET A 61 -1.75 4.81 -13.04
N MET A 62 -2.93 4.35 -12.63
CA MET A 62 -3.91 3.82 -13.57
C MET A 62 -5.18 4.66 -13.56
N THR A 63 -5.94 4.58 -14.64
CA THR A 63 -7.19 5.34 -14.75
C THR A 63 -8.36 4.42 -15.12
N GLY A 64 -8.27 3.82 -16.30
CA GLY A 64 -9.32 2.93 -16.76
C GLY A 64 -10.70 3.38 -16.30
N ARG A 65 -11.37 2.53 -15.51
CA ARG A 65 -12.70 2.85 -15.02
C ARG A 65 -12.62 3.85 -13.88
N MET A 66 -11.74 3.60 -12.92
CA MET A 66 -11.57 4.48 -11.77
C MET A 66 -10.12 4.92 -11.63
N ARG A 67 -9.91 6.21 -11.40
CA ARG A 67 -8.57 6.76 -11.25
C ARG A 67 -8.06 6.58 -9.82
N GLY A 68 -8.91 6.00 -8.97
CA GLY A 68 -8.52 5.77 -7.59
C GLY A 68 -7.72 4.50 -7.41
N GLN A 69 -6.74 4.29 -8.28
CA GLN A 69 -5.89 3.10 -8.21
C GLN A 69 -4.53 3.36 -8.85
N ALA A 70 -3.47 3.01 -8.13
CA ALA A 70 -2.12 3.20 -8.61
C ALA A 70 -1.16 2.20 -7.98
N PHE A 71 -0.21 1.72 -8.78
CA PHE A 71 0.77 0.75 -8.29
C PHE A 71 2.12 1.42 -8.03
N ILE A 72 2.89 0.85 -7.11
CA ILE A 72 4.20 1.39 -6.78
C ILE A 72 5.16 0.29 -6.35
N THR A 73 6.38 0.34 -6.88
CA THR A 73 7.40 -0.66 -6.55
C THR A 73 8.60 -0.02 -5.87
N PHE A 74 8.97 -0.56 -4.71
CA PHE A 74 10.11 -0.04 -3.96
C PHE A 74 11.32 -0.95 -4.10
N PRO A 75 12.51 -0.39 -3.87
CA PRO A 75 13.77 -1.13 -3.96
C PRO A 75 13.69 -2.51 -3.33
N ASN A 76 13.15 -2.56 -2.10
CA ASN A 76 13.00 -3.81 -1.38
C ASN A 76 11.69 -3.84 -0.60
N LYS A 77 11.02 -4.99 -0.62
CA LYS A 77 9.76 -5.16 0.08
C LYS A 77 9.84 -4.59 1.49
N GLU A 78 11.06 -4.58 2.05
CA GLU A 78 11.27 -4.06 3.40
C GLU A 78 10.84 -2.59 3.48
N ILE A 79 11.45 -1.75 2.66
CA ILE A 79 11.14 -0.33 2.65
C ILE A 79 9.65 -0.09 2.37
N ALA A 80 9.19 -0.59 1.22
CA ALA A 80 7.80 -0.43 0.83
C ALA A 80 6.87 -0.78 1.98
N TRP A 81 7.14 -1.91 2.64
CA TRP A 81 6.33 -2.35 3.77
C TRP A 81 6.22 -1.27 4.84
N GLN A 82 7.37 -0.88 5.39
CA GLN A 82 7.40 0.16 6.43
C GLN A 82 6.63 1.40 5.98
N ALA A 83 6.73 1.72 4.69
CA ALA A 83 6.05 2.88 4.13
C ALA A 83 4.54 2.66 4.12
N LEU A 84 4.12 1.49 3.65
CA LEU A 84 2.71 1.16 3.58
C LEU A 84 2.03 1.31 4.94
N HIS A 85 2.63 0.70 5.96
CA HIS A 85 2.09 0.77 7.31
C HIS A 85 2.12 2.19 7.83
N LEU A 86 3.16 2.93 7.47
CA LEU A 86 3.31 4.32 7.90
C LEU A 86 2.34 5.23 7.14
N VAL A 87 1.99 4.84 5.93
CA VAL A 87 1.07 5.61 5.10
C VAL A 87 -0.33 5.00 5.12
N ASN A 88 -0.46 3.85 5.78
CA ASN A 88 -1.74 3.18 5.86
C ASN A 88 -2.82 4.10 6.43
N GLY A 89 -3.94 4.21 5.73
CA GLY A 89 -5.01 5.07 6.18
C GLY A 89 -4.62 6.53 6.23
N TYR A 90 -4.03 7.02 5.15
CA TYR A 90 -3.59 8.41 5.08
C TYR A 90 -4.66 9.29 4.45
N LYS A 91 -5.25 10.18 5.25
CA LYS A 91 -6.28 11.07 4.76
C LYS A 91 -5.72 12.09 3.77
N LEU A 92 -6.02 11.89 2.50
CA LEU A 92 -5.53 12.78 1.46
C LEU A 92 -6.70 13.44 0.72
N TYR A 93 -6.77 14.77 0.80
CA TYR A 93 -7.83 15.52 0.15
C TYR A 93 -9.20 15.02 0.59
N GLY A 94 -9.30 14.62 1.85
CA GLY A 94 -10.56 14.12 2.37
C GLY A 94 -10.89 12.73 1.86
N LYS A 95 -9.87 11.95 1.56
CA LYS A 95 -10.06 10.60 1.04
C LYS A 95 -9.16 9.61 1.79
N ILE A 96 -9.76 8.53 2.26
CA ILE A 96 -9.01 7.50 2.98
C ILE A 96 -8.23 6.61 2.02
N LEU A 97 -7.00 7.01 1.72
CA LEU A 97 -6.15 6.24 0.82
C LEU A 97 -5.92 4.83 1.35
N VAL A 98 -6.37 3.84 0.58
CA VAL A 98 -6.22 2.45 0.96
C VAL A 98 -5.09 1.78 0.18
N ILE A 99 -4.12 1.24 0.91
CA ILE A 99 -2.98 0.56 0.29
C ILE A 99 -3.05 -0.94 0.50
N GLU A 100 -2.71 -1.69 -0.55
CA GLU A 100 -2.72 -3.15 -0.47
C GLU A 100 -1.51 -3.74 -1.17
N PHE A 101 -0.76 -4.56 -0.45
CA PHE A 101 0.44 -5.20 -1.00
C PHE A 101 0.12 -5.91 -2.30
N GLY A 102 1.15 -6.13 -3.12
CA GLY A 102 0.96 -6.80 -4.39
C GLY A 102 0.96 -8.31 -4.25
N LYS A 103 0.82 -9.01 -5.38
CA LYS A 103 0.82 -10.47 -5.38
C LYS A 103 2.10 -11.02 -6.01
N ASN A 104 2.52 -12.19 -5.55
CA ASN A 104 3.72 -12.83 -6.07
C ASN A 104 3.40 -14.16 -6.73
N LYS A 105 4.00 -14.39 -7.89
CA LYS A 105 3.77 -15.63 -8.63
C LYS A 105 5.02 -16.51 -8.61
N LYS A 106 6.18 -15.88 -8.72
CA LYS A 106 7.45 -16.60 -8.72
C LYS A 106 7.71 -17.23 -7.35
N GLN A 107 7.59 -18.54 -7.27
CA GLN A 107 7.82 -19.26 -6.02
C GLN A 107 9.29 -19.61 -5.87
N ARG A 108 10.06 -18.70 -5.28
CA ARG A 108 11.48 -18.92 -5.07
C ARG A 108 11.74 -20.31 -4.48
N SER A 109 12.67 -21.04 -5.08
CA SER A 109 13.00 -22.38 -4.62
C SER A 109 14.04 -22.33 -3.50
N SER A 110 13.83 -23.12 -2.46
CA SER A 110 14.75 -23.16 -1.33
C SER A 110 14.89 -24.58 -0.80
N GLY A 111 16.04 -24.88 -0.19
CA GLY A 111 16.29 -26.19 0.35
C GLY A 111 17.75 -26.47 0.58
N PRO A 112 18.21 -26.28 1.83
CA PRO A 112 19.62 -26.51 2.20
C PRO A 112 19.96 -27.99 2.29
N SER A 113 21.24 -28.31 2.16
CA SER A 113 21.69 -29.69 2.24
C SER A 113 22.11 -30.04 3.67
N SER A 114 23.15 -29.37 4.15
CA SER A 114 23.65 -29.62 5.50
C SER A 114 23.14 -28.56 6.47
N GLY A 115 23.16 -28.89 7.76
CA GLY A 115 22.70 -27.96 8.76
C GLY A 115 22.16 -28.65 10.00
N GLY A 1 -27.51 -4.50 29.83
CA GLY A 1 -27.72 -4.64 28.40
C GLY A 1 -26.41 -4.58 27.62
N SER A 2 -26.47 -3.99 26.44
CA SER A 2 -25.29 -3.87 25.59
C SER A 2 -24.66 -5.24 25.34
N SER A 3 -25.50 -6.24 25.10
CA SER A 3 -25.03 -7.59 24.86
C SER A 3 -23.91 -7.59 23.82
N GLY A 4 -23.26 -8.75 23.66
CA GLY A 4 -22.18 -8.87 22.70
C GLY A 4 -21.31 -7.62 22.65
N SER A 5 -20.79 -7.33 21.46
CA SER A 5 -19.93 -6.16 21.28
C SER A 5 -18.62 -6.32 22.04
N SER A 6 -18.07 -7.53 22.01
CA SER A 6 -16.83 -7.82 22.69
C SER A 6 -15.63 -7.42 21.83
N GLY A 7 -14.61 -6.86 22.47
CA GLY A 7 -13.42 -6.44 21.75
C GLY A 7 -12.35 -5.89 22.68
N GLU A 8 -11.30 -6.67 22.90
CA GLU A 8 -10.21 -6.25 23.76
C GLU A 8 -9.44 -5.08 23.15
N GLU A 9 -8.99 -5.26 21.92
CA GLU A 9 -8.24 -4.21 21.23
C GLU A 9 -9.11 -2.99 20.99
N ILE A 10 -10.31 -3.21 20.47
CA ILE A 10 -11.25 -2.13 20.20
C ILE A 10 -12.02 -1.74 21.45
N ARG A 11 -11.37 -1.85 22.61
CA ARG A 11 -12.00 -1.51 23.88
C ARG A 11 -11.80 -0.04 24.21
N LYS A 12 -10.54 0.40 24.19
CA LYS A 12 -10.21 1.79 24.49
C LYS A 12 -10.63 2.71 23.35
N ILE A 13 -10.09 2.46 22.16
CA ILE A 13 -10.41 3.25 20.99
C ILE A 13 -10.91 2.38 19.84
N PRO A 14 -12.23 2.41 19.61
CA PRO A 14 -12.86 1.62 18.55
C PRO A 14 -12.10 1.71 17.22
N MET A 15 -11.57 2.90 16.94
CA MET A 15 -10.82 3.11 15.71
C MET A 15 -9.34 2.78 15.91
N PHE A 16 -9.08 1.56 16.36
CA PHE A 16 -7.71 1.12 16.59
C PHE A 16 -7.09 0.56 15.31
N SER A 17 -7.86 -0.27 14.61
CA SER A 17 -7.39 -0.89 13.38
C SER A 17 -8.40 -0.68 12.25
N SER A 18 -8.10 0.26 11.36
CA SER A 18 -8.99 0.55 10.23
C SER A 18 -9.04 -0.61 9.26
N TYR A 19 -7.87 -1.01 8.77
CA TYR A 19 -7.76 -2.11 7.82
C TYR A 19 -6.36 -2.71 7.81
N ASN A 20 -6.27 -4.00 7.49
CA ASN A 20 -4.99 -4.68 7.44
C ASN A 20 -4.64 -5.09 6.02
N PRO A 21 -3.37 -4.91 5.63
CA PRO A 21 -2.87 -5.25 4.30
C PRO A 21 -2.62 -6.74 4.15
N GLY A 22 -2.05 -7.35 5.18
CA GLY A 22 -1.76 -8.78 5.14
C GLY A 22 -0.29 -9.08 5.33
N GLU A 23 0.34 -9.62 4.30
CA GLU A 23 1.76 -9.94 4.36
C GLU A 23 2.58 -8.97 3.54
N PRO A 24 3.70 -8.50 4.11
CA PRO A 24 4.60 -7.55 3.44
C PRO A 24 4.93 -7.97 2.01
N ASN A 25 5.15 -6.98 1.15
CA ASN A 25 5.46 -7.25 -0.25
C ASN A 25 6.28 -6.11 -0.85
N LYS A 26 6.88 -6.35 -2.01
CA LYS A 26 7.69 -5.34 -2.68
C LYS A 26 6.82 -4.43 -3.54
N VAL A 27 5.58 -4.85 -3.77
CA VAL A 27 4.64 -4.06 -4.56
C VAL A 27 3.52 -3.51 -3.69
N LEU A 28 3.21 -2.24 -3.88
CA LEU A 28 2.14 -1.58 -3.12
C LEU A 28 1.04 -1.07 -4.04
N TYR A 29 -0.18 -1.56 -3.83
CA TYR A 29 -1.32 -1.16 -4.64
C TYR A 29 -2.24 -0.23 -3.86
N LEU A 30 -2.16 1.06 -4.15
CA LEU A 30 -2.98 2.05 -3.48
C LEU A 30 -4.30 2.25 -4.21
N LYS A 31 -5.35 2.59 -3.46
CA LYS A 31 -6.67 2.80 -4.04
C LYS A 31 -7.33 4.04 -3.43
N ASN A 32 -8.57 4.29 -3.83
CA ASN A 32 -9.32 5.44 -3.32
C ASN A 32 -8.55 6.73 -3.54
N LEU A 33 -8.14 6.97 -4.79
CA LEU A 33 -7.40 8.17 -5.13
C LEU A 33 -8.26 9.13 -5.95
N SER A 34 -8.50 10.32 -5.40
CA SER A 34 -9.30 11.33 -6.09
C SER A 34 -8.67 11.73 -7.41
N PRO A 35 -9.50 11.92 -8.44
CA PRO A 35 -9.04 12.30 -9.78
C PRO A 35 -7.98 13.40 -9.73
N ARG A 36 -8.03 14.22 -8.68
CA ARG A 36 -7.07 15.30 -8.51
C ARG A 36 -5.68 14.76 -8.20
N VAL A 37 -5.62 13.76 -7.33
CA VAL A 37 -4.35 13.16 -6.95
C VAL A 37 -3.47 12.91 -8.17
N THR A 38 -2.18 13.23 -8.03
CA THR A 38 -1.24 13.06 -9.12
C THR A 38 0.06 12.45 -8.62
N GLU A 39 0.89 11.98 -9.56
CA GLU A 39 2.17 11.36 -9.20
C GLU A 39 2.86 12.15 -8.10
N ARG A 40 3.00 13.46 -8.30
CA ARG A 40 3.65 14.32 -7.32
C ARG A 40 3.22 13.95 -5.91
N ASP A 41 1.94 13.67 -5.73
CA ASP A 41 1.39 13.30 -4.43
C ASP A 41 2.02 11.99 -3.94
N LEU A 42 2.09 11.00 -4.82
CA LEU A 42 2.66 9.71 -4.48
C LEU A 42 4.12 9.85 -4.06
N VAL A 43 4.87 10.64 -4.83
CA VAL A 43 6.28 10.85 -4.54
C VAL A 43 6.48 11.37 -3.12
N SER A 44 5.89 12.53 -2.83
CA SER A 44 6.00 13.14 -1.51
C SER A 44 5.58 12.15 -0.42
N LEU A 45 4.51 11.41 -0.70
CA LEU A 45 3.99 10.43 0.26
C LEU A 45 5.07 9.42 0.64
N PHE A 46 5.80 8.93 -0.36
CA PHE A 46 6.86 7.96 -0.14
C PHE A 46 8.20 8.50 -0.63
N ALA A 47 8.49 9.75 -0.29
CA ALA A 47 9.74 10.37 -0.69
C ALA A 47 10.87 10.03 0.26
N ARG A 48 10.55 9.99 1.56
CA ARG A 48 11.54 9.67 2.58
C ARG A 48 12.38 8.47 2.16
N PHE A 49 11.74 7.50 1.52
CA PHE A 49 12.42 6.29 1.07
C PHE A 49 12.88 6.43 -0.37
N GLN A 50 13.22 7.66 -0.77
CA GLN A 50 13.68 7.92 -2.12
C GLN A 50 15.12 8.43 -2.13
N GLU A 51 15.36 9.53 -1.41
CA GLU A 51 16.69 10.10 -1.33
C GLU A 51 17.70 9.10 -0.78
N LYS A 52 17.22 8.25 0.12
CA LYS A 52 18.08 7.22 0.74
C LYS A 52 18.83 6.44 -0.34
N LYS A 53 19.97 5.87 0.04
CA LYS A 53 20.78 5.08 -0.88
C LYS A 53 19.97 3.93 -1.48
N GLY A 54 19.35 4.18 -2.63
CA GLY A 54 18.56 3.15 -3.28
C GLY A 54 18.01 3.60 -4.62
N PRO A 55 17.79 2.63 -5.53
CA PRO A 55 17.27 2.91 -6.86
C PRO A 55 16.09 3.88 -6.83
N PRO A 56 15.75 4.43 -8.01
CA PRO A 56 14.63 5.38 -8.15
C PRO A 56 13.28 4.68 -8.09
N ILE A 57 12.61 4.79 -6.95
CA ILE A 57 11.30 4.18 -6.77
C ILE A 57 10.43 4.35 -8.01
N GLN A 58 9.83 3.26 -8.47
CA GLN A 58 8.97 3.30 -9.65
C GLN A 58 7.52 3.49 -9.25
N PHE A 59 6.93 4.62 -9.67
CA PHE A 59 5.54 4.92 -9.36
C PHE A 59 4.65 4.68 -10.58
N ARG A 60 3.41 4.29 -10.32
CA ARG A 60 2.45 4.03 -11.39
C ARG A 60 1.06 4.54 -11.01
N MET A 61 0.49 5.38 -11.87
CA MET A 61 -0.84 5.93 -11.63
C MET A 61 -1.83 5.44 -12.67
N MET A 62 -3.02 5.04 -12.22
CA MET A 62 -4.06 4.55 -13.11
C MET A 62 -4.94 5.69 -13.60
N THR A 63 -5.76 5.41 -14.61
CA THR A 63 -6.66 6.42 -15.17
C THR A 63 -7.61 5.80 -16.19
N GLY A 64 -8.75 6.45 -16.40
CA GLY A 64 -9.73 5.95 -17.34
C GLY A 64 -11.10 5.75 -16.72
N ARG A 65 -11.91 4.89 -17.34
CA ARG A 65 -13.25 4.62 -16.84
C ARG A 65 -13.23 4.35 -15.34
N MET A 66 -12.25 3.58 -14.89
CA MET A 66 -12.11 3.24 -13.48
C MET A 66 -10.87 3.90 -12.89
N ARG A 67 -11.06 4.93 -12.08
CA ARG A 67 -9.96 5.65 -11.45
C ARG A 67 -9.93 5.38 -9.95
N GLY A 68 -8.89 5.88 -9.28
CA GLY A 68 -8.77 5.69 -7.85
C GLY A 68 -7.87 4.52 -7.50
N GLN A 69 -6.88 4.26 -8.34
CA GLN A 69 -5.95 3.16 -8.11
C GLN A 69 -4.57 3.49 -8.66
N ALA A 70 -3.53 3.08 -7.94
CA ALA A 70 -2.16 3.33 -8.35
C ALA A 70 -1.22 2.24 -7.85
N PHE A 71 -0.14 2.01 -8.59
CA PHE A 71 0.84 0.99 -8.22
C PHE A 71 2.19 1.61 -7.90
N ILE A 72 2.88 1.05 -6.92
CA ILE A 72 4.19 1.56 -6.53
C ILE A 72 5.17 0.42 -6.31
N THR A 73 6.41 0.61 -6.76
CA THR A 73 7.45 -0.40 -6.62
C THR A 73 8.67 0.16 -5.90
N PHE A 74 8.97 -0.41 -4.74
CA PHE A 74 10.12 0.04 -3.94
C PHE A 74 11.34 -0.85 -4.21
N PRO A 75 12.53 -0.31 -3.92
CA PRO A 75 13.79 -1.02 -4.12
C PRO A 75 13.74 -2.44 -3.54
N ASN A 76 13.04 -2.59 -2.43
CA ASN A 76 12.92 -3.89 -1.77
C ASN A 76 11.59 -4.01 -1.04
N LYS A 77 11.36 -5.17 -0.43
CA LYS A 77 10.13 -5.41 0.31
C LYS A 77 10.13 -4.67 1.63
N GLU A 78 11.21 -4.83 2.39
CA GLU A 78 11.34 -4.17 3.68
C GLU A 78 10.82 -2.73 3.63
N ILE A 79 11.47 -1.91 2.81
CA ILE A 79 11.07 -0.52 2.66
C ILE A 79 9.59 -0.40 2.34
N ALA A 80 9.19 -0.97 1.21
CA ALA A 80 7.80 -0.94 0.79
C ALA A 80 6.85 -1.11 1.97
N TRP A 81 6.97 -2.25 2.65
CA TRP A 81 6.13 -2.54 3.80
C TRP A 81 6.11 -1.36 4.77
N GLN A 82 7.28 -0.95 5.23
CA GLN A 82 7.40 0.17 6.15
C GLN A 82 6.64 1.38 5.65
N ALA A 83 6.83 1.71 4.37
CA ALA A 83 6.16 2.85 3.76
C ALA A 83 4.64 2.70 3.85
N LEU A 84 4.16 1.46 3.81
CA LEU A 84 2.73 1.19 3.89
C LEU A 84 2.20 1.47 5.30
N HIS A 85 2.60 0.64 6.25
CA HIS A 85 2.16 0.81 7.64
C HIS A 85 2.34 2.25 8.09
N LEU A 86 3.37 2.91 7.57
CA LEU A 86 3.65 4.29 7.92
C LEU A 86 2.65 5.24 7.26
N VAL A 87 2.33 4.97 6.00
CA VAL A 87 1.38 5.79 5.25
C VAL A 87 0.03 5.10 5.13
N ASN A 88 -0.33 4.33 6.16
CA ASN A 88 -1.60 3.61 6.16
C ASN A 88 -2.75 4.55 6.52
N GLY A 89 -3.88 4.39 5.84
CA GLY A 89 -5.03 5.22 6.11
C GLY A 89 -4.71 6.70 6.08
N TYR A 90 -3.87 7.09 5.12
CA TYR A 90 -3.48 8.49 4.98
C TYR A 90 -4.55 9.29 4.26
N LYS A 91 -5.08 10.31 4.94
CA LYS A 91 -6.11 11.16 4.37
C LYS A 91 -5.59 11.91 3.14
N LEU A 92 -6.11 11.56 1.97
CA LEU A 92 -5.69 12.20 0.73
C LEU A 92 -6.89 12.84 0.03
N TYR A 93 -6.75 14.12 -0.31
CA TYR A 93 -7.82 14.84 -0.99
C TYR A 93 -9.18 14.49 -0.41
N GLY A 94 -9.27 14.47 0.92
CA GLY A 94 -10.52 14.15 1.59
C GLY A 94 -11.01 12.76 1.24
N LYS A 95 -10.10 11.79 1.26
CA LYS A 95 -10.45 10.41 0.94
C LYS A 95 -9.45 9.44 1.58
N ILE A 96 -9.94 8.64 2.52
CA ILE A 96 -9.09 7.67 3.20
C ILE A 96 -8.31 6.82 2.21
N LEU A 97 -7.00 7.02 2.16
CA LEU A 97 -6.15 6.27 1.25
C LEU A 97 -5.83 4.89 1.80
N VAL A 98 -6.21 3.85 1.07
CA VAL A 98 -5.96 2.48 1.47
C VAL A 98 -4.84 1.85 0.67
N ILE A 99 -3.76 1.47 1.36
CA ILE A 99 -2.62 0.86 0.72
C ILE A 99 -2.66 -0.66 0.85
N GLU A 100 -2.35 -1.36 -0.24
CA GLU A 100 -2.35 -2.82 -0.24
C GLU A 100 -1.05 -3.36 -0.84
N PHE A 101 -0.92 -4.69 -0.84
CA PHE A 101 0.27 -5.33 -1.38
C PHE A 101 -0.05 -6.05 -2.69
N GLY A 102 0.81 -5.89 -3.68
CA GLY A 102 0.61 -6.54 -4.96
C GLY A 102 0.41 -8.03 -4.82
N LYS A 103 -0.43 -8.60 -5.70
CA LYS A 103 -0.70 -10.03 -5.67
C LYS A 103 -0.13 -10.72 -6.91
N ASN A 104 -0.23 -10.04 -8.05
CA ASN A 104 0.28 -10.59 -9.30
C ASN A 104 1.52 -9.83 -9.76
N LYS A 105 2.51 -10.57 -10.25
CA LYS A 105 3.76 -9.96 -10.72
C LYS A 105 4.21 -10.61 -12.03
N LYS A 106 4.81 -9.81 -12.91
CA LYS A 106 5.29 -10.30 -14.19
C LYS A 106 6.81 -10.14 -14.30
N GLN A 107 7.41 -10.90 -15.20
CA GLN A 107 8.86 -10.85 -15.41
C GLN A 107 9.32 -9.40 -15.55
N ARG A 108 8.79 -8.71 -16.54
CA ARG A 108 9.17 -7.32 -16.80
C ARG A 108 10.67 -7.19 -17.02
N SER A 109 11.23 -8.12 -17.79
CA SER A 109 12.66 -8.10 -18.08
C SER A 109 12.91 -7.94 -19.57
N SER A 110 13.87 -7.09 -19.92
CA SER A 110 14.21 -6.84 -21.32
C SER A 110 15.54 -7.47 -21.67
N GLY A 111 16.53 -7.31 -20.79
CA GLY A 111 17.85 -7.87 -21.04
C GLY A 111 18.76 -6.92 -21.80
N PRO A 112 19.13 -5.82 -21.14
CA PRO A 112 20.01 -4.80 -21.74
C PRO A 112 21.48 -5.24 -21.75
N SER A 113 22.31 -4.48 -22.46
CA SER A 113 23.72 -4.79 -22.56
C SER A 113 24.41 -4.63 -21.21
N SER A 114 25.53 -5.31 -21.03
CA SER A 114 26.28 -5.24 -19.77
C SER A 114 27.77 -5.41 -20.03
N GLY A 115 28.58 -4.59 -19.36
CA GLY A 115 30.02 -4.67 -19.52
C GLY A 115 30.67 -3.29 -19.52
N GLY A 1 -13.87 1.73 41.67
CA GLY A 1 -12.66 1.77 40.88
C GLY A 1 -12.92 1.74 39.38
N SER A 2 -11.96 1.22 38.63
CA SER A 2 -12.09 1.14 37.18
C SER A 2 -12.53 -0.26 36.75
N SER A 3 -13.72 -0.36 36.19
CA SER A 3 -14.25 -1.65 35.73
C SER A 3 -14.34 -1.69 34.21
N GLY A 4 -13.29 -2.21 33.58
CA GLY A 4 -13.27 -2.30 32.13
C GLY A 4 -12.21 -3.27 31.63
N SER A 5 -11.06 -2.74 31.27
CA SER A 5 -9.96 -3.55 30.76
C SER A 5 -10.44 -4.49 29.67
N SER A 6 -11.29 -3.97 28.78
CA SER A 6 -11.83 -4.76 27.68
C SER A 6 -11.02 -4.56 26.41
N GLY A 7 -9.84 -5.17 26.35
CA GLY A 7 -8.99 -5.05 25.19
C GLY A 7 -7.64 -4.44 25.52
N GLU A 8 -6.58 -5.22 25.38
CA GLU A 8 -5.23 -4.76 25.66
C GLU A 8 -4.95 -3.42 24.97
N GLU A 9 -4.95 -3.44 23.65
CA GLU A 9 -4.71 -2.22 22.87
C GLU A 9 -6.02 -1.57 22.45
N ILE A 10 -7.00 -2.39 22.08
CA ILE A 10 -8.30 -1.90 21.66
C ILE A 10 -9.18 -1.55 22.86
N ARG A 11 -8.55 -1.46 24.03
CA ARG A 11 -9.27 -1.13 25.25
C ARG A 11 -10.35 -0.08 24.98
N LYS A 12 -9.92 1.12 24.66
CA LYS A 12 -10.86 2.22 24.37
C LYS A 12 -11.25 2.22 22.90
N ILE A 13 -11.89 1.15 22.46
CA ILE A 13 -12.32 1.04 21.07
C ILE A 13 -13.55 0.14 20.95
N PRO A 14 -14.72 0.76 20.73
CA PRO A 14 -15.98 0.03 20.58
C PRO A 14 -16.10 -0.66 19.23
N MET A 15 -15.55 -0.02 18.20
CA MET A 15 -15.60 -0.58 16.85
C MET A 15 -14.23 -0.50 16.18
N PHE A 16 -13.56 -1.64 16.08
CA PHE A 16 -12.24 -1.70 15.46
C PHE A 16 -12.24 -2.64 14.26
N SER A 17 -12.24 -2.06 13.06
CA SER A 17 -12.25 -2.84 11.84
C SER A 17 -11.73 -2.01 10.67
N SER A 18 -10.97 -2.65 9.78
CA SER A 18 -10.42 -1.98 8.62
C SER A 18 -9.84 -2.98 7.63
N TYR A 19 -9.70 -2.56 6.38
CA TYR A 19 -9.16 -3.42 5.34
C TYR A 19 -7.86 -4.09 5.80
N ASN A 20 -7.38 -5.04 5.00
CA ASN A 20 -6.15 -5.77 5.33
C ASN A 20 -5.13 -5.63 4.20
N PRO A 21 -3.86 -5.42 4.57
CA PRO A 21 -2.77 -5.26 3.61
C PRO A 21 -2.28 -6.60 3.07
N GLY A 22 -2.18 -7.59 3.96
CA GLY A 22 -1.73 -8.91 3.55
C GLY A 22 -0.34 -9.22 4.07
N GLU A 23 0.59 -9.45 3.15
CA GLU A 23 1.97 -9.77 3.52
C GLU A 23 2.94 -8.77 2.91
N PRO A 24 3.98 -8.41 3.67
CA PRO A 24 5.00 -7.46 3.22
C PRO A 24 5.50 -7.76 1.81
N ASN A 25 5.10 -6.94 0.84
CA ASN A 25 5.51 -7.12 -0.54
C ASN A 25 6.31 -5.93 -1.03
N LYS A 26 6.82 -6.03 -2.26
CA LYS A 26 7.60 -4.96 -2.85
C LYS A 26 6.70 -3.94 -3.56
N VAL A 27 5.64 -4.44 -4.18
CA VAL A 27 4.70 -3.58 -4.88
C VAL A 27 3.49 -3.24 -4.00
N LEU A 28 3.23 -1.95 -3.85
CA LEU A 28 2.12 -1.48 -3.03
C LEU A 28 1.00 -0.91 -3.90
N TYR A 29 -0.13 -1.61 -3.94
CA TYR A 29 -1.27 -1.17 -4.73
C TYR A 29 -2.10 -0.14 -3.98
N LEU A 30 -1.97 1.12 -4.36
CA LEU A 30 -2.71 2.20 -3.71
C LEU A 30 -4.03 2.44 -4.42
N LYS A 31 -5.09 2.63 -3.64
CA LYS A 31 -6.42 2.88 -4.18
C LYS A 31 -7.08 4.06 -3.48
N ASN A 32 -8.32 4.35 -3.86
CA ASN A 32 -9.07 5.45 -3.28
C ASN A 32 -8.34 6.77 -3.50
N LEU A 33 -7.90 7.00 -4.73
CA LEU A 33 -7.18 8.23 -5.07
C LEU A 33 -8.06 9.16 -5.89
N SER A 34 -8.44 10.28 -5.29
CA SER A 34 -9.29 11.27 -5.97
C SER A 34 -8.79 11.52 -7.38
N PRO A 35 -9.75 11.69 -8.32
CA PRO A 35 -9.43 11.95 -9.73
C PRO A 35 -8.36 13.02 -9.90
N ARG A 36 -8.17 13.84 -8.86
CA ARG A 36 -7.18 14.90 -8.90
C ARG A 36 -5.79 14.36 -8.56
N VAL A 37 -5.73 13.43 -7.62
CA VAL A 37 -4.46 12.84 -7.21
C VAL A 37 -3.56 12.58 -8.42
N THR A 38 -2.28 12.90 -8.27
CA THR A 38 -1.32 12.70 -9.35
C THR A 38 -0.03 12.08 -8.82
N GLU A 39 0.83 11.64 -9.74
CA GLU A 39 2.10 11.03 -9.37
C GLU A 39 2.80 11.85 -8.30
N ARG A 40 2.84 13.16 -8.50
CA ARG A 40 3.48 14.07 -7.56
C ARG A 40 3.11 13.72 -6.12
N ASP A 41 1.81 13.77 -5.84
CA ASP A 41 1.31 13.46 -4.50
C ASP A 41 1.98 12.20 -3.94
N LEU A 42 1.99 11.14 -4.74
CA LEU A 42 2.59 9.89 -4.33
C LEU A 42 4.05 10.09 -3.93
N VAL A 43 4.77 10.90 -4.70
CA VAL A 43 6.17 11.19 -4.42
C VAL A 43 6.35 11.76 -3.02
N SER A 44 5.67 12.86 -2.75
CA SER A 44 5.75 13.50 -1.44
C SER A 44 5.29 12.56 -0.33
N LEU A 45 4.47 11.59 -0.69
CA LEU A 45 3.95 10.61 0.26
C LEU A 45 5.02 9.58 0.61
N PHE A 46 5.78 9.15 -0.39
CA PHE A 46 6.83 8.17 -0.19
C PHE A 46 8.18 8.71 -0.68
N ALA A 47 8.43 9.99 -0.41
CA ALA A 47 9.67 10.62 -0.82
C ALA A 47 10.75 10.46 0.24
N ARG A 48 10.34 10.56 1.51
CA ARG A 48 11.28 10.43 2.62
C ARG A 48 12.03 9.11 2.55
N PHE A 49 11.49 8.17 1.76
CA PHE A 49 12.12 6.86 1.60
C PHE A 49 13.21 6.90 0.54
N GLN A 50 12.83 7.33 -0.67
CA GLN A 50 13.78 7.41 -1.78
C GLN A 50 14.86 8.46 -1.49
N GLU A 51 14.42 9.64 -1.08
CA GLU A 51 15.35 10.73 -0.78
C GLU A 51 16.43 10.28 0.18
N LYS A 52 16.03 9.52 1.20
CA LYS A 52 16.97 9.02 2.20
C LYS A 52 17.89 7.97 1.59
N LYS A 53 17.34 6.79 1.31
CA LYS A 53 18.12 5.70 0.73
C LYS A 53 17.26 4.89 -0.24
N GLY A 54 17.89 3.94 -0.92
CA GLY A 54 17.17 3.09 -1.86
C GLY A 54 16.99 3.76 -3.20
N PRO A 55 17.25 3.00 -4.28
CA PRO A 55 17.13 3.50 -5.65
C PRO A 55 15.82 4.22 -5.89
N PRO A 56 15.78 5.09 -6.91
CA PRO A 56 14.59 5.86 -7.26
C PRO A 56 13.34 4.99 -7.32
N ILE A 57 12.49 5.13 -6.32
CA ILE A 57 11.24 4.36 -6.25
C ILE A 57 10.43 4.53 -7.53
N GLN A 58 9.84 3.43 -8.01
CA GLN A 58 9.03 3.47 -9.22
C GLN A 58 7.56 3.68 -8.88
N PHE A 59 6.94 4.67 -9.51
CA PHE A 59 5.54 4.98 -9.28
C PHE A 59 4.72 4.82 -10.56
N ARG A 60 3.51 4.31 -10.41
CA ARG A 60 2.63 4.10 -11.56
C ARG A 60 1.19 4.43 -11.20
N MET A 61 0.57 5.31 -12.01
CA MET A 61 -0.81 5.71 -11.78
C MET A 61 -1.70 5.27 -12.92
N MET A 62 -2.77 4.55 -12.59
CA MET A 62 -3.70 4.06 -13.60
C MET A 62 -4.99 4.89 -13.60
N THR A 63 -5.72 4.86 -14.71
CA THR A 63 -6.96 5.60 -14.83
C THR A 63 -7.96 4.85 -15.68
N GLY A 64 -9.24 5.21 -15.54
CA GLY A 64 -10.29 4.55 -16.30
C GLY A 64 -11.62 4.56 -15.59
N ARG A 65 -12.54 3.72 -16.05
CA ARG A 65 -13.86 3.63 -15.45
C ARG A 65 -13.77 3.62 -13.93
N MET A 66 -12.93 2.74 -13.41
CA MET A 66 -12.74 2.63 -11.96
C MET A 66 -11.45 3.31 -11.52
N ARG A 67 -11.20 4.50 -12.07
CA ARG A 67 -10.00 5.26 -11.73
C ARG A 67 -9.81 5.33 -10.22
N GLY A 68 -8.72 5.97 -9.81
CA GLY A 68 -8.44 6.11 -8.38
C GLY A 68 -7.54 5.00 -7.87
N GLN A 69 -6.76 4.39 -8.76
CA GLN A 69 -5.86 3.32 -8.39
C GLN A 69 -4.45 3.57 -8.92
N ALA A 70 -3.46 3.07 -8.21
CA ALA A 70 -2.06 3.25 -8.62
C ALA A 70 -1.19 2.13 -8.07
N PHE A 71 -0.10 1.83 -8.78
CA PHE A 71 0.82 0.78 -8.36
C PHE A 71 2.22 1.34 -8.16
N ILE A 72 2.78 1.09 -6.98
CA ILE A 72 4.12 1.57 -6.65
C ILE A 72 5.07 0.40 -6.38
N THR A 73 6.32 0.54 -6.82
CA THR A 73 7.33 -0.49 -6.61
C THR A 73 8.54 0.06 -5.87
N PHE A 74 8.85 -0.54 -4.72
CA PHE A 74 9.98 -0.12 -3.92
C PHE A 74 11.18 -1.03 -4.15
N PRO A 75 12.38 -0.52 -3.82
CA PRO A 75 13.63 -1.27 -3.99
C PRO A 75 13.52 -2.70 -3.47
N ASN A 76 12.87 -2.87 -2.31
CA ASN A 76 12.70 -4.18 -1.71
C ASN A 76 11.46 -4.20 -0.82
N LYS A 77 10.91 -5.40 -0.60
CA LYS A 77 9.74 -5.56 0.23
C LYS A 77 9.90 -4.83 1.56
N GLU A 78 11.06 -4.99 2.19
CA GLU A 78 11.35 -4.36 3.46
C GLU A 78 10.84 -2.92 3.46
N ILE A 79 11.43 -2.08 2.62
CA ILE A 79 11.03 -0.68 2.53
C ILE A 79 9.54 -0.55 2.28
N ALA A 80 9.10 -1.02 1.11
CA ALA A 80 7.69 -0.96 0.75
C ALA A 80 6.79 -1.17 1.97
N TRP A 81 6.97 -2.31 2.63
CA TRP A 81 6.19 -2.64 3.81
C TRP A 81 6.17 -1.48 4.80
N GLN A 82 7.35 -1.07 5.25
CA GLN A 82 7.46 0.03 6.19
C GLN A 82 6.67 1.25 5.71
N ALA A 83 6.85 1.61 4.45
CA ALA A 83 6.16 2.75 3.86
C ALA A 83 4.65 2.58 3.98
N LEU A 84 4.17 1.35 3.78
CA LEU A 84 2.75 1.06 3.86
C LEU A 84 2.23 1.30 5.27
N HIS A 85 2.77 0.56 6.23
CA HIS A 85 2.36 0.68 7.62
C HIS A 85 2.51 2.12 8.10
N LEU A 86 3.44 2.84 7.50
CA LEU A 86 3.69 4.24 7.87
C LEU A 86 2.65 5.16 7.23
N VAL A 87 2.26 4.84 6.00
CA VAL A 87 1.28 5.64 5.28
C VAL A 87 -0.04 4.88 5.13
N ASN A 88 -0.39 4.11 6.15
CA ASN A 88 -1.63 3.33 6.13
C ASN A 88 -2.79 4.17 6.66
N GLY A 89 -3.67 4.59 5.74
CA GLY A 89 -4.83 5.38 6.14
C GLY A 89 -4.54 6.87 6.11
N TYR A 90 -3.66 7.28 5.19
CA TYR A 90 -3.31 8.68 5.07
C TYR A 90 -4.41 9.48 4.36
N LYS A 91 -4.96 10.45 5.07
CA LYS A 91 -6.03 11.29 4.51
C LYS A 91 -5.51 12.14 3.35
N LEU A 92 -5.90 11.77 2.14
CA LEU A 92 -5.48 12.51 0.95
C LEU A 92 -6.67 13.22 0.30
N TYR A 93 -6.62 14.55 0.32
CA TYR A 93 -7.68 15.36 -0.27
C TYR A 93 -9.05 14.97 0.32
N GLY A 94 -9.06 14.72 1.63
CA GLY A 94 -10.30 14.34 2.28
C GLY A 94 -10.78 12.96 1.88
N LYS A 95 -9.83 12.09 1.55
CA LYS A 95 -10.16 10.73 1.15
C LYS A 95 -9.11 9.73 1.67
N ILE A 96 -9.54 8.87 2.59
CA ILE A 96 -8.64 7.87 3.16
C ILE A 96 -7.96 7.06 2.08
N LEU A 97 -6.64 6.97 2.14
CA LEU A 97 -5.87 6.21 1.16
C LEU A 97 -5.61 4.79 1.66
N VAL A 98 -6.13 3.81 0.93
CA VAL A 98 -5.96 2.41 1.29
C VAL A 98 -4.84 1.77 0.48
N ILE A 99 -3.91 1.13 1.19
CA ILE A 99 -2.78 0.47 0.52
C ILE A 99 -2.89 -1.05 0.62
N GLU A 100 -2.70 -1.73 -0.50
CA GLU A 100 -2.78 -3.18 -0.54
C GLU A 100 -1.61 -3.77 -1.31
N PHE A 101 -0.87 -4.66 -0.67
CA PHE A 101 0.29 -5.30 -1.30
C PHE A 101 -0.11 -5.98 -2.60
N GLY A 102 0.83 -6.07 -3.53
CA GLY A 102 0.56 -6.70 -4.82
C GLY A 102 -0.06 -8.06 -4.67
N LYS A 103 -0.50 -8.64 -5.78
CA LYS A 103 -1.13 -9.95 -5.78
C LYS A 103 -0.38 -10.92 -6.69
N ASN A 104 0.43 -11.78 -6.08
CA ASN A 104 1.20 -12.77 -6.83
C ASN A 104 0.95 -14.18 -6.32
N LYS A 105 0.10 -14.92 -7.01
CA LYS A 105 -0.23 -16.29 -6.62
C LYS A 105 0.48 -17.30 -7.53
N LYS A 106 1.81 -17.24 -7.54
CA LYS A 106 2.61 -18.14 -8.34
C LYS A 106 3.56 -18.95 -7.48
N GLN A 107 3.13 -20.15 -7.10
CA GLN A 107 3.95 -21.04 -6.27
C GLN A 107 4.96 -21.80 -7.12
N ARG A 108 6.24 -21.46 -6.96
CA ARG A 108 7.30 -22.11 -7.72
C ARG A 108 7.41 -23.58 -7.33
N SER A 109 7.82 -24.41 -8.28
CA SER A 109 7.98 -25.84 -8.04
C SER A 109 9.08 -26.11 -7.03
N SER A 110 8.72 -26.17 -5.75
CA SER A 110 9.67 -26.42 -4.69
C SER A 110 10.54 -27.64 -5.00
N GLY A 111 11.58 -27.85 -4.20
CA GLY A 111 12.46 -28.98 -4.42
C GLY A 111 13.74 -28.59 -5.13
N PRO A 112 14.79 -28.26 -4.35
CA PRO A 112 16.09 -27.86 -4.90
C PRO A 112 16.90 -29.06 -5.39
N SER A 113 17.26 -29.03 -6.67
CA SER A 113 18.02 -30.12 -7.27
C SER A 113 19.44 -30.17 -6.68
N SER A 114 19.73 -31.23 -5.93
CA SER A 114 21.04 -31.40 -5.32
C SER A 114 22.00 -32.12 -6.26
N GLY A 115 23.29 -31.88 -6.08
CA GLY A 115 24.29 -32.52 -6.91
C GLY A 115 24.85 -33.79 -6.29
N GLY A 1 -12.95 -14.41 27.80
CA GLY A 1 -13.38 -13.84 29.06
C GLY A 1 -14.58 -12.93 28.91
N SER A 2 -14.49 -11.72 29.47
CA SER A 2 -15.58 -10.77 29.39
C SER A 2 -15.07 -9.38 29.01
N SER A 3 -14.21 -8.83 29.85
CA SER A 3 -13.65 -7.50 29.61
C SER A 3 -13.11 -7.39 28.19
N GLY A 4 -13.23 -6.21 27.59
CA GLY A 4 -12.76 -6.00 26.24
C GLY A 4 -12.42 -4.55 25.96
N SER A 5 -12.55 -4.15 24.69
CA SER A 5 -12.27 -2.77 24.30
C SER A 5 -13.50 -2.11 23.70
N SER A 6 -13.78 -0.89 24.15
CA SER A 6 -14.93 -0.14 23.66
C SER A 6 -14.88 0.03 22.14
N GLY A 7 -15.63 -0.81 21.44
CA GLY A 7 -15.65 -0.74 19.98
C GLY A 7 -16.95 -1.25 19.40
N GLU A 8 -17.75 -0.35 18.84
CA GLU A 8 -19.03 -0.72 18.24
C GLU A 8 -18.82 -1.66 17.07
N GLU A 9 -17.84 -1.36 16.23
CA GLU A 9 -17.55 -2.19 15.07
C GLU A 9 -16.63 -3.35 15.44
N ILE A 10 -15.56 -3.05 16.17
CA ILE A 10 -14.60 -4.06 16.59
C ILE A 10 -14.87 -4.49 18.04
N ARG A 11 -14.78 -5.79 18.29
CA ARG A 11 -15.01 -6.32 19.62
C ARG A 11 -13.92 -7.33 20.00
N LYS A 12 -13.86 -8.43 19.26
CA LYS A 12 -12.86 -9.47 19.51
C LYS A 12 -11.48 -9.01 19.06
N ILE A 13 -11.33 -8.80 17.76
CA ILE A 13 -10.06 -8.36 17.20
C ILE A 13 -10.11 -6.91 16.77
N PRO A 14 -9.04 -6.17 17.05
CA PRO A 14 -8.94 -4.74 16.70
C PRO A 14 -8.61 -4.53 15.21
N MET A 15 -9.06 -3.42 14.67
CA MET A 15 -8.82 -3.09 13.26
C MET A 15 -9.34 -4.20 12.36
N PHE A 16 -10.54 -4.69 12.64
CA PHE A 16 -11.15 -5.74 11.86
C PHE A 16 -12.27 -5.19 10.98
N SER A 17 -12.80 -6.03 10.11
CA SER A 17 -13.88 -5.64 9.20
C SER A 17 -13.40 -4.55 8.24
N SER A 18 -12.20 -4.74 7.70
CA SER A 18 -11.62 -3.79 6.77
C SER A 18 -10.66 -4.47 5.81
N TYR A 19 -10.29 -3.77 4.74
CA TYR A 19 -9.36 -4.32 3.75
C TYR A 19 -8.13 -4.91 4.42
N ASN A 20 -7.40 -5.76 3.69
CA ASN A 20 -6.20 -6.39 4.20
C ASN A 20 -5.01 -6.11 3.30
N PRO A 21 -3.84 -5.84 3.92
CA PRO A 21 -2.61 -5.55 3.19
C PRO A 21 -1.95 -6.81 2.65
N GLY A 22 -1.94 -7.87 3.47
CA GLY A 22 -1.33 -9.12 3.06
C GLY A 22 0.07 -9.30 3.60
N GLU A 23 0.93 -9.92 2.80
CA GLU A 23 2.32 -10.14 3.22
C GLU A 23 3.24 -9.07 2.66
N PRO A 24 4.18 -8.60 3.50
CA PRO A 24 5.13 -7.56 3.11
C PRO A 24 5.78 -7.84 1.75
N ASN A 25 5.26 -7.18 0.72
CA ASN A 25 5.78 -7.36 -0.64
C ASN A 25 6.51 -6.10 -1.11
N LYS A 26 7.08 -6.17 -2.30
CA LYS A 26 7.81 -5.03 -2.87
C LYS A 26 6.87 -4.12 -3.64
N VAL A 27 5.76 -4.67 -4.12
CA VAL A 27 4.78 -3.90 -4.87
C VAL A 27 3.62 -3.47 -3.98
N LEU A 28 3.31 -2.18 -4.01
CA LEU A 28 2.23 -1.63 -3.21
C LEU A 28 1.11 -1.08 -4.09
N TYR A 29 -0.08 -1.66 -3.97
CA TYR A 29 -1.22 -1.23 -4.75
C TYR A 29 -2.11 -0.28 -3.96
N LEU A 30 -1.99 1.01 -4.24
CA LEU A 30 -2.79 2.02 -3.56
C LEU A 30 -4.12 2.25 -4.26
N LYS A 31 -5.16 2.55 -3.48
CA LYS A 31 -6.49 2.79 -4.02
C LYS A 31 -7.14 3.98 -3.34
N ASN A 32 -8.39 4.24 -3.71
CA ASN A 32 -9.15 5.36 -3.13
C ASN A 32 -8.44 6.69 -3.39
N LEU A 33 -8.14 6.95 -4.66
CA LEU A 33 -7.46 8.18 -5.04
C LEU A 33 -8.36 9.05 -5.92
N SER A 34 -8.60 10.28 -5.47
CA SER A 34 -9.44 11.21 -6.22
C SER A 34 -8.82 11.56 -7.57
N PRO A 35 -9.66 11.72 -8.60
CA PRO A 35 -9.21 12.05 -9.94
C PRO A 35 -8.20 13.19 -9.95
N ARG A 36 -8.16 13.96 -8.87
CA ARG A 36 -7.25 15.08 -8.75
C ARG A 36 -5.83 14.58 -8.43
N VAL A 37 -5.75 13.52 -7.63
CA VAL A 37 -4.46 12.95 -7.25
C VAL A 37 -3.56 12.76 -8.47
N THR A 38 -2.26 12.92 -8.25
CA THR A 38 -1.29 12.77 -9.34
C THR A 38 0.01 12.15 -8.82
N GLU A 39 0.93 11.89 -9.75
CA GLU A 39 2.22 11.30 -9.38
C GLU A 39 2.85 12.05 -8.22
N ARG A 40 2.85 13.38 -8.31
CA ARG A 40 3.44 14.22 -7.26
C ARG A 40 3.00 13.72 -5.88
N ASP A 41 1.69 13.61 -5.68
CA ASP A 41 1.15 13.15 -4.40
C ASP A 41 1.87 11.89 -3.93
N LEU A 42 1.95 10.90 -4.80
CA LEU A 42 2.61 9.64 -4.47
C LEU A 42 4.06 9.88 -4.05
N VAL A 43 4.78 10.67 -4.83
CA VAL A 43 6.17 10.98 -4.54
C VAL A 43 6.32 11.55 -3.13
N SER A 44 5.68 12.69 -2.90
CA SER A 44 5.75 13.35 -1.60
C SER A 44 5.36 12.39 -0.48
N LEU A 45 4.38 11.53 -0.77
CA LEU A 45 3.90 10.56 0.21
C LEU A 45 5.01 9.57 0.57
N PHE A 46 5.77 9.15 -0.44
CA PHE A 46 6.86 8.20 -0.23
C PHE A 46 8.19 8.81 -0.67
N ALA A 47 8.39 10.08 -0.36
CA ALA A 47 9.61 10.78 -0.72
C ALA A 47 10.72 10.50 0.30
N ARG A 48 10.32 10.09 1.50
CA ARG A 48 11.28 9.79 2.56
C ARG A 48 12.07 8.53 2.23
N PHE A 49 11.40 7.55 1.63
CA PHE A 49 12.04 6.29 1.27
C PHE A 49 12.60 6.34 -0.14
N GLN A 50 12.69 7.55 -0.69
CA GLN A 50 13.20 7.75 -2.04
C GLN A 50 14.72 7.60 -2.07
N GLU A 51 15.39 8.23 -1.12
CA GLU A 51 16.84 8.16 -1.03
C GLU A 51 17.29 7.14 0.00
N LYS A 52 17.43 5.89 -0.43
CA LYS A 52 17.85 4.82 0.47
C LYS A 52 18.50 3.68 -0.31
N LYS A 53 19.26 2.84 0.39
CA LYS A 53 19.93 1.71 -0.24
C LYS A 53 19.04 1.07 -1.31
N GLY A 54 19.34 1.36 -2.56
CA GLY A 54 18.55 0.80 -3.65
C GLY A 54 18.11 1.86 -4.65
N PRO A 55 18.06 1.48 -5.93
CA PRO A 55 17.66 2.39 -7.01
C PRO A 55 16.37 3.15 -6.68
N PRO A 56 16.18 4.30 -7.32
CA PRO A 56 14.99 5.14 -7.11
C PRO A 56 13.70 4.33 -7.12
N ILE A 57 12.63 4.93 -6.62
CA ILE A 57 11.33 4.27 -6.57
C ILE A 57 10.54 4.51 -7.85
N GLN A 58 9.85 3.49 -8.33
CA GLN A 58 9.05 3.59 -9.54
C GLN A 58 7.57 3.76 -9.21
N PHE A 59 7.01 4.89 -9.61
CA PHE A 59 5.60 5.17 -9.34
C PHE A 59 4.75 4.96 -10.60
N ARG A 60 3.58 4.36 -10.42
CA ARG A 60 2.69 4.08 -11.53
C ARG A 60 1.25 4.47 -11.19
N MET A 61 0.63 5.25 -12.07
CA MET A 61 -0.74 5.69 -11.86
C MET A 61 -1.68 5.06 -12.88
N MET A 62 -2.91 4.77 -12.45
CA MET A 62 -3.90 4.17 -13.34
C MET A 62 -4.56 5.23 -14.22
N THR A 63 -4.85 4.86 -15.46
CA THR A 63 -5.48 5.77 -16.40
C THR A 63 -6.89 5.31 -16.76
N GLY A 64 -6.99 4.14 -17.37
CA GLY A 64 -8.28 3.60 -17.75
C GLY A 64 -9.26 3.56 -16.60
N ARG A 65 -10.40 2.91 -16.80
CA ARG A 65 -11.42 2.80 -15.77
C ARG A 65 -10.78 2.70 -14.39
N MET A 66 -11.50 3.18 -13.38
CA MET A 66 -10.99 3.15 -12.00
C MET A 66 -9.63 3.80 -11.90
N ARG A 67 -9.52 5.01 -12.44
CA ARG A 67 -8.25 5.75 -12.40
C ARG A 67 -7.94 6.22 -10.99
N GLY A 68 -8.82 5.89 -10.04
CA GLY A 68 -8.61 6.29 -8.67
C GLY A 68 -7.68 5.35 -7.93
N GLN A 69 -6.73 4.77 -8.65
CA GLN A 69 -5.77 3.85 -8.05
C GLN A 69 -4.37 4.07 -8.63
N ALA A 70 -3.37 3.48 -7.96
CA ALA A 70 -1.99 3.61 -8.41
C ALA A 70 -1.13 2.47 -7.86
N PHE A 71 -0.10 2.09 -8.62
CA PHE A 71 0.79 1.02 -8.21
C PHE A 71 2.22 1.53 -8.07
N ILE A 72 2.79 1.38 -6.88
CA ILE A 72 4.15 1.82 -6.62
C ILE A 72 5.09 0.64 -6.43
N THR A 73 6.32 0.78 -6.90
CA THR A 73 7.32 -0.28 -6.79
C THR A 73 8.53 0.20 -6.00
N PHE A 74 8.79 -0.44 -4.87
CA PHE A 74 9.93 -0.09 -4.02
C PHE A 74 11.10 -1.03 -4.26
N PRO A 75 12.31 -0.56 -3.97
CA PRO A 75 13.54 -1.33 -4.14
C PRO A 75 13.41 -2.76 -3.61
N ASN A 76 12.78 -2.89 -2.45
CA ASN A 76 12.57 -4.20 -1.83
C ASN A 76 11.30 -4.22 -0.99
N LYS A 77 10.93 -5.40 -0.52
CA LYS A 77 9.73 -5.55 0.30
C LYS A 77 9.89 -4.81 1.64
N GLU A 78 11.01 -5.05 2.30
CA GLU A 78 11.29 -4.41 3.58
C GLU A 78 10.83 -2.94 3.56
N ILE A 79 11.44 -2.15 2.70
CA ILE A 79 11.09 -0.74 2.59
C ILE A 79 9.59 -0.55 2.37
N ALA A 80 9.11 -1.02 1.22
CA ALA A 80 7.70 -0.91 0.90
C ALA A 80 6.83 -1.11 2.13
N TRP A 81 7.01 -2.25 2.80
CA TRP A 81 6.25 -2.56 4.00
C TRP A 81 6.24 -1.38 4.97
N GLN A 82 7.41 -1.02 5.46
CA GLN A 82 7.53 0.10 6.39
C GLN A 82 6.71 1.30 5.92
N ALA A 83 6.89 1.66 4.65
CA ALA A 83 6.17 2.78 4.07
C ALA A 83 4.66 2.56 4.14
N LEU A 84 4.24 1.31 4.01
CA LEU A 84 2.83 0.96 4.05
C LEU A 84 2.25 1.19 5.45
N HIS A 85 2.76 0.44 6.41
CA HIS A 85 2.30 0.55 7.80
C HIS A 85 2.32 2.02 8.25
N LEU A 86 3.29 2.78 7.75
CA LEU A 86 3.41 4.18 8.11
C LEU A 86 2.36 5.02 7.39
N VAL A 87 2.37 4.96 6.06
CA VAL A 87 1.40 5.70 5.25
C VAL A 87 0.09 4.96 5.13
N ASN A 88 -0.26 4.19 6.15
CA ASN A 88 -1.50 3.43 6.16
C ASN A 88 -2.66 4.26 6.67
N GLY A 89 -3.50 4.72 5.75
CA GLY A 89 -4.65 5.53 6.13
C GLY A 89 -4.33 7.01 6.12
N TYR A 90 -3.53 7.44 5.16
CA TYR A 90 -3.15 8.84 5.05
C TYR A 90 -4.23 9.64 4.33
N LYS A 91 -4.95 10.47 5.08
CA LYS A 91 -6.01 11.30 4.52
C LYS A 91 -5.46 12.22 3.43
N LEU A 92 -6.08 12.18 2.25
CA LEU A 92 -5.65 13.01 1.14
C LEU A 92 -6.86 13.57 0.38
N TYR A 93 -6.91 14.89 0.25
CA TYR A 93 -8.01 15.54 -0.45
C TYR A 93 -9.36 15.03 0.05
N GLY A 94 -9.42 14.73 1.35
CA GLY A 94 -10.66 14.24 1.93
C GLY A 94 -10.96 12.81 1.53
N LYS A 95 -9.91 11.99 1.45
CA LYS A 95 -10.07 10.59 1.08
C LYS A 95 -9.21 9.70 1.96
N ILE A 96 -9.66 8.46 2.17
CA ILE A 96 -8.93 7.50 2.99
C ILE A 96 -8.08 6.57 2.13
N LEU A 97 -6.86 7.00 1.84
CA LEU A 97 -5.95 6.20 1.03
C LEU A 97 -5.82 4.79 1.58
N VAL A 98 -5.91 3.80 0.69
CA VAL A 98 -5.80 2.40 1.09
C VAL A 98 -4.63 1.71 0.38
N ILE A 99 -3.72 1.15 1.16
CA ILE A 99 -2.56 0.46 0.61
C ILE A 99 -2.72 -1.04 0.73
N GLU A 100 -2.44 -1.75 -0.37
CA GLU A 100 -2.55 -3.20 -0.39
C GLU A 100 -1.41 -3.82 -1.19
N PHE A 101 -0.60 -4.64 -0.52
CA PHE A 101 0.53 -5.30 -1.16
C PHE A 101 0.10 -6.00 -2.45
N GLY A 102 1.02 -6.11 -3.40
CA GLY A 102 0.72 -6.76 -4.65
C GLY A 102 0.40 -8.24 -4.49
N LYS A 103 0.48 -8.98 -5.58
CA LYS A 103 0.20 -10.41 -5.56
C LYS A 103 1.38 -11.21 -6.10
N ASN A 104 2.32 -11.54 -5.21
CA ASN A 104 3.50 -12.30 -5.60
C ASN A 104 3.42 -13.73 -5.08
N LYS A 105 2.91 -14.63 -5.91
CA LYS A 105 2.77 -16.04 -5.54
C LYS A 105 3.35 -16.94 -6.62
N LYS A 106 4.61 -17.35 -6.44
CA LYS A 106 5.27 -18.22 -7.40
C LYS A 106 5.18 -19.68 -6.96
N GLN A 107 5.15 -20.58 -7.93
CA GLN A 107 5.06 -22.01 -7.65
C GLN A 107 6.40 -22.70 -7.90
N ARG A 108 7.14 -22.95 -6.83
CA ARG A 108 8.44 -23.60 -6.95
C ARG A 108 8.98 -23.99 -5.57
N SER A 109 9.90 -24.94 -5.54
CA SER A 109 10.49 -25.39 -4.29
C SER A 109 12.01 -25.50 -4.41
N SER A 110 12.72 -24.74 -3.58
CA SER A 110 14.17 -24.75 -3.60
C SER A 110 14.74 -24.38 -2.23
N GLY A 111 15.51 -25.30 -1.65
CA GLY A 111 16.08 -25.05 -0.35
C GLY A 111 17.15 -26.08 0.01
N PRO A 112 18.43 -25.66 -0.07
CA PRO A 112 19.56 -26.53 0.24
C PRO A 112 19.74 -26.74 1.74
N SER A 113 20.81 -27.45 2.12
CA SER A 113 21.09 -27.71 3.52
C SER A 113 22.22 -26.83 4.02
N SER A 114 22.01 -26.19 5.17
CA SER A 114 23.01 -25.32 5.76
C SER A 114 23.79 -26.03 6.87
N GLY A 115 25.11 -26.03 6.74
CA GLY A 115 25.95 -26.69 7.74
C GLY A 115 25.60 -28.16 7.91
N GLY A 1 -16.79 -15.59 40.10
CA GLY A 1 -17.21 -15.43 38.73
C GLY A 1 -17.07 -14.00 38.25
N SER A 2 -16.38 -13.80 37.14
CA SER A 2 -16.17 -12.47 36.58
C SER A 2 -15.97 -12.53 35.08
N SER A 3 -16.27 -11.43 34.40
CA SER A 3 -16.12 -11.36 32.95
C SER A 3 -15.18 -10.22 32.55
N GLY A 4 -14.56 -10.35 31.38
CA GLY A 4 -13.65 -9.33 30.90
C GLY A 4 -12.74 -9.83 29.79
N SER A 5 -11.49 -9.40 29.80
CA SER A 5 -10.53 -9.80 28.79
C SER A 5 -11.05 -9.47 27.40
N SER A 6 -11.72 -8.32 27.28
CA SER A 6 -12.28 -7.89 26.00
C SER A 6 -11.57 -6.63 25.50
N GLY A 7 -11.47 -6.50 24.18
CA GLY A 7 -10.82 -5.34 23.60
C GLY A 7 -11.33 -4.03 24.20
N GLU A 8 -10.43 -3.06 24.32
CA GLU A 8 -10.80 -1.77 24.89
C GLU A 8 -11.80 -1.04 23.98
N GLU A 9 -11.53 -1.06 22.68
CA GLU A 9 -12.41 -0.41 21.72
C GLU A 9 -13.29 -1.43 21.01
N ILE A 10 -12.67 -2.42 20.38
CA ILE A 10 -13.40 -3.46 19.68
C ILE A 10 -14.04 -4.45 20.64
N ARG A 11 -15.16 -4.05 21.24
CA ARG A 11 -15.86 -4.90 22.19
C ARG A 11 -16.91 -5.75 21.49
N LYS A 12 -17.87 -5.09 20.84
CA LYS A 12 -18.93 -5.78 20.12
C LYS A 12 -18.37 -6.97 19.34
N ILE A 13 -17.41 -6.70 18.46
CA ILE A 13 -16.80 -7.74 17.65
C ILE A 13 -15.29 -7.77 17.85
N PRO A 14 -14.72 -8.98 17.95
CA PRO A 14 -13.28 -9.17 18.13
C PRO A 14 -12.49 -8.98 16.84
N MET A 15 -12.96 -9.63 15.77
CA MET A 15 -12.30 -9.53 14.47
C MET A 15 -12.85 -8.35 13.68
N PHE A 16 -12.32 -7.16 13.93
CA PHE A 16 -12.75 -5.96 13.23
C PHE A 16 -11.60 -5.32 12.47
N SER A 17 -11.74 -5.25 11.15
CA SER A 17 -10.71 -4.67 10.30
C SER A 17 -11.33 -3.85 9.18
N SER A 18 -10.64 -2.77 8.79
CA SER A 18 -11.13 -1.89 7.74
C SER A 18 -10.68 -2.39 6.37
N TYR A 19 -9.37 -2.49 6.18
CA TYR A 19 -8.81 -2.96 4.92
C TYR A 19 -7.86 -4.14 5.14
N ASN A 20 -7.52 -4.82 4.05
CA ASN A 20 -6.62 -5.97 4.13
C ASN A 20 -5.42 -5.78 3.20
N PRO A 21 -4.29 -5.37 3.79
CA PRO A 21 -3.05 -5.14 3.04
C PRO A 21 -2.37 -6.45 2.62
N GLY A 22 -2.53 -7.48 3.46
CA GLY A 22 -1.92 -8.76 3.16
C GLY A 22 -0.60 -8.96 3.87
N GLU A 23 0.43 -9.29 3.10
CA GLU A 23 1.77 -9.52 3.66
C GLU A 23 2.78 -8.56 3.03
N PRO A 24 3.82 -8.23 3.81
CA PRO A 24 4.89 -7.32 3.35
C PRO A 24 5.44 -7.73 1.99
N ASN A 25 5.29 -6.85 1.01
CA ASN A 25 5.77 -7.11 -0.34
C ASN A 25 6.42 -5.87 -0.94
N LYS A 26 7.25 -6.06 -1.96
CA LYS A 26 7.92 -4.96 -2.62
C LYS A 26 6.94 -4.10 -3.40
N VAL A 27 5.85 -4.72 -3.86
CA VAL A 27 4.82 -4.01 -4.61
C VAL A 27 3.68 -3.56 -3.70
N LEU A 28 3.25 -2.31 -3.87
CA LEU A 28 2.17 -1.76 -3.06
C LEU A 28 1.05 -1.25 -3.96
N TYR A 29 -0.15 -1.78 -3.76
CA TYR A 29 -1.32 -1.38 -4.54
C TYR A 29 -2.14 -0.34 -3.79
N LEU A 30 -2.18 0.88 -4.32
CA LEU A 30 -2.93 1.96 -3.70
C LEU A 30 -4.23 2.22 -4.45
N LYS A 31 -5.27 2.59 -3.70
CA LYS A 31 -6.57 2.87 -4.30
C LYS A 31 -7.27 4.02 -3.57
N ASN A 32 -8.47 4.36 -4.02
CA ASN A 32 -9.24 5.43 -3.41
C ASN A 32 -8.49 6.76 -3.52
N LEU A 33 -8.06 7.09 -4.73
CA LEU A 33 -7.33 8.33 -4.97
C LEU A 33 -8.14 9.30 -5.82
N SER A 34 -8.51 10.43 -5.26
CA SER A 34 -9.29 11.43 -5.98
C SER A 34 -8.66 11.74 -7.33
N PRO A 35 -9.52 12.03 -8.32
CA PRO A 35 -9.07 12.36 -9.68
C PRO A 35 -7.94 13.39 -9.69
N ARG A 36 -7.89 14.22 -8.65
CA ARG A 36 -6.87 15.24 -8.55
C ARG A 36 -5.52 14.62 -8.23
N VAL A 37 -5.53 13.52 -7.49
CA VAL A 37 -4.30 12.83 -7.12
C VAL A 37 -3.45 12.52 -8.35
N THR A 38 -2.16 12.84 -8.26
CA THR A 38 -1.23 12.60 -9.36
C THR A 38 0.10 12.07 -8.85
N GLU A 39 0.93 11.60 -9.77
CA GLU A 39 2.25 11.06 -9.42
C GLU A 39 2.87 11.87 -8.28
N ARG A 40 2.82 13.19 -8.41
CA ARG A 40 3.39 14.07 -7.40
C ARG A 40 2.94 13.65 -6.00
N ASP A 41 1.64 13.70 -5.76
CA ASP A 41 1.09 13.33 -4.46
C ASP A 41 1.83 12.13 -3.88
N LEU A 42 1.98 11.08 -4.68
CA LEU A 42 2.68 9.88 -4.24
C LEU A 42 4.12 10.19 -3.85
N VAL A 43 4.81 10.93 -4.70
CA VAL A 43 6.20 11.30 -4.45
C VAL A 43 6.37 11.82 -3.03
N SER A 44 5.54 12.79 -2.64
CA SER A 44 5.61 13.36 -1.31
C SER A 44 5.26 12.32 -0.25
N LEU A 45 4.24 11.52 -0.52
CA LEU A 45 3.82 10.49 0.41
C LEU A 45 4.97 9.54 0.74
N PHE A 46 5.65 9.05 -0.30
CA PHE A 46 6.78 8.15 -0.12
C PHE A 46 8.08 8.80 -0.56
N ALA A 47 8.19 10.11 -0.33
CA ALA A 47 9.38 10.86 -0.70
C ALA A 47 10.56 10.48 0.19
N ARG A 48 10.30 10.36 1.50
CA ARG A 48 11.34 10.02 2.46
C ARG A 48 12.26 8.94 1.89
N PHE A 49 11.66 7.84 1.43
CA PHE A 49 12.42 6.73 0.87
C PHE A 49 13.06 7.13 -0.46
N GLN A 50 12.42 8.05 -1.17
CA GLN A 50 12.92 8.51 -2.46
C GLN A 50 14.42 8.79 -2.38
N GLU A 51 14.89 9.19 -1.21
CA GLU A 51 16.30 9.49 -1.02
C GLU A 51 17.17 8.33 -1.49
N LYS A 52 18.48 8.45 -1.29
CA LYS A 52 19.42 7.42 -1.70
C LYS A 52 19.47 6.29 -0.67
N LYS A 53 18.29 5.84 -0.24
CA LYS A 53 18.19 4.76 0.73
C LYS A 53 18.06 3.41 0.05
N GLY A 54 18.74 3.26 -1.08
CA GLY A 54 18.68 2.02 -1.83
C GLY A 54 18.22 2.20 -3.25
N PRO A 55 17.85 1.10 -3.92
CA PRO A 55 17.39 1.13 -5.31
C PRO A 55 16.41 2.27 -5.58
N PRO A 56 16.22 2.59 -6.86
CA PRO A 56 15.31 3.67 -7.28
C PRO A 56 13.84 3.28 -7.14
N ILE A 57 13.02 4.24 -6.75
CA ILE A 57 11.58 3.99 -6.59
C ILE A 57 10.83 4.32 -7.87
N GLN A 58 9.83 3.49 -8.20
CA GLN A 58 9.03 3.69 -9.40
C GLN A 58 7.55 3.83 -9.05
N PHE A 59 6.93 4.89 -9.53
CA PHE A 59 5.51 5.14 -9.26
C PHE A 59 4.69 4.99 -10.53
N ARG A 60 3.52 4.38 -10.41
CA ARG A 60 2.63 4.16 -11.54
C ARG A 60 1.18 4.51 -11.19
N MET A 61 0.60 5.43 -11.94
CA MET A 61 -0.78 5.86 -11.70
C MET A 61 -1.67 5.51 -12.88
N MET A 62 -2.79 4.86 -12.62
CA MET A 62 -3.73 4.46 -13.66
C MET A 62 -4.71 5.59 -13.95
N THR A 63 -4.91 5.87 -15.23
CA THR A 63 -5.83 6.93 -15.65
C THR A 63 -6.45 6.63 -17.01
N GLY A 64 -7.62 7.21 -17.27
CA GLY A 64 -8.28 6.98 -18.54
C GLY A 64 -9.16 5.75 -18.52
N ARG A 65 -8.71 4.70 -17.83
CA ARG A 65 -9.45 3.46 -17.74
C ARG A 65 -9.71 3.09 -16.29
N MET A 66 -8.68 3.18 -15.47
CA MET A 66 -8.79 2.85 -14.05
C MET A 66 -8.29 4.00 -13.18
N ARG A 67 -9.19 4.93 -12.87
CA ARG A 67 -8.84 6.08 -12.04
C ARG A 67 -8.99 5.76 -10.56
N GLY A 68 -8.12 6.34 -9.74
CA GLY A 68 -8.17 6.09 -8.31
C GLY A 68 -7.24 4.97 -7.88
N GLN A 69 -6.83 4.15 -8.84
CA GLN A 69 -5.94 3.04 -8.56
C GLN A 69 -4.53 3.30 -9.08
N ALA A 70 -3.53 2.91 -8.30
CA ALA A 70 -2.14 3.11 -8.68
C ALA A 70 -1.25 2.00 -8.13
N PHE A 71 -0.09 1.82 -8.75
CA PHE A 71 0.85 0.79 -8.31
C PHE A 71 2.26 1.35 -8.19
N ILE A 72 2.90 1.09 -7.05
CA ILE A 72 4.25 1.57 -6.81
C ILE A 72 5.22 0.42 -6.59
N THR A 73 6.42 0.54 -7.15
CA THR A 73 7.44 -0.49 -7.03
C THR A 73 8.61 0.00 -6.18
N PHE A 74 8.70 -0.49 -4.95
CA PHE A 74 9.78 -0.11 -4.04
C PHE A 74 10.97 -1.05 -4.19
N PRO A 75 12.15 -0.58 -3.76
CA PRO A 75 13.39 -1.36 -3.84
C PRO A 75 13.18 -2.81 -3.41
N ASN A 76 12.65 -3.00 -2.21
CA ASN A 76 12.40 -4.34 -1.69
C ASN A 76 11.16 -4.36 -0.80
N LYS A 77 10.88 -5.52 -0.21
CA LYS A 77 9.72 -5.67 0.67
C LYS A 77 9.90 -4.86 1.95
N GLU A 78 11.04 -5.04 2.60
CA GLU A 78 11.33 -4.33 3.84
C GLU A 78 10.85 -2.88 3.76
N ILE A 79 11.47 -2.10 2.88
CA ILE A 79 11.11 -0.70 2.70
C ILE A 79 9.62 -0.57 2.40
N ALA A 80 9.20 -1.07 1.24
CA ALA A 80 7.81 -1.00 0.83
C ALA A 80 6.88 -1.13 2.02
N TRP A 81 7.02 -2.21 2.77
CA TRP A 81 6.19 -2.45 3.95
C TRP A 81 6.19 -1.23 4.87
N GLN A 82 7.37 -0.80 5.28
CA GLN A 82 7.49 0.36 6.16
C GLN A 82 6.72 1.55 5.61
N ALA A 83 6.83 1.76 4.30
CA ALA A 83 6.13 2.87 3.64
C ALA A 83 4.62 2.71 3.76
N LEU A 84 4.15 1.48 3.58
CA LEU A 84 2.72 1.20 3.66
C LEU A 84 2.18 1.49 5.07
N HIS A 85 2.68 0.74 6.05
CA HIS A 85 2.26 0.92 7.43
C HIS A 85 2.47 2.36 7.89
N LEU A 86 3.49 3.01 7.34
CA LEU A 86 3.80 4.39 7.68
C LEU A 86 2.80 5.34 7.03
N VAL A 87 2.33 4.99 5.85
CA VAL A 87 1.36 5.81 5.13
C VAL A 87 0.01 5.11 5.02
N ASN A 88 -0.26 4.21 5.96
CA ASN A 88 -1.51 3.47 5.97
C ASN A 88 -2.69 4.39 6.31
N GLY A 89 -3.80 4.21 5.59
CA GLY A 89 -4.97 5.04 5.82
C GLY A 89 -4.63 6.51 5.94
N TYR A 90 -3.86 7.02 4.98
CA TYR A 90 -3.47 8.42 4.98
C TYR A 90 -4.56 9.29 4.36
N LYS A 91 -5.08 10.21 5.16
CA LYS A 91 -6.14 11.11 4.70
C LYS A 91 -5.59 12.10 3.67
N LEU A 92 -6.00 11.92 2.41
CA LEU A 92 -5.56 12.79 1.34
C LEU A 92 -6.75 13.38 0.58
N TYR A 93 -6.78 14.70 0.48
CA TYR A 93 -7.86 15.39 -0.22
C TYR A 93 -9.22 14.92 0.29
N GLY A 94 -9.30 14.70 1.60
CA GLY A 94 -10.55 14.25 2.19
C GLY A 94 -10.92 12.84 1.78
N LYS A 95 -9.91 12.00 1.62
CA LYS A 95 -10.14 10.61 1.22
C LYS A 95 -9.19 9.67 1.97
N ILE A 96 -9.73 8.58 2.49
CA ILE A 96 -8.94 7.60 3.22
C ILE A 96 -8.19 6.69 2.27
N LEU A 97 -6.98 7.10 1.88
CA LEU A 97 -6.15 6.32 0.98
C LEU A 97 -5.86 4.94 1.56
N VAL A 98 -6.14 3.91 0.78
CA VAL A 98 -5.90 2.54 1.21
C VAL A 98 -4.70 1.92 0.49
N ILE A 99 -3.80 1.33 1.25
CA ILE A 99 -2.61 0.70 0.68
C ILE A 99 -2.65 -0.81 0.85
N GLU A 100 -2.22 -1.53 -0.18
CA GLU A 100 -2.21 -2.99 -0.14
C GLU A 100 -0.90 -3.53 -0.70
N PHE A 101 -0.76 -4.86 -0.70
CA PHE A 101 0.44 -5.51 -1.20
C PHE A 101 0.15 -6.28 -2.47
N GLY A 102 0.95 -6.05 -3.51
CA GLY A 102 0.76 -6.73 -4.78
C GLY A 102 0.52 -8.22 -4.60
N LYS A 103 -0.10 -8.83 -5.60
CA LYS A 103 -0.40 -10.26 -5.56
C LYS A 103 0.59 -11.04 -6.40
N ASN A 104 1.57 -11.67 -5.74
CA ASN A 104 2.58 -12.45 -6.43
C ASN A 104 2.88 -13.74 -5.67
N LYS A 105 2.90 -14.86 -6.39
CA LYS A 105 3.19 -16.16 -5.78
C LYS A 105 4.57 -16.66 -6.18
N LYS A 106 4.84 -16.69 -7.48
CA LYS A 106 6.13 -17.14 -7.98
C LYS A 106 7.26 -16.26 -7.46
N GLN A 107 8.35 -16.89 -7.04
CA GLN A 107 9.50 -16.17 -6.53
C GLN A 107 10.50 -15.86 -7.63
N ARG A 108 11.07 -16.92 -8.21
CA ARG A 108 12.06 -16.77 -9.28
C ARG A 108 11.86 -17.84 -10.34
N SER A 109 12.68 -17.78 -11.39
CA SER A 109 12.60 -18.74 -12.48
C SER A 109 13.87 -19.58 -12.56
N SER A 110 13.72 -20.89 -12.40
CA SER A 110 14.86 -21.80 -12.45
C SER A 110 15.90 -21.32 -13.46
N GLY A 111 17.16 -21.26 -13.03
CA GLY A 111 18.23 -20.83 -13.90
C GLY A 111 19.51 -21.59 -13.68
N PRO A 112 20.29 -21.77 -14.76
CA PRO A 112 21.56 -22.49 -14.70
C PRO A 112 22.43 -22.06 -13.52
N SER A 113 22.92 -23.03 -12.76
CA SER A 113 23.76 -22.74 -11.60
C SER A 113 24.70 -21.58 -11.88
N SER A 114 25.35 -21.62 -13.05
CA SER A 114 26.29 -20.58 -13.44
C SER A 114 25.85 -19.93 -14.75
N GLY A 115 25.85 -18.60 -14.78
CA GLY A 115 25.45 -17.87 -15.97
C GLY A 115 25.61 -16.38 -15.82
N GLY A 1 -23.67 3.81 32.66
CA GLY A 1 -24.32 2.52 32.76
C GLY A 1 -24.64 1.93 31.41
N SER A 2 -23.97 0.84 31.05
CA SER A 2 -24.20 0.18 29.77
C SER A 2 -24.49 -1.31 29.97
N SER A 3 -24.84 -1.99 28.88
CA SER A 3 -25.15 -3.42 28.93
C SER A 3 -24.46 -4.16 27.79
N GLY A 4 -23.90 -5.32 28.10
CA GLY A 4 -23.24 -6.11 27.08
C GLY A 4 -22.13 -5.35 26.39
N SER A 5 -22.27 -5.16 25.08
CA SER A 5 -21.27 -4.43 24.30
C SER A 5 -19.92 -5.13 24.38
N SER A 6 -19.93 -6.46 24.26
CA SER A 6 -18.71 -7.25 24.31
C SER A 6 -17.83 -6.97 23.10
N GLY A 7 -18.35 -7.28 21.91
CA GLY A 7 -17.60 -7.06 20.69
C GLY A 7 -16.63 -8.19 20.39
N GLU A 8 -15.97 -8.11 19.25
CA GLU A 8 -15.01 -9.13 18.85
C GLU A 8 -13.62 -8.52 18.63
N GLU A 9 -12.71 -8.79 19.56
CA GLU A 9 -11.35 -8.27 19.46
C GLU A 9 -11.36 -6.75 19.31
N ILE A 10 -12.19 -6.08 20.11
CA ILE A 10 -12.29 -4.63 20.06
C ILE A 10 -11.58 -3.99 21.24
N ARG A 11 -10.95 -2.85 21.00
CA ARG A 11 -10.23 -2.13 22.06
C ARG A 11 -11.04 -0.94 22.55
N LYS A 12 -12.19 -1.23 23.15
CA LYS A 12 -13.06 -0.18 23.67
C LYS A 12 -13.38 0.85 22.59
N ILE A 13 -13.60 0.37 21.36
CA ILE A 13 -13.92 1.24 20.25
C ILE A 13 -15.09 0.69 19.44
N PRO A 14 -16.13 1.53 19.26
CA PRO A 14 -17.32 1.15 18.51
C PRO A 14 -16.99 0.46 17.19
N MET A 15 -16.18 1.12 16.36
CA MET A 15 -15.77 0.58 15.08
C MET A 15 -14.27 0.32 15.04
N PHE A 16 -13.89 -0.94 15.12
CA PHE A 16 -12.47 -1.32 15.08
C PHE A 16 -12.22 -2.37 14.03
N SER A 17 -12.84 -2.21 12.87
CA SER A 17 -12.68 -3.16 11.77
C SER A 17 -12.18 -2.46 10.51
N SER A 18 -11.10 -2.97 9.94
CA SER A 18 -10.52 -2.40 8.73
C SER A 18 -9.85 -3.46 7.88
N TYR A 19 -9.39 -3.07 6.69
CA TYR A 19 -8.73 -4.00 5.79
C TYR A 19 -7.39 -4.46 6.35
N ASN A 20 -6.77 -5.42 5.68
CA ASN A 20 -5.48 -5.96 6.11
C ASN A 20 -4.48 -5.97 4.96
N PRO A 21 -3.22 -5.66 5.27
CA PRO A 21 -2.14 -5.64 4.27
C PRO A 21 -1.63 -7.05 3.94
N GLY A 22 -1.29 -7.81 4.98
CA GLY A 22 -0.79 -9.15 4.78
C GLY A 22 0.72 -9.20 4.63
N GLU A 23 1.23 -10.30 4.10
CA GLU A 23 2.66 -10.47 3.91
C GLU A 23 3.25 -9.27 3.16
N PRO A 24 4.47 -8.89 3.54
CA PRO A 24 5.17 -7.76 2.92
C PRO A 24 5.71 -8.10 1.54
N ASN A 25 5.12 -7.51 0.51
CA ASN A 25 5.55 -7.75 -0.86
C ASN A 25 6.37 -6.58 -1.39
N LYS A 26 6.89 -6.73 -2.61
CA LYS A 26 7.69 -5.68 -3.23
C LYS A 26 6.82 -4.75 -4.06
N VAL A 27 5.51 -4.95 -3.99
CA VAL A 27 4.57 -4.13 -4.74
C VAL A 27 3.45 -3.60 -3.83
N LEU A 28 3.14 -2.32 -3.97
CA LEU A 28 2.10 -1.70 -3.16
C LEU A 28 0.94 -1.22 -4.03
N TYR A 29 -0.25 -1.75 -3.77
CA TYR A 29 -1.44 -1.38 -4.52
C TYR A 29 -2.29 -0.38 -3.76
N LEU A 30 -2.20 0.89 -4.13
CA LEU A 30 -2.96 1.95 -3.48
C LEU A 30 -4.28 2.20 -4.21
N LYS A 31 -5.30 2.56 -3.45
CA LYS A 31 -6.62 2.83 -4.02
C LYS A 31 -7.31 3.97 -3.28
N ASN A 32 -8.55 4.25 -3.67
CA ASN A 32 -9.32 5.32 -3.04
C ASN A 32 -8.64 6.67 -3.22
N LEU A 33 -8.25 6.97 -4.46
CA LEU A 33 -7.58 8.23 -4.77
C LEU A 33 -8.44 9.08 -5.69
N SER A 34 -8.50 10.38 -5.40
CA SER A 34 -9.29 11.31 -6.21
C SER A 34 -8.64 11.52 -7.58
N PRO A 35 -9.47 11.58 -8.63
CA PRO A 35 -9.00 11.79 -10.00
C PRO A 35 -7.93 12.87 -10.09
N ARG A 36 -7.88 13.74 -9.09
CA ARG A 36 -6.89 14.82 -9.06
C ARG A 36 -5.53 14.28 -8.65
N VAL A 37 -5.51 13.39 -7.67
CA VAL A 37 -4.27 12.80 -7.18
C VAL A 37 -3.34 12.45 -8.34
N THR A 38 -2.13 12.98 -8.31
CA THR A 38 -1.14 12.72 -9.35
C THR A 38 0.14 12.14 -8.77
N GLU A 39 1.04 11.71 -9.64
CA GLU A 39 2.31 11.13 -9.22
C GLU A 39 2.93 11.97 -8.11
N ARG A 40 3.04 13.27 -8.34
CA ARG A 40 3.63 14.18 -7.36
C ARG A 40 3.16 13.82 -5.95
N ASP A 41 1.85 13.68 -5.78
CA ASP A 41 1.28 13.34 -4.49
C ASP A 41 1.93 12.09 -3.92
N LEU A 42 2.11 11.08 -4.76
CA LEU A 42 2.72 9.82 -4.34
C LEU A 42 4.17 10.03 -3.93
N VAL A 43 4.92 10.74 -4.77
CA VAL A 43 6.33 11.01 -4.49
C VAL A 43 6.51 11.57 -3.09
N SER A 44 5.79 12.65 -2.79
CA SER A 44 5.87 13.29 -1.48
C SER A 44 5.49 12.31 -0.37
N LEU A 45 4.45 11.52 -0.63
CA LEU A 45 3.98 10.55 0.36
C LEU A 45 5.09 9.58 0.73
N PHE A 46 5.79 9.07 -0.29
CA PHE A 46 6.89 8.13 -0.07
C PHE A 46 8.20 8.68 -0.62
N ALA A 47 8.51 9.92 -0.26
CA ALA A 47 9.73 10.57 -0.71
C ALA A 47 10.87 10.34 0.27
N ARG A 48 10.61 10.64 1.55
CA ARG A 48 11.62 10.47 2.59
C ARG A 48 12.37 9.15 2.41
N PHE A 49 11.61 8.06 2.24
CA PHE A 49 12.21 6.75 2.06
C PHE A 49 13.35 6.80 1.05
N GLN A 50 13.17 7.59 0.00
CA GLN A 50 14.18 7.72 -1.04
C GLN A 50 15.27 8.69 -0.61
N GLU A 51 16.14 8.25 0.30
CA GLU A 51 17.23 9.08 0.79
C GLU A 51 18.58 8.41 0.54
N LYS A 52 19.16 8.69 -0.62
CA LYS A 52 20.46 8.12 -0.98
C LYS A 52 20.60 6.70 -0.43
N LYS A 53 19.53 5.93 -0.52
CA LYS A 53 19.54 4.55 -0.03
C LYS A 53 19.59 3.56 -1.19
N GLY A 54 18.68 3.72 -2.15
CA GLY A 54 18.64 2.83 -3.29
C GLY A 54 18.24 3.56 -4.56
N PRO A 55 17.68 2.81 -5.52
CA PRO A 55 17.24 3.36 -6.81
C PRO A 55 15.93 4.13 -6.70
N PRO A 56 15.79 5.18 -7.52
CA PRO A 56 14.59 6.03 -7.53
C PRO A 56 13.31 5.20 -7.56
N ILE A 57 12.56 5.23 -6.46
CA ILE A 57 11.31 4.49 -6.36
C ILE A 57 10.46 4.69 -7.60
N GLN A 58 9.87 3.60 -8.09
CA GLN A 58 9.03 3.66 -9.28
C GLN A 58 7.57 3.90 -8.90
N PHE A 59 6.92 4.83 -9.58
CA PHE A 59 5.53 5.16 -9.31
C PHE A 59 4.69 5.05 -10.58
N ARG A 60 3.49 4.48 -10.44
CA ARG A 60 2.60 4.31 -11.59
C ARG A 60 1.16 4.63 -11.19
N MET A 61 0.50 5.48 -11.97
CA MET A 61 -0.88 5.87 -11.70
C MET A 61 -1.80 5.34 -12.79
N MET A 62 -2.99 4.90 -12.39
CA MET A 62 -3.97 4.37 -13.33
C MET A 62 -5.08 5.40 -13.59
N THR A 63 -5.83 5.19 -14.66
CA THR A 63 -6.91 6.09 -15.03
C THR A 63 -7.92 5.40 -15.93
N GLY A 64 -9.16 5.91 -15.94
CA GLY A 64 -10.20 5.33 -16.76
C GLY A 64 -11.28 4.66 -15.94
N ARG A 65 -11.78 3.53 -16.43
CA ARG A 65 -12.82 2.79 -15.73
C ARG A 65 -12.40 2.47 -14.30
N MET A 66 -13.28 2.78 -13.34
CA MET A 66 -12.99 2.52 -11.93
C MET A 66 -11.61 3.04 -11.55
N ARG A 67 -11.34 4.30 -11.89
CA ARG A 67 -10.06 4.92 -11.58
C ARG A 67 -9.93 5.18 -10.09
N GLY A 68 -8.81 5.81 -9.70
CA GLY A 68 -8.59 6.11 -8.29
C GLY A 68 -7.62 5.14 -7.64
N GLN A 69 -6.81 4.48 -8.46
CA GLN A 69 -5.84 3.52 -7.95
C GLN A 69 -4.47 3.75 -8.56
N ALA A 70 -3.42 3.37 -7.84
CA ALA A 70 -2.05 3.54 -8.31
C ALA A 70 -1.16 2.40 -7.83
N PHE A 71 -0.15 2.08 -8.62
CA PHE A 71 0.78 1.01 -8.29
C PHE A 71 2.20 1.55 -8.08
N ILE A 72 2.74 1.33 -6.89
CA ILE A 72 4.09 1.80 -6.56
C ILE A 72 5.03 0.63 -6.33
N THR A 73 6.21 0.70 -6.95
CA THR A 73 7.21 -0.35 -6.81
C THR A 73 8.44 0.15 -6.08
N PHE A 74 8.69 -0.39 -4.89
CA PHE A 74 9.84 0.01 -4.09
C PHE A 74 11.04 -0.89 -4.38
N PRO A 75 12.25 -0.38 -4.08
CA PRO A 75 13.49 -1.11 -4.29
C PRO A 75 13.40 -2.56 -3.81
N ASN A 76 12.90 -2.74 -2.59
CA ASN A 76 12.76 -4.07 -2.00
C ASN A 76 11.43 -4.20 -1.26
N LYS A 77 11.15 -5.40 -0.79
CA LYS A 77 9.91 -5.67 -0.06
C LYS A 77 9.93 -4.99 1.31
N GLU A 78 11.06 -5.09 2.00
CA GLU A 78 11.22 -4.50 3.33
C GLU A 78 10.81 -3.02 3.30
N ILE A 79 11.47 -2.25 2.45
CA ILE A 79 11.18 -0.82 2.33
C ILE A 79 9.70 -0.59 2.07
N ALA A 80 9.17 -1.26 1.05
CA ALA A 80 7.76 -1.13 0.70
C ALA A 80 6.88 -1.20 1.94
N TRP A 81 6.93 -2.34 2.62
CA TRP A 81 6.13 -2.55 3.83
C TRP A 81 6.21 -1.34 4.75
N GLN A 82 7.43 -0.95 5.11
CA GLN A 82 7.64 0.20 5.99
C GLN A 82 6.75 1.36 5.58
N ALA A 83 6.84 1.75 4.31
CA ALA A 83 6.04 2.85 3.79
C ALA A 83 4.55 2.56 3.93
N LEU A 84 4.20 1.29 3.91
CA LEU A 84 2.79 0.88 4.03
C LEU A 84 2.27 1.13 5.44
N HIS A 85 2.84 0.39 6.40
CA HIS A 85 2.42 0.53 7.80
C HIS A 85 2.52 2.00 8.24
N LEU A 86 3.44 2.74 7.64
CA LEU A 86 3.63 4.15 7.97
C LEU A 86 2.56 5.01 7.32
N VAL A 87 2.33 4.81 6.03
CA VAL A 87 1.33 5.57 5.29
C VAL A 87 0.02 4.79 5.18
N ASN A 88 -0.25 3.95 6.18
CA ASN A 88 -1.47 3.15 6.19
C ASN A 88 -2.65 3.95 6.73
N GLY A 89 -3.30 4.69 5.84
CA GLY A 89 -4.44 5.50 6.23
C GLY A 89 -4.14 6.98 6.22
N TYR A 90 -3.62 7.47 5.10
CA TYR A 90 -3.28 8.88 4.96
C TYR A 90 -4.36 9.63 4.21
N LYS A 91 -5.09 10.48 4.93
CA LYS A 91 -6.16 11.27 4.33
C LYS A 91 -5.62 12.19 3.24
N LEU A 92 -6.20 12.08 2.05
CA LEU A 92 -5.77 12.91 0.91
C LEU A 92 -6.98 13.42 0.13
N TYR A 93 -7.03 14.73 -0.09
CA TYR A 93 -8.12 15.34 -0.83
C TYR A 93 -9.47 14.85 -0.31
N GLY A 94 -9.59 14.78 1.01
CA GLY A 94 -10.83 14.33 1.62
C GLY A 94 -11.19 12.91 1.23
N LYS A 95 -10.17 12.06 1.11
CA LYS A 95 -10.39 10.67 0.74
C LYS A 95 -9.34 9.77 1.39
N ILE A 96 -9.78 8.89 2.28
CA ILE A 96 -8.88 7.97 2.96
C ILE A 96 -8.13 7.10 1.97
N LEU A 97 -6.82 7.02 2.14
CA LEU A 97 -5.98 6.22 1.25
C LEU A 97 -5.82 4.80 1.80
N VAL A 98 -5.94 3.81 0.92
CA VAL A 98 -5.80 2.41 1.31
C VAL A 98 -4.69 1.73 0.53
N ILE A 99 -3.74 1.13 1.25
CA ILE A 99 -2.62 0.44 0.63
C ILE A 99 -2.72 -1.07 0.84
N GLU A 100 -2.43 -1.84 -0.21
CA GLU A 100 -2.48 -3.29 -0.13
C GLU A 100 -1.40 -3.92 -1.00
N PHE A 101 -0.54 -4.72 -0.38
CA PHE A 101 0.53 -5.38 -1.11
C PHE A 101 0.02 -6.03 -2.38
N GLY A 102 0.89 -6.15 -3.38
CA GLY A 102 0.50 -6.75 -4.64
C GLY A 102 -0.16 -8.10 -4.46
N LYS A 103 -1.32 -8.28 -5.09
CA LYS A 103 -2.05 -9.54 -4.99
C LYS A 103 -1.48 -10.58 -5.93
N ASN A 104 -1.27 -10.18 -7.19
CA ASN A 104 -0.72 -11.09 -8.19
C ASN A 104 0.57 -11.74 -7.69
N LYS A 105 0.64 -13.07 -7.81
CA LYS A 105 1.81 -13.81 -7.37
C LYS A 105 2.41 -14.61 -8.53
N LYS A 106 3.59 -14.20 -8.97
CA LYS A 106 4.28 -14.87 -10.07
C LYS A 106 4.71 -16.29 -9.65
N GLN A 107 4.60 -17.23 -10.59
CA GLN A 107 4.98 -18.61 -10.32
C GLN A 107 6.45 -18.72 -9.97
N ARG A 108 7.31 -18.30 -10.89
CA ARG A 108 8.75 -18.34 -10.67
C ARG A 108 9.39 -16.98 -10.96
N SER A 109 10.28 -16.55 -10.08
CA SER A 109 10.96 -15.28 -10.24
C SER A 109 11.56 -15.15 -11.62
N SER A 110 11.62 -13.91 -12.13
CA SER A 110 12.17 -13.65 -13.45
C SER A 110 13.63 -14.10 -13.54
N GLY A 111 14.11 -14.33 -14.76
CA GLY A 111 15.48 -14.75 -14.95
C GLY A 111 15.63 -15.71 -16.12
N PRO A 112 16.06 -15.17 -17.27
CA PRO A 112 16.25 -15.96 -18.49
C PRO A 112 17.51 -16.82 -18.43
N SER A 113 17.63 -17.76 -19.37
CA SER A 113 18.79 -18.64 -19.42
C SER A 113 19.59 -18.42 -20.69
N SER A 114 18.90 -18.44 -21.83
CA SER A 114 19.55 -18.24 -23.13
C SER A 114 19.95 -16.78 -23.31
N GLY A 115 21.24 -16.54 -23.46
CA GLY A 115 21.73 -15.18 -23.65
C GLY A 115 23.17 -15.01 -23.18
N GLY A 1 -25.42 -13.57 37.70
CA GLY A 1 -24.20 -14.02 37.07
C GLY A 1 -24.28 -13.97 35.56
N SER A 2 -23.73 -12.93 34.96
CA SER A 2 -23.74 -12.76 33.52
C SER A 2 -22.61 -11.85 33.05
N SER A 3 -22.16 -12.05 31.81
CA SER A 3 -21.09 -11.25 31.25
C SER A 3 -21.50 -10.65 29.91
N GLY A 4 -22.12 -11.46 29.07
CA GLY A 4 -22.56 -10.99 27.77
C GLY A 4 -21.91 -11.74 26.64
N SER A 5 -21.79 -11.09 25.48
CA SER A 5 -21.18 -11.71 24.31
C SER A 5 -20.85 -10.66 23.25
N SER A 6 -19.57 -10.54 22.93
CA SER A 6 -19.11 -9.58 21.93
C SER A 6 -17.70 -9.89 21.48
N GLY A 7 -17.56 -10.31 20.22
CA GLY A 7 -16.25 -10.64 19.68
C GLY A 7 -15.95 -12.12 19.76
N GLU A 8 -16.90 -12.94 19.33
CA GLU A 8 -16.73 -14.38 19.36
C GLU A 8 -15.32 -14.77 18.93
N GLU A 9 -14.88 -14.22 17.81
CA GLU A 9 -13.55 -14.51 17.29
C GLU A 9 -12.65 -13.27 17.36
N ILE A 10 -13.16 -12.15 16.88
CA ILE A 10 -12.41 -10.90 16.89
C ILE A 10 -12.27 -10.36 18.31
N ARG A 11 -11.32 -9.45 18.51
CA ARG A 11 -11.08 -8.86 19.81
C ARG A 11 -11.34 -7.36 19.78
N LYS A 12 -11.17 -6.71 20.93
CA LYS A 12 -11.39 -5.27 21.03
C LYS A 12 -10.70 -4.52 19.88
N ILE A 13 -11.47 -4.21 18.84
CA ILE A 13 -10.94 -3.50 17.69
C ILE A 13 -11.98 -2.56 17.09
N PRO A 14 -11.54 -1.36 16.70
CA PRO A 14 -12.41 -0.35 16.10
C PRO A 14 -12.74 -0.65 14.64
N MET A 15 -11.71 -0.91 13.85
CA MET A 15 -11.89 -1.22 12.44
C MET A 15 -11.31 -2.60 12.10
N PHE A 16 -12.05 -3.64 12.43
CA PHE A 16 -11.62 -5.01 12.17
C PHE A 16 -11.88 -5.39 10.71
N SER A 17 -13.06 -5.03 10.22
CA SER A 17 -13.45 -5.35 8.84
C SER A 17 -12.97 -4.25 7.89
N SER A 18 -11.76 -4.42 7.37
CA SER A 18 -11.19 -3.44 6.45
C SER A 18 -10.19 -4.10 5.51
N TYR A 19 -9.68 -3.33 4.56
CA TYR A 19 -8.70 -3.84 3.60
C TYR A 19 -7.61 -4.65 4.29
N ASN A 20 -7.00 -5.56 3.55
CA ASN A 20 -5.94 -6.40 4.09
C ASN A 20 -4.72 -6.39 3.19
N PRO A 21 -3.71 -5.59 3.56
CA PRO A 21 -2.47 -5.46 2.79
C PRO A 21 -1.93 -6.82 2.34
N GLY A 22 -1.92 -7.78 3.26
CA GLY A 22 -1.43 -9.11 2.93
C GLY A 22 -0.05 -9.37 3.50
N GLU A 23 0.89 -9.74 2.62
CA GLU A 23 2.26 -10.02 3.04
C GLU A 23 3.21 -8.94 2.53
N PRO A 24 4.11 -8.47 3.43
CA PRO A 24 5.10 -7.44 3.09
C PRO A 24 5.81 -7.73 1.77
N ASN A 25 5.31 -7.12 0.69
CA ASN A 25 5.91 -7.32 -0.62
C ASN A 25 6.66 -6.06 -1.06
N LYS A 26 7.37 -6.17 -2.18
CA LYS A 26 8.13 -5.05 -2.72
C LYS A 26 7.26 -4.20 -3.65
N VAL A 27 5.97 -4.51 -3.70
CA VAL A 27 5.04 -3.77 -4.54
C VAL A 27 3.85 -3.26 -3.74
N LEU A 28 3.63 -1.96 -3.78
CA LEU A 28 2.52 -1.35 -3.06
C LEU A 28 1.45 -0.86 -4.02
N TYR A 29 0.20 -1.25 -3.76
CA TYR A 29 -0.92 -0.85 -4.60
C TYR A 29 -1.83 0.14 -3.87
N LEU A 30 -1.69 1.42 -4.20
CA LEU A 30 -2.50 2.46 -3.58
C LEU A 30 -3.83 2.64 -4.31
N LYS A 31 -4.87 2.92 -3.55
CA LYS A 31 -6.20 3.12 -4.13
C LYS A 31 -6.95 4.23 -3.41
N ASN A 32 -8.17 4.52 -3.86
CA ASN A 32 -8.99 5.56 -3.26
C ASN A 32 -8.30 6.92 -3.37
N LEU A 33 -7.94 7.30 -4.60
CA LEU A 33 -7.28 8.58 -4.83
C LEU A 33 -8.10 9.46 -5.76
N SER A 34 -8.69 10.52 -5.22
CA SER A 34 -9.50 11.44 -6.00
C SER A 34 -8.82 11.79 -7.31
N PRO A 35 -9.63 11.97 -8.37
CA PRO A 35 -9.12 12.32 -9.70
C PRO A 35 -8.08 13.42 -9.66
N ARG A 36 -8.09 14.20 -8.57
CA ARG A 36 -7.14 15.30 -8.42
C ARG A 36 -5.74 14.78 -8.12
N VAL A 37 -5.67 13.71 -7.33
CA VAL A 37 -4.40 13.11 -6.97
C VAL A 37 -3.56 12.81 -8.20
N THR A 38 -2.33 13.32 -8.22
CA THR A 38 -1.43 13.10 -9.35
C THR A 38 -0.14 12.41 -8.90
N GLU A 39 0.67 12.01 -9.87
CA GLU A 39 1.93 11.34 -9.57
C GLU A 39 2.68 12.05 -8.45
N ARG A 40 2.69 13.38 -8.50
CA ARG A 40 3.36 14.17 -7.48
C ARG A 40 2.96 13.73 -6.08
N ASP A 41 1.66 13.57 -5.87
CA ASP A 41 1.14 13.15 -4.57
C ASP A 41 1.84 11.88 -4.09
N LEU A 42 1.90 10.88 -4.98
CA LEU A 42 2.54 9.61 -4.64
C LEU A 42 4.00 9.83 -4.26
N VAL A 43 4.75 10.47 -5.14
CA VAL A 43 6.17 10.74 -4.89
C VAL A 43 6.38 11.27 -3.48
N SER A 44 5.64 12.32 -3.13
CA SER A 44 5.76 12.93 -1.81
C SER A 44 5.38 11.94 -0.72
N LEU A 45 4.31 11.20 -0.94
CA LEU A 45 3.84 10.21 0.02
C LEU A 45 4.96 9.23 0.38
N PHE A 46 5.73 8.82 -0.63
CA PHE A 46 6.83 7.90 -0.43
C PHE A 46 8.13 8.47 -0.97
N ALA A 47 8.39 9.74 -0.68
CA ALA A 47 9.60 10.40 -1.14
C ALA A 47 10.72 10.25 -0.12
N ARG A 48 10.45 10.57 1.13
CA ARG A 48 11.44 10.46 2.19
C ARG A 48 12.20 9.15 2.09
N PHE A 49 11.47 8.06 1.90
CA PHE A 49 12.08 6.73 1.79
C PHE A 49 13.05 6.68 0.61
N GLN A 50 12.62 7.22 -0.52
CA GLN A 50 13.45 7.24 -1.73
C GLN A 50 14.75 8.00 -1.48
N GLU A 51 15.85 7.26 -1.36
CA GLU A 51 17.15 7.86 -1.13
C GLU A 51 18.22 7.18 -1.98
N LYS A 52 19.46 7.66 -1.84
CA LYS A 52 20.57 7.10 -2.59
C LYS A 52 20.87 5.67 -2.14
N LYS A 53 20.56 5.37 -0.89
CA LYS A 53 20.78 4.04 -0.34
C LYS A 53 20.29 2.97 -1.30
N GLY A 54 19.08 3.13 -1.80
CA GLY A 54 18.51 2.18 -2.73
C GLY A 54 18.01 2.82 -4.01
N PRO A 55 17.87 2.00 -5.07
CA PRO A 55 17.39 2.49 -6.37
C PRO A 55 16.21 3.42 -6.25
N PRO A 56 15.86 4.09 -7.36
CA PRO A 56 14.73 5.02 -7.40
C PRO A 56 13.38 4.30 -7.47
N ILE A 57 12.59 4.46 -6.42
CA ILE A 57 11.27 3.83 -6.37
C ILE A 57 10.45 4.15 -7.62
N GLN A 58 9.86 3.12 -8.21
CA GLN A 58 9.05 3.30 -9.42
C GLN A 58 7.59 3.57 -9.04
N PHE A 59 6.98 4.52 -9.74
CA PHE A 59 5.59 4.88 -9.48
C PHE A 59 4.76 4.76 -10.76
N ARG A 60 3.55 4.24 -10.62
CA ARG A 60 2.65 4.08 -11.76
C ARG A 60 1.21 4.39 -11.37
N MET A 61 0.53 5.15 -12.22
CA MET A 61 -0.86 5.53 -11.97
C MET A 61 -1.79 4.87 -12.97
N MET A 62 -2.95 4.43 -12.51
CA MET A 62 -3.94 3.77 -13.37
C MET A 62 -4.73 4.81 -14.16
N THR A 63 -4.85 4.60 -15.46
CA THR A 63 -5.58 5.52 -16.32
C THR A 63 -6.49 4.76 -17.27
N GLY A 64 -5.97 3.70 -17.87
CA GLY A 64 -6.75 2.90 -18.80
C GLY A 64 -8.09 2.48 -18.22
N ARG A 65 -9.17 3.02 -18.76
CA ARG A 65 -10.52 2.69 -18.28
C ARG A 65 -10.51 2.45 -16.78
N MET A 66 -9.68 3.21 -16.07
CA MET A 66 -9.58 3.07 -14.61
C MET A 66 -8.67 4.15 -14.03
N ARG A 67 -9.19 4.89 -13.06
CA ARG A 67 -8.43 5.96 -12.42
C ARG A 67 -8.62 5.93 -10.90
N GLY A 68 -7.72 6.58 -10.18
CA GLY A 68 -7.81 6.62 -8.74
C GLY A 68 -6.81 5.70 -8.07
N GLN A 69 -6.49 4.59 -8.73
CA GLN A 69 -5.54 3.62 -8.19
C GLN A 69 -4.16 3.82 -8.81
N ALA A 70 -3.13 3.34 -8.11
CA ALA A 70 -1.76 3.46 -8.59
C ALA A 70 -0.90 2.31 -8.08
N PHE A 71 0.08 1.90 -8.88
CA PHE A 71 0.98 0.82 -8.51
C PHE A 71 2.40 1.33 -8.32
N ILE A 72 2.92 1.17 -7.10
CA ILE A 72 4.27 1.61 -6.79
C ILE A 72 5.18 0.43 -6.48
N THR A 73 6.42 0.51 -6.94
CA THR A 73 7.39 -0.57 -6.71
C THR A 73 8.59 -0.05 -5.92
N PHE A 74 8.95 -0.79 -4.86
CA PHE A 74 10.08 -0.41 -4.02
C PHE A 74 11.25 -1.36 -4.23
N PRO A 75 12.46 -0.87 -3.93
CA PRO A 75 13.70 -1.66 -4.07
C PRO A 75 13.57 -3.05 -3.46
N ASN A 76 12.90 -3.12 -2.30
CA ASN A 76 12.72 -4.39 -1.61
C ASN A 76 11.35 -4.44 -0.92
N LYS A 77 11.07 -5.56 -0.27
CA LYS A 77 9.80 -5.74 0.43
C LYS A 77 9.83 -5.04 1.79
N GLU A 78 11.01 -4.99 2.40
CA GLU A 78 11.16 -4.36 3.70
C GLU A 78 10.73 -2.89 3.65
N ILE A 79 11.45 -2.10 2.87
CA ILE A 79 11.13 -0.68 2.73
C ILE A 79 9.64 -0.46 2.49
N ALA A 80 9.17 -0.95 1.33
CA ALA A 80 7.76 -0.81 0.98
C ALA A 80 6.87 -1.00 2.19
N TRP A 81 7.02 -2.13 2.86
CA TRP A 81 6.22 -2.43 4.04
C TRP A 81 6.23 -1.26 5.02
N GLN A 82 7.41 -0.91 5.50
CA GLN A 82 7.56 0.20 6.44
C GLN A 82 6.74 1.40 6.00
N ALA A 83 6.98 1.85 4.77
CA ALA A 83 6.26 2.99 4.22
C ALA A 83 4.75 2.76 4.22
N LEU A 84 4.35 1.55 3.84
CA LEU A 84 2.93 1.20 3.80
C LEU A 84 2.29 1.35 5.18
N HIS A 85 2.88 0.70 6.18
CA HIS A 85 2.36 0.76 7.54
C HIS A 85 2.35 2.21 8.04
N LEU A 86 3.27 3.02 7.52
CA LEU A 86 3.37 4.41 7.92
C LEU A 86 2.32 5.26 7.20
N VAL A 87 2.06 4.92 5.94
CA VAL A 87 1.07 5.64 5.14
C VAL A 87 -0.31 5.01 5.27
N ASN A 88 -0.37 3.87 5.95
CA ASN A 88 -1.64 3.16 6.14
C ASN A 88 -2.71 4.11 6.65
N GLY A 89 -3.81 4.20 5.91
CA GLY A 89 -4.90 5.07 6.30
C GLY A 89 -4.53 6.54 6.24
N TYR A 90 -3.93 6.95 5.12
CA TYR A 90 -3.52 8.33 4.93
C TYR A 90 -4.64 9.15 4.29
N LYS A 91 -5.22 10.05 5.07
CA LYS A 91 -6.29 10.90 4.58
C LYS A 91 -5.78 11.90 3.55
N LEU A 92 -6.22 11.75 2.31
CA LEU A 92 -5.81 12.63 1.23
C LEU A 92 -7.01 13.32 0.59
N TYR A 93 -6.98 14.65 0.55
CA TYR A 93 -8.06 15.43 -0.03
C TYR A 93 -9.42 14.96 0.50
N GLY A 94 -9.47 14.69 1.81
CA GLY A 94 -10.70 14.25 2.43
C GLY A 94 -11.13 12.88 1.94
N LYS A 95 -10.16 11.99 1.71
CA LYS A 95 -10.44 10.65 1.25
C LYS A 95 -9.41 9.66 1.78
N ILE A 96 -9.88 8.72 2.61
CA ILE A 96 -9.00 7.72 3.19
C ILE A 96 -8.31 6.91 2.10
N LEU A 97 -6.97 6.91 2.13
CA LEU A 97 -6.19 6.17 1.14
C LEU A 97 -6.01 4.72 1.57
N VAL A 98 -6.31 3.81 0.66
CA VAL A 98 -6.18 2.38 0.95
C VAL A 98 -4.94 1.80 0.27
N ILE A 99 -4.03 1.26 1.08
CA ILE A 99 -2.81 0.67 0.56
C ILE A 99 -2.82 -0.84 0.69
N GLU A 100 -2.51 -1.54 -0.40
CA GLU A 100 -2.50 -3.00 -0.40
C GLU A 100 -1.31 -3.52 -1.20
N PHE A 101 -0.57 -4.46 -0.62
CA PHE A 101 0.58 -5.05 -1.28
C PHE A 101 0.18 -5.70 -2.60
N GLY A 102 0.82 -5.26 -3.69
CA GLY A 102 0.52 -5.82 -4.99
C GLY A 102 0.56 -7.34 -5.00
N LYS A 103 0.04 -7.93 -6.07
CA LYS A 103 0.01 -9.39 -6.19
C LYS A 103 1.32 -9.90 -6.79
N ASN A 104 1.83 -11.01 -6.24
CA ASN A 104 3.08 -11.59 -6.72
C ASN A 104 3.36 -12.91 -6.00
N LYS A 105 3.57 -13.97 -6.78
CA LYS A 105 3.84 -15.29 -6.22
C LYS A 105 5.26 -15.34 -5.65
N LYS A 106 6.23 -14.91 -6.47
CA LYS A 106 7.64 -14.92 -6.05
C LYS A 106 8.50 -14.18 -7.06
N GLN A 107 9.58 -13.57 -6.58
CA GLN A 107 10.49 -12.83 -7.45
C GLN A 107 11.63 -13.73 -7.92
N ARG A 108 11.67 -13.99 -9.23
CA ARG A 108 12.70 -14.83 -9.80
C ARG A 108 13.02 -14.39 -11.23
N SER A 109 14.16 -13.73 -11.40
CA SER A 109 14.58 -13.26 -12.72
C SER A 109 15.80 -14.02 -13.20
N SER A 110 15.57 -15.11 -13.93
CA SER A 110 16.66 -15.92 -14.46
C SER A 110 17.80 -15.05 -14.97
N GLY A 111 19.03 -15.55 -14.85
CA GLY A 111 20.19 -14.80 -15.30
C GLY A 111 21.48 -15.31 -14.71
N PRO A 112 22.14 -16.23 -15.43
CA PRO A 112 23.41 -16.82 -14.99
C PRO A 112 24.59 -15.88 -15.19
N SER A 113 24.29 -14.61 -15.44
CA SER A 113 25.33 -13.61 -15.67
C SER A 113 26.45 -13.75 -14.64
N SER A 114 27.68 -13.60 -15.09
CA SER A 114 28.85 -13.72 -14.21
C SER A 114 29.97 -12.81 -14.68
N GLY A 115 30.78 -12.34 -13.73
CA GLY A 115 31.89 -11.46 -14.07
C GLY A 115 31.87 -10.18 -13.26
N GLY A 1 -36.96 -18.52 23.85
CA GLY A 1 -35.77 -19.07 23.22
C GLY A 1 -35.11 -18.09 22.26
N SER A 2 -33.79 -18.12 22.20
CA SER A 2 -33.05 -17.22 21.33
C SER A 2 -31.64 -17.77 21.07
N SER A 3 -31.30 -17.89 19.79
CA SER A 3 -29.98 -18.41 19.40
C SER A 3 -29.20 -17.35 18.63
N GLY A 4 -27.90 -17.61 18.45
CA GLY A 4 -27.06 -16.66 17.73
C GLY A 4 -25.58 -16.94 17.93
N SER A 5 -24.74 -16.23 17.19
CA SER A 5 -23.30 -16.41 17.28
C SER A 5 -22.56 -15.10 16.99
N SER A 6 -21.72 -14.68 17.92
CA SER A 6 -20.95 -13.45 17.75
C SER A 6 -19.57 -13.57 18.38
N GLY A 7 -18.56 -13.15 17.64
CA GLY A 7 -17.19 -13.23 18.13
C GLY A 7 -17.06 -12.74 19.56
N GLU A 8 -16.07 -13.25 20.27
CA GLU A 8 -15.83 -12.86 21.66
C GLU A 8 -15.34 -11.43 21.74
N GLU A 9 -14.45 -11.06 20.83
CA GLU A 9 -13.88 -9.71 20.81
C GLU A 9 -14.64 -8.83 19.83
N ILE A 10 -14.91 -9.37 18.64
CA ILE A 10 -15.63 -8.62 17.61
C ILE A 10 -17.13 -8.71 17.81
N ARG A 11 -17.56 -8.60 19.06
CA ARG A 11 -18.98 -8.67 19.40
C ARG A 11 -19.76 -7.59 18.66
N LYS A 12 -19.49 -6.32 19.00
CA LYS A 12 -20.16 -5.20 18.38
C LYS A 12 -19.59 -4.93 16.99
N ILE A 13 -18.38 -4.40 16.95
CA ILE A 13 -17.72 -4.09 15.68
C ILE A 13 -17.14 -5.35 15.04
N PRO A 14 -17.62 -5.68 13.84
CA PRO A 14 -17.17 -6.86 13.10
C PRO A 14 -15.81 -6.64 12.43
N MET A 15 -15.71 -5.56 11.68
CA MET A 15 -14.47 -5.21 10.98
C MET A 15 -13.29 -5.16 11.95
N PHE A 16 -13.40 -4.29 12.94
CA PHE A 16 -12.35 -4.13 13.95
C PHE A 16 -10.96 -4.20 13.30
N SER A 17 -10.82 -3.52 12.16
CA SER A 17 -9.56 -3.50 11.44
C SER A 17 -9.63 -2.55 10.25
N SER A 18 -8.47 -2.21 9.70
CA SER A 18 -8.39 -1.30 8.56
C SER A 18 -8.68 -2.05 7.26
N TYR A 19 -7.72 -2.86 6.83
CA TYR A 19 -7.88 -3.62 5.60
C TYR A 19 -6.88 -4.79 5.56
N ASN A 20 -6.91 -5.54 4.46
CA ASN A 20 -6.02 -6.67 4.29
C ASN A 20 -4.90 -6.34 3.30
N PRO A 21 -3.73 -5.95 3.84
CA PRO A 21 -2.57 -5.60 3.03
C PRO A 21 -1.87 -6.83 2.45
N GLY A 22 -1.69 -7.84 3.29
CA GLY A 22 -1.04 -9.07 2.84
C GLY A 22 0.40 -9.15 3.29
N GLU A 23 1.08 -10.22 2.88
CA GLU A 23 2.48 -10.41 3.24
C GLU A 23 3.36 -9.31 2.65
N PRO A 24 4.34 -8.84 3.44
CA PRO A 24 5.25 -7.78 3.02
C PRO A 24 5.83 -8.04 1.62
N ASN A 25 5.19 -7.47 0.61
CA ASN A 25 5.63 -7.63 -0.77
C ASN A 25 6.39 -6.41 -1.24
N LYS A 26 6.99 -6.51 -2.43
CA LYS A 26 7.75 -5.40 -3.00
C LYS A 26 6.86 -4.51 -3.86
N VAL A 27 5.58 -4.84 -3.91
CA VAL A 27 4.62 -4.07 -4.69
C VAL A 27 3.49 -3.53 -3.82
N LEU A 28 3.24 -2.23 -3.90
CA LEU A 28 2.19 -1.60 -3.12
C LEU A 28 1.07 -1.08 -4.01
N TYR A 29 -0.13 -1.57 -3.80
CA TYR A 29 -1.29 -1.16 -4.60
C TYR A 29 -2.19 -0.23 -3.79
N LEU A 30 -2.16 1.05 -4.12
CA LEU A 30 -2.98 2.04 -3.42
C LEU A 30 -4.32 2.23 -4.13
N LYS A 31 -5.32 2.69 -3.38
CA LYS A 31 -6.64 2.91 -3.94
C LYS A 31 -7.29 4.14 -3.31
N ASN A 32 -8.54 4.40 -3.68
CA ASN A 32 -9.28 5.55 -3.15
C ASN A 32 -8.52 6.85 -3.42
N LEU A 33 -8.15 7.07 -4.68
CA LEU A 33 -7.42 8.27 -5.06
C LEU A 33 -8.25 9.13 -6.02
N SER A 34 -8.65 10.31 -5.55
CA SER A 34 -9.44 11.22 -6.36
C SER A 34 -8.75 11.53 -7.68
N PRO A 35 -9.54 11.70 -8.75
CA PRO A 35 -9.01 12.01 -10.09
C PRO A 35 -7.95 13.10 -10.05
N ARG A 36 -8.03 13.96 -9.04
CA ARG A 36 -7.08 15.05 -8.90
C ARG A 36 -5.69 14.53 -8.54
N VAL A 37 -5.65 13.55 -7.63
CA VAL A 37 -4.38 12.96 -7.21
C VAL A 37 -3.47 12.69 -8.40
N THR A 38 -2.20 13.06 -8.25
CA THR A 38 -1.22 12.86 -9.32
C THR A 38 0.08 12.29 -8.76
N GLU A 39 0.96 11.86 -9.66
CA GLU A 39 2.24 11.31 -9.26
C GLU A 39 2.86 12.11 -8.11
N ARG A 40 2.88 13.43 -8.28
CA ARG A 40 3.44 14.31 -7.26
C ARG A 40 3.05 13.85 -5.86
N ASP A 41 1.75 13.68 -5.63
CA ASP A 41 1.25 13.24 -4.34
C ASP A 41 2.01 12.02 -3.85
N LEU A 42 1.96 10.94 -4.63
CA LEU A 42 2.64 9.71 -4.28
C LEU A 42 4.09 9.98 -3.89
N VAL A 43 4.81 10.68 -4.76
CA VAL A 43 6.20 11.01 -4.51
C VAL A 43 6.39 11.54 -3.09
N SER A 44 5.69 12.61 -2.75
CA SER A 44 5.79 13.21 -1.43
C SER A 44 5.43 12.20 -0.34
N LEU A 45 4.37 11.44 -0.58
CA LEU A 45 3.92 10.42 0.37
C LEU A 45 5.04 9.44 0.69
N PHE A 46 5.78 9.04 -0.34
CA PHE A 46 6.89 8.10 -0.17
C PHE A 46 8.18 8.67 -0.75
N ALA A 47 8.45 9.94 -0.44
CA ALA A 47 9.66 10.59 -0.93
C ALA A 47 10.83 10.36 0.02
N ARG A 48 10.57 10.44 1.31
CA ARG A 48 11.60 10.24 2.32
C ARG A 48 12.35 8.93 2.08
N PHE A 49 11.73 8.04 1.31
CA PHE A 49 12.33 6.75 1.00
C PHE A 49 13.10 6.80 -0.32
N GLN A 50 12.48 7.40 -1.33
CA GLN A 50 13.11 7.53 -2.64
C GLN A 50 14.52 8.08 -2.52
N GLU A 51 14.70 9.08 -1.67
CA GLU A 51 15.99 9.71 -1.47
C GLU A 51 16.69 9.13 -0.23
N LYS A 52 16.45 7.85 0.02
CA LYS A 52 17.06 7.17 1.16
C LYS A 52 18.17 6.21 0.71
N LYS A 53 17.78 5.15 0.02
CA LYS A 53 18.74 4.16 -0.46
C LYS A 53 18.17 3.39 -1.66
N GLY A 54 19.04 2.69 -2.37
CA GLY A 54 18.61 1.91 -3.52
C GLY A 54 18.05 2.79 -4.63
N PRO A 55 17.78 2.18 -5.79
CA PRO A 55 17.24 2.88 -6.95
C PRO A 55 16.08 3.81 -6.58
N PRO A 56 15.66 4.64 -7.53
CA PRO A 56 14.56 5.59 -7.33
C PRO A 56 13.20 4.92 -7.44
N ILE A 57 12.51 4.80 -6.30
CA ILE A 57 11.20 4.18 -6.27
C ILE A 57 10.42 4.48 -7.55
N GLN A 58 9.74 3.45 -8.07
CA GLN A 58 8.95 3.60 -9.29
C GLN A 58 7.47 3.74 -8.97
N PHE A 59 6.91 4.90 -9.30
CA PHE A 59 5.50 5.16 -9.05
C PHE A 59 4.67 5.04 -10.34
N ARG A 60 3.47 4.50 -10.21
CA ARG A 60 2.59 4.33 -11.36
C ARG A 60 1.14 4.63 -10.99
N MET A 61 0.50 5.47 -11.79
CA MET A 61 -0.90 5.84 -11.54
C MET A 61 -1.82 5.21 -12.58
N MET A 62 -3.02 4.86 -12.15
CA MET A 62 -4.00 4.24 -13.05
C MET A 62 -5.00 5.28 -13.56
N THR A 63 -5.58 5.01 -14.73
CA THR A 63 -6.54 5.93 -15.32
C THR A 63 -7.49 5.18 -16.25
N GLY A 64 -8.67 5.76 -16.48
CA GLY A 64 -9.65 5.14 -17.36
C GLY A 64 -10.91 4.76 -16.63
N ARG A 65 -11.08 3.46 -16.35
CA ARG A 65 -12.25 2.97 -15.66
C ARG A 65 -11.97 2.74 -14.18
N MET A 66 -13.01 2.72 -13.36
CA MET A 66 -12.86 2.50 -11.94
C MET A 66 -11.57 3.15 -11.42
N ARG A 67 -11.32 4.37 -11.84
CA ARG A 67 -10.13 5.10 -11.42
C ARG A 67 -9.97 5.04 -9.90
N GLY A 68 -8.90 5.67 -9.40
CA GLY A 68 -8.65 5.67 -7.98
C GLY A 68 -7.76 4.53 -7.53
N GLN A 69 -6.72 4.24 -8.32
CA GLN A 69 -5.81 3.15 -8.00
C GLN A 69 -4.42 3.43 -8.58
N ALA A 70 -3.39 3.24 -7.75
CA ALA A 70 -2.02 3.46 -8.18
C ALA A 70 -1.10 2.33 -7.72
N PHE A 71 -0.09 2.03 -8.51
CA PHE A 71 0.85 0.97 -8.19
C PHE A 71 2.26 1.54 -7.96
N ILE A 72 2.86 1.15 -6.85
CA ILE A 72 4.20 1.62 -6.51
C ILE A 72 5.17 0.45 -6.35
N THR A 73 6.40 0.63 -6.81
CA THR A 73 7.42 -0.40 -6.72
C THR A 73 8.63 0.09 -5.93
N PHE A 74 8.79 -0.44 -4.73
CA PHE A 74 9.91 -0.06 -3.87
C PHE A 74 11.12 -0.94 -4.14
N PRO A 75 12.32 -0.43 -3.81
CA PRO A 75 13.58 -1.14 -4.01
C PRO A 75 13.50 -2.59 -3.51
N ASN A 76 12.99 -2.77 -2.30
CA ASN A 76 12.87 -4.09 -1.70
C ASN A 76 11.65 -4.17 -0.79
N LYS A 77 11.02 -5.34 -0.74
CA LYS A 77 9.85 -5.55 0.10
C LYS A 77 10.02 -4.87 1.46
N GLU A 78 11.22 -4.98 2.02
CA GLU A 78 11.53 -4.37 3.31
C GLU A 78 10.98 -2.95 3.38
N ILE A 79 11.53 -2.07 2.56
CA ILE A 79 11.10 -0.67 2.52
C ILE A 79 9.61 -0.56 2.23
N ALA A 80 9.19 -1.13 1.10
CA ALA A 80 7.79 -1.10 0.70
C ALA A 80 6.88 -1.34 1.89
N TRP A 81 7.18 -2.39 2.65
CA TRP A 81 6.38 -2.73 3.83
C TRP A 81 6.34 -1.56 4.82
N GLN A 82 7.51 -1.21 5.34
CA GLN A 82 7.61 -0.12 6.30
C GLN A 82 6.85 1.11 5.81
N ALA A 83 7.03 1.46 4.54
CA ALA A 83 6.36 2.60 3.95
C ALA A 83 4.84 2.46 4.03
N LEU A 84 4.37 1.24 3.80
CA LEU A 84 2.93 0.97 3.85
C LEU A 84 2.38 1.21 5.26
N HIS A 85 2.82 0.38 6.20
CA HIS A 85 2.37 0.50 7.59
C HIS A 85 2.43 1.94 8.06
N LEU A 86 3.41 2.69 7.54
CA LEU A 86 3.57 4.09 7.91
C LEU A 86 2.45 4.95 7.33
N VAL A 87 2.24 4.82 6.02
CA VAL A 87 1.20 5.59 5.34
C VAL A 87 -0.07 4.76 5.21
N ASN A 88 -0.37 3.95 6.23
CA ASN A 88 -1.56 3.11 6.23
C ASN A 88 -2.79 3.89 6.68
N GLY A 89 -3.43 4.58 5.76
CA GLY A 89 -4.60 5.37 6.08
C GLY A 89 -4.32 6.86 6.10
N TYR A 90 -3.64 7.33 5.06
CA TYR A 90 -3.31 8.75 4.95
C TYR A 90 -4.41 9.52 4.21
N LYS A 91 -4.99 10.50 4.88
CA LYS A 91 -6.05 11.31 4.29
C LYS A 91 -5.50 12.21 3.19
N LEU A 92 -6.20 12.27 2.08
CA LEU A 92 -5.78 13.11 0.95
C LEU A 92 -7.00 13.62 0.18
N TYR A 93 -7.16 14.94 0.18
CA TYR A 93 -8.28 15.57 -0.52
C TYR A 93 -9.60 14.96 -0.09
N GLY A 94 -9.74 14.73 1.21
CA GLY A 94 -10.96 14.16 1.75
C GLY A 94 -11.18 12.72 1.28
N LYS A 95 -10.08 12.01 1.06
CA LYS A 95 -10.15 10.62 0.61
C LYS A 95 -9.18 9.75 1.42
N ILE A 96 -9.72 8.70 2.03
CA ILE A 96 -8.91 7.78 2.82
C ILE A 96 -8.07 6.88 1.92
N LEU A 97 -6.77 7.13 1.90
CA LEU A 97 -5.86 6.34 1.08
C LEU A 97 -5.69 4.93 1.65
N VAL A 98 -5.90 3.92 0.80
CA VAL A 98 -5.77 2.54 1.23
C VAL A 98 -4.64 1.84 0.48
N ILE A 99 -3.73 1.23 1.23
CA ILE A 99 -2.60 0.53 0.64
C ILE A 99 -2.78 -0.99 0.77
N GLU A 100 -2.45 -1.70 -0.31
CA GLU A 100 -2.57 -3.15 -0.34
C GLU A 100 -1.47 -3.79 -1.18
N PHE A 101 -0.67 -4.65 -0.57
CA PHE A 101 0.41 -5.32 -1.27
C PHE A 101 -0.09 -5.99 -2.54
N GLY A 102 0.70 -5.90 -3.61
CA GLY A 102 0.32 -6.51 -4.87
C GLY A 102 -0.35 -7.86 -4.69
N LYS A 103 -1.63 -7.93 -5.02
CA LYS A 103 -2.39 -9.18 -4.89
C LYS A 103 -2.06 -10.13 -6.03
N ASN A 104 -1.99 -9.60 -7.24
CA ASN A 104 -1.68 -10.41 -8.42
C ASN A 104 -0.50 -9.81 -9.20
N LYS A 105 0.14 -10.65 -10.01
CA LYS A 105 1.27 -10.21 -10.80
C LYS A 105 0.88 -10.03 -12.26
N LYS A 106 1.25 -8.89 -12.84
CA LYS A 106 0.93 -8.60 -14.23
C LYS A 106 2.13 -8.86 -15.13
N GLN A 107 1.94 -9.71 -16.14
CA GLN A 107 3.02 -10.04 -17.07
C GLN A 107 2.83 -9.32 -18.40
N ARG A 108 3.60 -8.26 -18.61
CA ARG A 108 3.53 -7.48 -19.84
C ARG A 108 4.78 -6.63 -20.03
N SER A 109 5.17 -6.46 -21.29
CA SER A 109 6.35 -5.67 -21.61
C SER A 109 6.14 -4.83 -22.87
N SER A 110 6.80 -3.68 -22.93
CA SER A 110 6.67 -2.79 -24.08
C SER A 110 7.18 -3.47 -25.35
N GLY A 111 6.76 -2.95 -26.51
CA GLY A 111 7.19 -3.52 -27.77
C GLY A 111 6.14 -3.36 -28.86
N PRO A 112 5.96 -2.11 -29.33
CA PRO A 112 4.98 -1.79 -30.37
C PRO A 112 5.46 -2.22 -31.76
N SER A 113 4.60 -2.89 -32.50
CA SER A 113 4.94 -3.35 -33.85
C SER A 113 4.80 -2.23 -34.86
N SER A 114 5.93 -1.70 -35.30
CA SER A 114 5.92 -0.61 -36.28
C SER A 114 5.19 -1.01 -37.55
N GLY A 115 5.56 -2.17 -38.09
CA GLY A 115 4.91 -2.65 -39.31
C GLY A 115 5.38 -4.05 -39.69
N GLY A 1 -24.08 -22.45 28.76
CA GLY A 1 -23.01 -21.49 28.98
C GLY A 1 -23.01 -20.38 27.94
N SER A 2 -23.35 -19.17 28.38
CA SER A 2 -23.40 -18.02 27.47
C SER A 2 -23.26 -16.72 28.25
N SER A 3 -22.51 -15.77 27.68
CA SER A 3 -22.30 -14.48 28.32
C SER A 3 -23.45 -13.53 28.03
N GLY A 4 -23.48 -12.40 28.75
CA GLY A 4 -24.54 -11.43 28.56
C GLY A 4 -24.07 -10.21 27.79
N SER A 5 -23.32 -10.43 26.72
CA SER A 5 -22.80 -9.34 25.90
C SER A 5 -22.09 -9.88 24.66
N SER A 6 -22.58 -9.49 23.49
CA SER A 6 -21.99 -9.93 22.23
C SER A 6 -20.68 -9.22 21.97
N GLY A 7 -19.57 -9.96 22.05
CA GLY A 7 -18.27 -9.37 21.81
C GLY A 7 -17.80 -8.52 22.96
N GLU A 8 -16.54 -8.69 23.36
CA GLU A 8 -15.97 -7.92 24.46
C GLU A 8 -15.45 -6.57 23.97
N GLU A 9 -15.15 -6.49 22.68
CA GLU A 9 -14.64 -5.25 22.09
C GLU A 9 -15.53 -4.79 20.95
N ILE A 10 -16.01 -5.74 20.15
CA ILE A 10 -16.87 -5.43 19.02
C ILE A 10 -18.32 -5.24 19.46
N ARG A 11 -18.49 -4.59 20.61
CA ARG A 11 -19.82 -4.34 21.15
C ARG A 11 -20.52 -3.23 20.38
N LYS A 12 -19.78 -2.16 20.09
CA LYS A 12 -20.34 -1.03 19.36
C LYS A 12 -19.39 -0.58 18.25
N ILE A 13 -19.30 -1.39 17.20
CA ILE A 13 -18.43 -1.09 16.07
C ILE A 13 -19.10 -1.47 14.74
N PRO A 14 -19.27 -0.47 13.86
CA PRO A 14 -19.88 -0.68 12.55
C PRO A 14 -18.94 -1.36 11.56
N MET A 15 -17.67 -0.98 11.61
CA MET A 15 -16.66 -1.57 10.72
C MET A 15 -15.52 -2.16 11.52
N PHE A 16 -15.65 -3.44 11.88
CA PHE A 16 -14.61 -4.13 12.64
C PHE A 16 -13.37 -4.34 11.80
N SER A 17 -13.56 -4.79 10.56
CA SER A 17 -12.44 -5.05 9.65
C SER A 17 -12.59 -4.23 8.37
N SER A 18 -11.84 -3.14 8.28
CA SER A 18 -11.88 -2.28 7.11
C SER A 18 -11.13 -2.90 5.94
N TYR A 19 -9.87 -3.27 6.19
CA TYR A 19 -9.04 -3.87 5.16
C TYR A 19 -7.70 -4.31 5.73
N ASN A 20 -6.99 -5.15 4.98
CA ASN A 20 -5.68 -5.64 5.41
C ASN A 20 -4.70 -5.68 4.25
N PRO A 21 -3.43 -5.36 4.54
CA PRO A 21 -2.36 -5.35 3.54
C PRO A 21 -1.87 -6.75 3.18
N GLY A 22 -1.52 -7.52 4.21
CA GLY A 22 -1.04 -8.87 3.99
C GLY A 22 0.47 -8.96 4.04
N GLU A 23 1.02 -10.04 3.47
CA GLU A 23 2.46 -10.25 3.45
C GLU A 23 3.16 -9.07 2.77
N PRO A 24 4.36 -8.73 3.28
CA PRO A 24 5.16 -7.63 2.73
C PRO A 24 5.79 -7.98 1.39
N ASN A 25 5.61 -7.10 0.41
CA ASN A 25 6.17 -7.31 -0.92
C ASN A 25 6.91 -6.07 -1.41
N LYS A 26 7.44 -6.15 -2.63
CA LYS A 26 8.18 -5.04 -3.22
C LYS A 26 7.23 -4.05 -3.89
N VAL A 27 6.09 -4.56 -4.33
CA VAL A 27 5.09 -3.72 -4.99
C VAL A 27 3.93 -3.39 -4.05
N LEU A 28 3.39 -2.18 -4.19
CA LEU A 28 2.29 -1.74 -3.35
C LEU A 28 1.11 -1.27 -4.20
N TYR A 29 -0.09 -1.70 -3.83
CA TYR A 29 -1.29 -1.32 -4.56
C TYR A 29 -2.06 -0.23 -3.82
N LEU A 30 -1.91 1.01 -4.29
CA LEU A 30 -2.59 2.14 -3.66
C LEU A 30 -3.94 2.40 -4.32
N LYS A 31 -4.93 2.74 -3.51
CA LYS A 31 -6.27 3.01 -4.01
C LYS A 31 -6.89 4.22 -3.31
N ASN A 32 -8.13 4.54 -3.66
CA ASN A 32 -8.83 5.67 -3.06
C ASN A 32 -8.08 6.97 -3.32
N LEU A 33 -7.68 7.18 -4.56
CA LEU A 33 -6.95 8.39 -4.94
C LEU A 33 -7.85 9.35 -5.71
N SER A 34 -8.37 10.35 -5.01
CA SER A 34 -9.25 11.34 -5.65
C SER A 34 -8.78 11.68 -7.06
N PRO A 35 -9.74 11.91 -7.96
CA PRO A 35 -9.44 12.24 -9.35
C PRO A 35 -8.33 13.27 -9.48
N ARG A 36 -8.27 14.19 -8.53
CA ARG A 36 -7.25 15.23 -8.54
C ARG A 36 -5.87 14.65 -8.28
N VAL A 37 -5.80 13.67 -7.39
CA VAL A 37 -4.53 13.03 -7.05
C VAL A 37 -3.70 12.78 -8.31
N THR A 38 -2.40 13.02 -8.20
CA THR A 38 -1.49 12.82 -9.33
C THR A 38 -0.20 12.17 -8.87
N GLU A 39 0.68 11.87 -9.83
CA GLU A 39 1.96 11.24 -9.53
C GLU A 39 2.63 11.92 -8.34
N ARG A 40 2.80 13.24 -8.44
CA ARG A 40 3.42 14.00 -7.36
C ARG A 40 2.94 13.54 -6.00
N ASP A 41 1.65 13.73 -5.73
CA ASP A 41 1.05 13.33 -4.47
C ASP A 41 1.68 12.03 -3.97
N LEU A 42 1.78 11.05 -4.85
CA LEU A 42 2.37 9.76 -4.50
C LEU A 42 3.85 9.89 -4.16
N VAL A 43 4.58 10.57 -5.03
CA VAL A 43 6.01 10.78 -4.81
C VAL A 43 6.29 11.29 -3.41
N SER A 44 5.72 12.44 -3.07
CA SER A 44 5.90 13.03 -1.75
C SER A 44 5.50 12.06 -0.65
N LEU A 45 4.38 11.37 -0.86
CA LEU A 45 3.88 10.41 0.12
C LEU A 45 4.93 9.33 0.40
N PHE A 46 5.74 9.02 -0.61
CA PHE A 46 6.79 8.01 -0.47
C PHE A 46 8.13 8.55 -0.95
N ALA A 47 8.38 9.83 -0.68
CA ALA A 47 9.63 10.47 -1.09
C ALA A 47 10.72 10.24 -0.05
N ARG A 48 10.38 10.50 1.21
CA ARG A 48 11.34 10.33 2.30
C ARG A 48 12.13 9.04 2.13
N PHE A 49 11.45 7.98 1.73
CA PHE A 49 12.09 6.68 1.53
C PHE A 49 13.10 6.75 0.39
N GLN A 50 12.78 7.53 -0.63
CA GLN A 50 13.66 7.69 -1.79
C GLN A 50 15.11 7.87 -1.35
N GLU A 51 15.35 8.90 -0.55
CA GLU A 51 16.70 9.18 -0.07
C GLU A 51 17.17 8.10 0.89
N LYS A 52 17.48 6.93 0.34
CA LYS A 52 17.94 5.81 1.15
C LYS A 52 18.57 4.73 0.26
N LYS A 53 19.56 4.03 0.81
CA LYS A 53 20.24 2.97 0.07
C LYS A 53 19.24 2.13 -0.73
N GLY A 54 19.31 2.26 -2.06
CA GLY A 54 18.41 1.51 -2.92
C GLY A 54 18.03 2.29 -4.16
N PRO A 55 17.92 1.58 -5.30
CA PRO A 55 17.56 2.19 -6.59
C PRO A 55 16.33 3.10 -6.47
N PRO A 56 16.25 4.10 -7.36
CA PRO A 56 15.14 5.05 -7.38
C PRO A 56 13.78 4.36 -7.34
N ILE A 57 12.87 4.90 -6.55
CA ILE A 57 11.53 4.34 -6.43
C ILE A 57 10.74 4.50 -7.72
N GLN A 58 9.93 3.50 -8.06
CA GLN A 58 9.13 3.53 -9.27
C GLN A 58 7.66 3.68 -8.93
N PHE A 59 7.01 4.68 -9.55
CA PHE A 59 5.59 4.93 -9.30
C PHE A 59 4.78 4.71 -10.58
N ARG A 60 3.60 4.14 -10.42
CA ARG A 60 2.72 3.87 -11.56
C ARG A 60 1.27 4.24 -11.23
N MET A 61 0.67 5.05 -12.10
CA MET A 61 -0.71 5.48 -11.89
C MET A 61 -1.60 4.98 -13.03
N MET A 62 -2.78 4.49 -12.68
CA MET A 62 -3.73 3.98 -13.67
C MET A 62 -4.93 4.92 -13.80
N THR A 63 -5.23 5.30 -15.04
CA THR A 63 -6.35 6.19 -15.30
C THR A 63 -7.32 5.58 -16.31
N GLY A 64 -8.56 5.37 -15.88
CA GLY A 64 -9.55 4.79 -16.76
C GLY A 64 -10.82 4.37 -16.02
N ARG A 65 -11.35 3.21 -16.38
CA ARG A 65 -12.56 2.70 -15.74
C ARG A 65 -12.34 2.52 -14.24
N MET A 66 -11.19 1.99 -13.86
CA MET A 66 -10.87 1.77 -12.46
C MET A 66 -9.91 2.85 -11.95
N ARG A 67 -10.25 4.10 -12.24
CA ARG A 67 -9.42 5.22 -11.80
C ARG A 67 -9.29 5.26 -10.28
N GLY A 68 -8.41 6.11 -9.78
CA GLY A 68 -8.21 6.22 -8.35
C GLY A 68 -7.29 5.15 -7.81
N GLN A 69 -6.71 4.36 -8.71
CA GLN A 69 -5.80 3.29 -8.31
C GLN A 69 -4.41 3.53 -8.85
N ALA A 70 -3.40 3.03 -8.14
CA ALA A 70 -2.01 3.20 -8.56
C ALA A 70 -1.10 2.22 -7.82
N PHE A 71 0.05 1.94 -8.41
CA PHE A 71 1.02 1.01 -7.82
C PHE A 71 2.33 1.72 -7.52
N ILE A 72 3.11 1.14 -6.60
CA ILE A 72 4.39 1.71 -6.22
C ILE A 72 5.41 0.63 -5.90
N THR A 73 6.48 0.57 -6.69
CA THR A 73 7.53 -0.42 -6.49
C THR A 73 8.69 0.16 -5.69
N PHE A 74 9.13 -0.58 -4.68
CA PHE A 74 10.24 -0.13 -3.84
C PHE A 74 11.46 -1.02 -4.05
N PRO A 75 12.65 -0.47 -3.76
CA PRO A 75 13.91 -1.18 -3.91
C PRO A 75 13.84 -2.60 -3.36
N ASN A 76 13.02 -2.78 -2.33
CA ASN A 76 12.86 -4.10 -1.70
C ASN A 76 11.51 -4.21 -1.01
N LYS A 77 11.22 -5.39 -0.45
CA LYS A 77 9.97 -5.63 0.24
C LYS A 77 9.94 -4.89 1.57
N GLU A 78 10.99 -5.07 2.36
CA GLU A 78 11.08 -4.41 3.67
C GLU A 78 10.63 -2.96 3.58
N ILE A 79 11.38 -2.16 2.82
CA ILE A 79 11.06 -0.75 2.66
C ILE A 79 9.60 -0.55 2.27
N ALA A 80 9.21 -1.14 1.14
CA ALA A 80 7.85 -1.04 0.66
C ALA A 80 6.84 -1.25 1.79
N TRP A 81 7.07 -2.28 2.59
CA TRP A 81 6.19 -2.58 3.72
C TRP A 81 6.11 -1.41 4.68
N GLN A 82 7.22 -1.13 5.36
CA GLN A 82 7.28 -0.03 6.32
C GLN A 82 6.46 1.16 5.81
N ALA A 83 6.73 1.59 4.59
CA ALA A 83 6.03 2.72 4.00
C ALA A 83 4.52 2.49 4.01
N LEU A 84 4.11 1.28 3.65
CA LEU A 84 2.69 0.93 3.61
C LEU A 84 2.05 1.13 4.98
N HIS A 85 2.63 0.49 6.00
CA HIS A 85 2.10 0.59 7.35
C HIS A 85 2.30 2.00 7.90
N LEU A 86 3.12 2.80 7.21
CA LEU A 86 3.39 4.17 7.63
C LEU A 86 2.44 5.14 6.95
N VAL A 87 2.00 4.79 5.74
CA VAL A 87 1.08 5.63 4.99
C VAL A 87 -0.31 5.01 4.93
N ASN A 88 -0.57 4.05 5.81
CA ASN A 88 -1.86 3.38 5.86
C ASN A 88 -2.92 4.28 6.48
N GLY A 89 -3.93 4.62 5.69
CA GLY A 89 -5.00 5.47 6.18
C GLY A 89 -4.63 6.94 6.15
N TYR A 90 -3.90 7.34 5.11
CA TYR A 90 -3.47 8.72 4.97
C TYR A 90 -4.58 9.57 4.35
N LYS A 91 -5.10 10.51 5.13
CA LYS A 91 -6.17 11.39 4.67
C LYS A 91 -5.65 12.37 3.63
N LEU A 92 -5.97 12.11 2.36
CA LEU A 92 -5.54 12.97 1.27
C LEU A 92 -6.74 13.52 0.50
N TYR A 93 -6.81 14.84 0.38
CA TYR A 93 -7.90 15.49 -0.33
C TYR A 93 -9.25 15.11 0.27
N GLY A 94 -9.24 14.78 1.56
CA GLY A 94 -10.46 14.40 2.24
C GLY A 94 -10.87 12.97 1.94
N LYS A 95 -9.90 12.14 1.59
CA LYS A 95 -10.16 10.74 1.28
C LYS A 95 -9.17 9.82 1.99
N ILE A 96 -9.68 8.70 2.50
CA ILE A 96 -8.84 7.74 3.20
C ILE A 96 -8.14 6.80 2.23
N LEU A 97 -6.91 7.15 1.86
CA LEU A 97 -6.13 6.33 0.94
C LEU A 97 -5.96 4.91 1.46
N VAL A 98 -6.26 3.92 0.61
CA VAL A 98 -6.15 2.53 1.00
C VAL A 98 -4.99 1.85 0.26
N ILE A 99 -4.08 1.25 1.01
CA ILE A 99 -2.93 0.58 0.42
C ILE A 99 -3.05 -0.94 0.59
N GLU A 100 -2.60 -1.68 -0.42
CA GLU A 100 -2.65 -3.13 -0.39
C GLU A 100 -1.48 -3.74 -1.15
N PHE A 101 -0.68 -4.54 -0.46
CA PHE A 101 0.47 -5.19 -1.07
C PHE A 101 0.11 -5.81 -2.41
N GLY A 102 1.07 -5.84 -3.33
CA GLY A 102 0.83 -6.41 -4.64
C GLY A 102 0.53 -7.91 -4.58
N LYS A 103 0.63 -8.58 -5.72
CA LYS A 103 0.37 -10.00 -5.80
C LYS A 103 1.62 -10.76 -6.25
N ASN A 104 2.26 -11.45 -5.31
CA ASN A 104 3.46 -12.23 -5.61
C ASN A 104 3.11 -13.52 -6.34
N LYS A 105 4.03 -13.98 -7.18
CA LYS A 105 3.82 -15.21 -7.94
C LYS A 105 4.56 -16.38 -7.30
N LYS A 106 5.89 -16.34 -7.35
CA LYS A 106 6.71 -17.40 -6.76
C LYS A 106 7.95 -16.81 -6.10
N GLN A 107 8.07 -17.00 -4.80
CA GLN A 107 9.21 -16.49 -4.05
C GLN A 107 10.51 -17.04 -4.62
N ARG A 108 11.62 -16.41 -4.24
CA ARG A 108 12.94 -16.84 -4.71
C ARG A 108 14.00 -16.65 -3.62
N SER A 109 15.23 -17.02 -3.93
CA SER A 109 16.33 -16.90 -2.99
C SER A 109 17.39 -15.93 -3.50
N SER A 110 17.60 -14.83 -2.79
CA SER A 110 18.58 -13.84 -3.19
C SER A 110 19.69 -13.72 -2.14
N GLY A 111 20.86 -13.27 -2.58
CA GLY A 111 21.98 -13.11 -1.66
C GLY A 111 23.30 -12.94 -2.38
N PRO A 112 24.30 -12.41 -1.68
CA PRO A 112 25.64 -12.19 -2.24
C PRO A 112 26.45 -13.48 -2.34
N SER A 113 26.81 -13.86 -3.55
CA SER A 113 27.59 -15.07 -3.79
C SER A 113 29.08 -14.78 -3.73
N SER A 114 29.69 -15.02 -2.56
CA SER A 114 31.11 -14.77 -2.38
C SER A 114 31.92 -15.37 -3.53
N GLY A 115 33.10 -14.80 -3.77
CA GLY A 115 33.95 -15.29 -4.83
C GLY A 115 33.82 -14.46 -6.10
N GLY A 1 -22.54 -7.62 32.63
CA GLY A 1 -23.07 -6.27 32.58
C GLY A 1 -22.04 -5.24 32.96
N SER A 2 -21.55 -4.49 31.99
CA SER A 2 -20.54 -3.46 32.23
C SER A 2 -20.92 -2.16 31.55
N SER A 3 -20.39 -1.04 32.06
CA SER A 3 -20.68 0.27 31.49
C SER A 3 -20.40 0.29 30.00
N GLY A 4 -21.13 1.13 29.27
CA GLY A 4 -20.95 1.24 27.84
C GLY A 4 -21.64 0.12 27.08
N SER A 5 -22.56 0.48 26.19
CA SER A 5 -23.30 -0.49 25.41
C SER A 5 -22.61 -0.76 24.08
N SER A 6 -22.46 0.28 23.28
CA SER A 6 -21.81 0.16 21.97
C SER A 6 -20.37 -0.31 22.12
N GLY A 7 -20.02 -1.36 21.38
CA GLY A 7 -18.68 -1.90 21.44
C GLY A 7 -18.27 -2.29 22.85
N GLU A 8 -18.44 -3.56 23.17
CA GLU A 8 -18.09 -4.06 24.50
C GLU A 8 -16.59 -3.90 24.77
N GLU A 9 -15.80 -4.08 23.72
CA GLU A 9 -14.34 -3.96 23.84
C GLU A 9 -13.78 -3.08 22.74
N ILE A 10 -14.29 -3.25 21.52
CA ILE A 10 -13.85 -2.47 20.38
C ILE A 10 -13.89 -0.98 20.69
N ARG A 11 -14.69 -0.60 21.68
CA ARG A 11 -14.82 0.80 22.07
C ARG A 11 -13.48 1.37 22.50
N LYS A 12 -12.61 0.50 23.02
CA LYS A 12 -11.29 0.92 23.48
C LYS A 12 -10.30 0.94 22.32
N ILE A 13 -10.22 -0.17 21.59
CA ILE A 13 -9.31 -0.27 20.46
C ILE A 13 -9.56 0.83 19.44
N PRO A 14 -8.61 1.78 19.35
CA PRO A 14 -8.71 2.91 18.43
C PRO A 14 -9.09 2.49 17.02
N MET A 15 -8.50 1.38 16.56
CA MET A 15 -8.78 0.87 15.23
C MET A 15 -9.38 -0.54 15.31
N PHE A 16 -10.66 -0.61 15.64
CA PHE A 16 -11.35 -1.90 15.75
C PHE A 16 -10.82 -2.89 14.72
N SER A 17 -11.03 -2.57 13.45
CA SER A 17 -10.58 -3.44 12.37
C SER A 17 -10.63 -2.71 11.02
N SER A 18 -9.65 -2.98 10.17
CA SER A 18 -9.59 -2.36 8.86
C SER A 18 -8.82 -3.22 7.86
N TYR A 19 -8.95 -2.91 6.58
CA TYR A 19 -8.27 -3.67 5.54
C TYR A 19 -6.90 -4.13 6.00
N ASN A 20 -6.49 -5.32 5.58
CA ASN A 20 -5.20 -5.88 5.95
C ASN A 20 -4.28 -5.96 4.74
N PRO A 21 -2.99 -5.64 4.95
CA PRO A 21 -1.98 -5.68 3.90
C PRO A 21 -1.49 -7.09 3.60
N GLY A 22 -1.14 -7.83 4.66
CA GLY A 22 -0.67 -9.19 4.50
C GLY A 22 0.82 -9.26 4.26
N GLU A 23 1.31 -10.43 3.86
CA GLU A 23 2.74 -10.62 3.60
C GLU A 23 3.32 -9.40 2.89
N PRO A 24 4.53 -8.99 3.33
CA PRO A 24 5.23 -7.84 2.75
C PRO A 24 5.80 -8.14 1.37
N ASN A 25 5.84 -7.12 0.51
CA ASN A 25 6.37 -7.27 -0.83
C ASN A 25 6.90 -5.95 -1.36
N LYS A 26 7.66 -6.01 -2.46
CA LYS A 26 8.24 -4.83 -3.06
C LYS A 26 7.23 -4.16 -4.00
N VAL A 27 5.94 -4.31 -3.69
CA VAL A 27 4.89 -3.72 -4.51
C VAL A 27 3.70 -3.31 -3.64
N LEU A 28 3.33 -2.03 -3.73
CA LEU A 28 2.22 -1.50 -2.95
C LEU A 28 1.10 -1.01 -3.87
N TYR A 29 -0.11 -1.50 -3.65
CA TYR A 29 -1.25 -1.11 -4.47
C TYR A 29 -2.15 -0.13 -3.71
N LEU A 30 -2.02 1.15 -4.03
CA LEU A 30 -2.82 2.19 -3.38
C LEU A 30 -4.13 2.40 -4.12
N LYS A 31 -5.20 2.61 -3.37
CA LYS A 31 -6.52 2.84 -3.95
C LYS A 31 -7.19 4.06 -3.33
N ASN A 32 -8.44 4.31 -3.72
CA ASN A 32 -9.19 5.44 -3.19
C ASN A 32 -8.43 6.75 -3.40
N LEU A 33 -8.02 7.00 -4.63
CA LEU A 33 -7.29 8.21 -4.95
C LEU A 33 -8.12 9.15 -5.82
N SER A 34 -8.49 10.30 -5.27
CA SER A 34 -9.29 11.28 -5.98
C SER A 34 -8.64 11.64 -7.31
N PRO A 35 -9.48 11.78 -8.36
CA PRO A 35 -9.00 12.12 -9.70
C PRO A 35 -7.94 13.21 -9.68
N ARG A 36 -8.00 14.07 -8.67
CA ARG A 36 -7.04 15.16 -8.53
C ARG A 36 -5.65 14.62 -8.22
N VAL A 37 -5.59 13.61 -7.35
CA VAL A 37 -4.32 13.00 -6.97
C VAL A 37 -3.44 12.74 -8.19
N THR A 38 -2.24 13.30 -8.16
CA THR A 38 -1.30 13.13 -9.27
C THR A 38 0.01 12.50 -8.79
N GLU A 39 0.84 12.07 -9.73
CA GLU A 39 2.12 11.46 -9.41
C GLU A 39 2.79 12.18 -8.25
N ARG A 40 2.91 13.50 -8.37
CA ARG A 40 3.54 14.31 -7.33
C ARG A 40 3.06 13.87 -5.95
N ASP A 41 1.75 13.77 -5.79
CA ASP A 41 1.16 13.37 -4.51
C ASP A 41 1.83 12.10 -3.98
N LEU A 42 1.97 11.11 -4.85
CA LEU A 42 2.58 9.85 -4.48
C LEU A 42 4.04 10.05 -4.04
N VAL A 43 4.82 10.72 -4.89
CA VAL A 43 6.22 10.99 -4.58
C VAL A 43 6.37 11.55 -3.17
N SER A 44 5.58 12.57 -2.86
CA SER A 44 5.63 13.20 -1.55
C SER A 44 5.24 12.22 -0.46
N LEU A 45 4.22 11.41 -0.73
CA LEU A 45 3.74 10.43 0.23
C LEU A 45 4.86 9.46 0.63
N PHE A 46 5.67 9.07 -0.36
CA PHE A 46 6.77 8.15 -0.12
C PHE A 46 8.09 8.76 -0.58
N ALA A 47 8.27 10.06 -0.32
CA ALA A 47 9.48 10.75 -0.70
C ALA A 47 10.56 10.62 0.36
N ARG A 48 10.14 10.58 1.62
CA ARG A 48 11.06 10.44 2.74
C ARG A 48 11.94 9.22 2.58
N PHE A 49 11.35 8.13 2.10
CA PHE A 49 12.07 6.88 1.90
C PHE A 49 13.10 7.03 0.78
N GLN A 50 12.74 7.81 -0.24
CA GLN A 50 13.63 8.04 -1.37
C GLN A 50 15.01 8.49 -0.91
N GLU A 51 15.93 7.53 -0.77
CA GLU A 51 17.28 7.84 -0.33
C GLU A 51 18.30 6.98 -1.08
N LYS A 52 19.58 7.32 -0.94
CA LYS A 52 20.64 6.60 -1.61
C LYS A 52 20.83 5.22 -0.97
N LYS A 53 20.00 4.26 -1.38
CA LYS A 53 20.08 2.91 -0.86
C LYS A 53 20.09 1.88 -2.00
N GLY A 54 18.97 1.81 -2.72
CA GLY A 54 18.88 0.87 -3.83
C GLY A 54 18.20 1.48 -5.04
N PRO A 55 17.65 0.62 -5.90
CA PRO A 55 16.96 1.05 -7.12
C PRO A 55 16.06 2.25 -6.89
N PRO A 56 15.67 2.93 -7.98
CA PRO A 56 14.80 4.11 -7.90
C PRO A 56 13.34 3.74 -7.73
N ILE A 57 12.72 4.22 -6.65
CA ILE A 57 11.32 3.94 -6.37
C ILE A 57 10.45 4.23 -7.59
N GLN A 58 9.93 3.18 -8.20
CA GLN A 58 9.07 3.33 -9.38
C GLN A 58 7.63 3.63 -8.96
N PHE A 59 7.00 4.53 -9.70
CA PHE A 59 5.61 4.90 -9.42
C PHE A 59 4.73 4.72 -10.65
N ARG A 60 3.54 4.16 -10.44
CA ARG A 60 2.61 3.92 -11.54
C ARG A 60 1.20 4.33 -11.13
N MET A 61 0.50 5.02 -12.03
CA MET A 61 -0.86 5.47 -11.77
C MET A 61 -1.83 4.82 -12.75
N MET A 62 -3.03 4.52 -12.26
CA MET A 62 -4.06 3.90 -13.10
C MET A 62 -4.89 4.96 -13.82
N THR A 63 -5.61 4.55 -14.85
CA THR A 63 -6.44 5.47 -15.62
C THR A 63 -7.26 4.71 -16.66
N GLY A 64 -8.49 5.17 -16.89
CA GLY A 64 -9.36 4.53 -17.85
C GLY A 64 -10.17 3.40 -17.26
N ARG A 65 -9.76 2.18 -17.52
CA ARG A 65 -10.45 1.00 -17.00
C ARG A 65 -10.78 1.18 -15.52
N MET A 66 -9.74 1.32 -14.70
CA MET A 66 -9.92 1.50 -13.27
C MET A 66 -9.17 2.72 -12.77
N ARG A 67 -9.87 3.85 -12.69
CA ARG A 67 -9.27 5.10 -12.23
C ARG A 67 -9.29 5.19 -10.71
N GLY A 68 -8.50 6.09 -10.16
CA GLY A 68 -8.44 6.25 -8.72
C GLY A 68 -7.52 5.25 -8.06
N GLN A 69 -6.77 4.51 -8.87
CA GLN A 69 -5.85 3.51 -8.35
C GLN A 69 -4.42 3.77 -8.81
N ALA A 70 -3.46 3.30 -8.03
CA ALA A 70 -2.05 3.49 -8.35
C ALA A 70 -1.20 2.32 -7.84
N PHE A 71 -0.17 1.97 -8.61
CA PHE A 71 0.71 0.88 -8.24
C PHE A 71 2.15 1.37 -8.09
N ILE A 72 2.69 1.22 -6.89
CA ILE A 72 4.07 1.64 -6.62
C ILE A 72 4.99 0.44 -6.45
N THR A 73 6.22 0.58 -6.94
CA THR A 73 7.20 -0.50 -6.84
C THR A 73 8.46 -0.03 -6.13
N PHE A 74 8.61 -0.43 -4.87
CA PHE A 74 9.78 -0.04 -4.08
C PHE A 74 10.95 -0.98 -4.36
N PRO A 75 12.17 -0.47 -4.11
CA PRO A 75 13.40 -1.25 -4.33
C PRO A 75 13.30 -2.67 -3.79
N ASN A 76 12.91 -2.79 -2.52
CA ASN A 76 12.79 -4.09 -1.88
C ASN A 76 11.47 -4.18 -1.10
N LYS A 77 11.06 -5.40 -0.78
CA LYS A 77 9.83 -5.63 -0.03
C LYS A 77 9.90 -4.97 1.34
N GLU A 78 11.05 -5.11 2.00
CA GLU A 78 11.24 -4.53 3.32
C GLU A 78 10.87 -3.05 3.33
N ILE A 79 11.54 -2.28 2.47
CA ILE A 79 11.29 -0.85 2.38
C ILE A 79 9.81 -0.57 2.16
N ALA A 80 9.27 -1.07 1.04
CA ALA A 80 7.87 -0.87 0.72
C ALA A 80 6.99 -1.07 1.95
N TRP A 81 7.05 -2.26 2.53
CA TRP A 81 6.26 -2.58 3.72
C TRP A 81 6.27 -1.42 4.70
N GLN A 82 7.46 -1.07 5.18
CA GLN A 82 7.62 0.02 6.14
C GLN A 82 6.76 1.22 5.73
N ALA A 83 6.82 1.57 4.45
CA ALA A 83 6.05 2.71 3.95
C ALA A 83 4.55 2.44 4.06
N LEU A 84 4.16 1.18 3.90
CA LEU A 84 2.76 0.81 4.00
C LEU A 84 2.21 1.07 5.39
N HIS A 85 2.78 0.39 6.38
CA HIS A 85 2.36 0.55 7.77
C HIS A 85 2.45 2.01 8.20
N LEU A 86 3.47 2.70 7.71
CA LEU A 86 3.68 4.11 8.04
C LEU A 86 2.61 4.99 7.38
N VAL A 87 2.32 4.71 6.12
CA VAL A 87 1.32 5.46 5.38
C VAL A 87 0.03 4.67 5.22
N ASN A 88 -0.37 3.99 6.28
CA ASN A 88 -1.59 3.19 6.27
C ASN A 88 -2.78 4.00 6.76
N GLY A 89 -3.52 4.59 5.82
CA GLY A 89 -4.67 5.40 6.18
C GLY A 89 -4.37 6.88 6.16
N TYR A 90 -3.62 7.32 5.15
CA TYR A 90 -3.27 8.72 5.02
C TYR A 90 -4.33 9.48 4.23
N LYS A 91 -5.07 10.34 4.94
CA LYS A 91 -6.13 11.13 4.32
C LYS A 91 -5.56 12.03 3.23
N LEU A 92 -6.07 11.90 2.01
CA LEU A 92 -5.61 12.71 0.89
C LEU A 92 -6.79 13.22 0.07
N TYR A 93 -6.77 14.50 -0.25
CA TYR A 93 -7.83 15.12 -1.03
C TYR A 93 -9.20 14.74 -0.47
N GLY A 94 -9.35 14.83 0.85
CA GLY A 94 -10.61 14.49 1.48
C GLY A 94 -11.05 13.08 1.17
N LYS A 95 -10.09 12.16 1.04
CA LYS A 95 -10.39 10.77 0.74
C LYS A 95 -9.32 9.85 1.33
N ILE A 96 -9.72 9.04 2.30
CA ILE A 96 -8.80 8.10 2.95
C ILE A 96 -8.04 7.28 1.91
N LEU A 97 -6.79 6.95 2.22
CA LEU A 97 -5.96 6.16 1.32
C LEU A 97 -5.82 4.73 1.82
N VAL A 98 -5.86 3.78 0.90
CA VAL A 98 -5.74 2.37 1.24
C VAL A 98 -4.59 1.72 0.48
N ILE A 99 -3.68 1.09 1.22
CA ILE A 99 -2.53 0.43 0.62
C ILE A 99 -2.65 -1.09 0.76
N GLU A 100 -2.40 -1.79 -0.35
CA GLU A 100 -2.48 -3.25 -0.36
C GLU A 100 -1.31 -3.85 -1.13
N PHE A 101 -0.50 -4.66 -0.45
CA PHE A 101 0.64 -5.29 -1.08
C PHE A 101 0.26 -5.94 -2.40
N GLY A 102 0.79 -5.42 -3.50
CA GLY A 102 0.49 -5.96 -4.80
C GLY A 102 0.44 -7.48 -4.81
N LYS A 103 -0.76 -8.03 -4.97
CA LYS A 103 -0.95 -9.47 -4.99
C LYS A 103 0.23 -10.16 -5.67
N ASN A 104 0.50 -11.40 -5.28
CA ASN A 104 1.60 -12.17 -5.84
C ASN A 104 1.07 -13.32 -6.70
N LYS A 105 1.29 -13.23 -8.01
CA LYS A 105 0.84 -14.26 -8.94
C LYS A 105 1.98 -15.19 -9.30
N LYS A 106 2.78 -15.57 -8.30
CA LYS A 106 3.91 -16.46 -8.52
C LYS A 106 3.82 -17.68 -7.59
N GLN A 107 2.61 -18.19 -7.42
CA GLN A 107 2.39 -19.35 -6.56
C GLN A 107 1.87 -20.54 -7.37
N ARG A 108 2.58 -21.66 -7.27
CA ARG A 108 2.20 -22.87 -8.00
C ARG A 108 3.03 -24.06 -7.56
N SER A 109 2.37 -25.18 -7.31
CA SER A 109 3.06 -26.40 -6.87
C SER A 109 3.58 -27.18 -8.06
N SER A 110 2.77 -27.26 -9.12
CA SER A 110 3.16 -27.99 -10.32
C SER A 110 3.24 -27.05 -11.51
N GLY A 111 4.12 -27.38 -12.46
CA GLY A 111 4.28 -26.55 -13.64
C GLY A 111 5.20 -27.19 -14.67
N PRO A 112 4.62 -28.00 -15.56
CA PRO A 112 5.37 -28.69 -16.62
C PRO A 112 5.72 -27.76 -17.77
N SER A 113 7.01 -27.70 -18.10
CA SER A 113 7.48 -26.85 -19.19
C SER A 113 7.93 -27.68 -20.38
N SER A 114 7.71 -27.15 -21.59
CA SER A 114 8.09 -27.86 -22.80
C SER A 114 8.93 -26.96 -23.71
N GLY A 115 8.38 -25.79 -24.04
CA GLY A 115 9.10 -24.86 -24.89
C GLY A 115 8.20 -24.25 -25.96
N GLY A 1 -36.79 0.67 23.77
CA GLY A 1 -35.44 0.38 23.29
C GLY A 1 -35.45 -0.51 22.07
N SER A 2 -34.57 -0.21 21.11
CA SER A 2 -34.49 -0.99 19.89
C SER A 2 -33.82 -2.34 20.15
N SER A 3 -34.34 -3.38 19.50
CA SER A 3 -33.80 -4.73 19.66
C SER A 3 -33.05 -5.17 18.41
N GLY A 4 -31.76 -4.86 18.37
CA GLY A 4 -30.95 -5.22 17.22
C GLY A 4 -29.49 -4.83 17.40
N SER A 5 -28.61 -5.83 17.49
CA SER A 5 -27.18 -5.58 17.67
C SER A 5 -26.39 -6.09 16.47
N SER A 6 -25.59 -5.22 15.88
CA SER A 6 -24.78 -5.57 14.72
C SER A 6 -23.29 -5.49 15.05
N GLY A 7 -22.50 -6.39 14.47
CA GLY A 7 -21.08 -6.40 14.70
C GLY A 7 -20.68 -7.43 15.73
N GLU A 8 -19.56 -8.12 15.49
CA GLU A 8 -19.07 -9.14 16.40
C GLU A 8 -17.82 -8.66 17.14
N GLU A 9 -17.61 -9.18 18.34
CA GLU A 9 -16.45 -8.80 19.14
C GLU A 9 -16.25 -7.29 19.12
N ILE A 10 -17.34 -6.55 19.16
CA ILE A 10 -17.29 -5.09 19.15
C ILE A 10 -17.22 -4.53 20.56
N ARG A 11 -16.45 -5.20 21.42
CA ARG A 11 -16.29 -4.76 22.80
C ARG A 11 -15.89 -3.29 22.86
N LYS A 12 -14.96 -2.89 22.00
CA LYS A 12 -14.49 -1.52 21.96
C LYS A 12 -14.71 -0.91 20.58
N ILE A 13 -14.10 -1.50 19.57
CA ILE A 13 -14.24 -1.01 18.20
C ILE A 13 -15.44 -1.64 17.52
N PRO A 14 -16.25 -0.80 16.85
CA PRO A 14 -17.44 -1.26 16.13
C PRO A 14 -17.10 -1.93 14.79
N MET A 15 -16.29 -1.24 13.98
CA MET A 15 -15.89 -1.76 12.69
C MET A 15 -15.17 -3.10 12.84
N PHE A 16 -13.97 -3.06 13.39
CA PHE A 16 -13.18 -4.27 13.59
C PHE A 16 -12.98 -5.02 12.28
N SER A 17 -12.86 -4.26 11.19
CA SER A 17 -12.67 -4.85 9.86
C SER A 17 -12.06 -3.83 8.90
N SER A 18 -10.82 -4.09 8.49
CA SER A 18 -10.13 -3.20 7.57
C SER A 18 -9.56 -3.98 6.38
N TYR A 19 -9.04 -3.25 5.40
CA TYR A 19 -8.48 -3.86 4.20
C TYR A 19 -7.43 -4.91 4.58
N ASN A 20 -7.03 -5.72 3.61
CA ASN A 20 -6.04 -6.75 3.83
C ASN A 20 -4.82 -6.55 2.93
N PRO A 21 -3.69 -6.19 3.53
CA PRO A 21 -2.44 -5.95 2.80
C PRO A 21 -1.79 -7.26 2.32
N GLY A 22 -1.84 -8.27 3.17
CA GLY A 22 -1.25 -9.55 2.82
C GLY A 22 0.15 -9.72 3.36
N GLU A 23 1.08 -10.12 2.49
CA GLU A 23 2.47 -10.31 2.88
C GLU A 23 3.36 -9.20 2.34
N PRO A 24 4.24 -8.67 3.20
CA PRO A 24 5.16 -7.59 2.81
C PRO A 24 5.86 -7.87 1.49
N ASN A 25 5.56 -7.06 0.49
CA ASN A 25 6.16 -7.21 -0.83
C ASN A 25 6.79 -5.91 -1.30
N LYS A 26 7.41 -5.95 -2.48
CA LYS A 26 8.05 -4.77 -3.05
C LYS A 26 7.03 -3.85 -3.72
N VAL A 27 5.95 -4.45 -4.20
CA VAL A 27 4.89 -3.69 -4.87
C VAL A 27 3.77 -3.33 -3.89
N LEU A 28 3.28 -2.09 -4.00
CA LEU A 28 2.22 -1.62 -3.13
C LEU A 28 1.03 -1.11 -3.94
N TYR A 29 -0.10 -1.80 -3.85
CA TYR A 29 -1.30 -1.40 -4.58
C TYR A 29 -2.13 -0.41 -3.76
N LEU A 30 -2.07 0.86 -4.14
CA LEU A 30 -2.81 1.91 -3.45
C LEU A 30 -4.17 2.13 -4.11
N LYS A 31 -5.14 2.56 -3.31
CA LYS A 31 -6.48 2.82 -3.82
C LYS A 31 -7.09 4.06 -3.17
N ASN A 32 -8.35 4.33 -3.48
CA ASN A 32 -9.03 5.50 -2.92
C ASN A 32 -8.28 6.79 -3.26
N LEU A 33 -7.92 6.94 -4.53
CA LEU A 33 -7.21 8.13 -4.99
C LEU A 33 -8.14 9.07 -5.74
N SER A 34 -8.20 10.31 -5.31
CA SER A 34 -9.05 11.31 -5.94
C SER A 34 -8.54 11.65 -7.34
N PRO A 35 -9.48 11.91 -8.26
CA PRO A 35 -9.15 12.25 -9.65
C PRO A 35 -8.03 13.27 -9.74
N ARG A 36 -7.90 14.10 -8.71
CA ARG A 36 -6.85 15.12 -8.69
C ARG A 36 -5.49 14.49 -8.42
N VAL A 37 -5.46 13.50 -7.55
CA VAL A 37 -4.22 12.81 -7.21
C VAL A 37 -3.35 12.59 -8.45
N THR A 38 -2.04 12.64 -8.27
CA THR A 38 -1.11 12.45 -9.37
C THR A 38 0.19 11.82 -8.89
N GLU A 39 0.93 11.20 -9.81
CA GLU A 39 2.20 10.57 -9.47
C GLU A 39 2.99 11.42 -8.49
N ARG A 40 2.84 12.73 -8.60
CA ARG A 40 3.55 13.66 -7.72
C ARG A 40 3.17 13.42 -6.26
N ASP A 41 1.87 13.53 -5.97
CA ASP A 41 1.38 13.34 -4.61
C ASP A 41 1.99 12.08 -3.99
N LEU A 42 1.96 10.99 -4.73
CA LEU A 42 2.50 9.72 -4.25
C LEU A 42 3.98 9.87 -3.89
N VAL A 43 4.76 10.41 -4.82
CA VAL A 43 6.18 10.61 -4.61
C VAL A 43 6.45 11.22 -3.23
N SER A 44 5.70 12.27 -2.91
CA SER A 44 5.86 12.95 -1.63
C SER A 44 5.43 12.04 -0.48
N LEU A 45 4.37 11.27 -0.70
CA LEU A 45 3.87 10.35 0.32
C LEU A 45 4.95 9.40 0.78
N PHE A 46 5.83 9.01 -0.14
CA PHE A 46 6.92 8.09 0.18
C PHE A 46 8.26 8.67 -0.26
N ALA A 47 8.38 9.99 -0.21
CA ALA A 47 9.61 10.67 -0.61
C ALA A 47 10.73 10.42 0.40
N ARG A 48 10.43 10.68 1.67
CA ARG A 48 11.42 10.48 2.73
C ARG A 48 12.22 9.20 2.51
N PHE A 49 11.51 8.12 2.25
CA PHE A 49 12.16 6.83 2.02
C PHE A 49 13.20 6.93 0.91
N GLN A 50 12.76 7.37 -0.27
CA GLN A 50 13.65 7.52 -1.41
C GLN A 50 14.96 8.17 -1.00
N GLU A 51 15.99 7.34 -0.82
CA GLU A 51 17.30 7.84 -0.42
C GLU A 51 18.32 7.66 -1.55
N LYS A 52 19.57 7.99 -1.27
CA LYS A 52 20.63 7.87 -2.25
C LYS A 52 20.73 6.43 -2.77
N LYS A 53 20.71 5.48 -1.85
CA LYS A 53 20.80 4.07 -2.21
C LYS A 53 19.53 3.62 -2.93
N GLY A 54 19.53 2.36 -3.40
CA GLY A 54 18.38 1.83 -4.10
C GLY A 54 17.99 2.67 -5.30
N PRO A 55 17.29 2.06 -6.25
CA PRO A 55 16.84 2.73 -7.48
C PRO A 55 15.66 3.66 -7.23
N PRO A 56 15.61 4.77 -7.97
CA PRO A 56 14.54 5.77 -7.85
C PRO A 56 13.16 5.12 -7.80
N ILE A 57 12.56 5.11 -6.60
CA ILE A 57 11.24 4.53 -6.42
C ILE A 57 10.37 4.74 -7.65
N GLN A 58 9.76 3.66 -8.13
CA GLN A 58 8.91 3.72 -9.31
C GLN A 58 7.45 3.95 -8.91
N PHE A 59 6.77 4.81 -9.65
CA PHE A 59 5.36 5.12 -9.36
C PHE A 59 4.50 4.94 -10.62
N ARG A 60 3.35 4.31 -10.45
CA ARG A 60 2.44 4.08 -11.56
C ARG A 60 1.01 4.43 -11.18
N MET A 61 0.40 5.33 -11.94
CA MET A 61 -0.97 5.76 -11.68
C MET A 61 -1.91 5.25 -12.76
N MET A 62 -3.04 4.68 -12.34
CA MET A 62 -4.02 4.16 -13.28
C MET A 62 -4.95 5.27 -13.78
N THR A 63 -4.93 5.49 -15.09
CA THR A 63 -5.76 6.53 -15.70
C THR A 63 -6.32 6.07 -17.04
N GLY A 64 -7.55 6.49 -17.34
CA GLY A 64 -8.18 6.11 -18.59
C GLY A 64 -9.47 5.34 -18.38
N ARG A 65 -9.33 4.03 -18.16
CA ARG A 65 -10.50 3.17 -17.95
C ARG A 65 -11.17 3.48 -16.61
N MET A 66 -10.38 3.45 -15.54
CA MET A 66 -10.89 3.74 -14.21
C MET A 66 -9.78 4.23 -13.29
N ARG A 67 -9.93 5.46 -12.79
CA ARG A 67 -8.94 6.05 -11.90
C ARG A 67 -9.22 5.67 -10.45
N GLY A 68 -8.33 6.08 -9.55
CA GLY A 68 -8.49 5.77 -8.14
C GLY A 68 -7.52 4.72 -7.66
N GLN A 69 -6.99 3.93 -8.60
CA GLN A 69 -6.05 2.87 -8.25
C GLN A 69 -4.66 3.19 -8.81
N ALA A 70 -3.63 2.86 -8.03
CA ALA A 70 -2.25 3.10 -8.44
C ALA A 70 -1.32 2.00 -7.93
N PHE A 71 -0.22 1.80 -8.64
CA PHE A 71 0.74 0.78 -8.25
C PHE A 71 2.14 1.38 -8.11
N ILE A 72 2.74 1.19 -6.94
CA ILE A 72 4.07 1.72 -6.67
C ILE A 72 5.06 0.59 -6.38
N THR A 73 6.26 0.70 -6.95
CA THR A 73 7.30 -0.31 -6.75
C THR A 73 8.47 0.26 -5.97
N PHE A 74 8.87 -0.44 -4.92
CA PHE A 74 9.99 -0.01 -4.08
C PHE A 74 11.20 -0.92 -4.28
N PRO A 75 12.38 -0.39 -3.97
CA PRO A 75 13.64 -1.14 -4.10
C PRO A 75 13.51 -2.57 -3.60
N ASN A 76 12.72 -2.76 -2.54
CA ASN A 76 12.52 -4.09 -1.97
C ASN A 76 11.23 -4.13 -1.15
N LYS A 77 10.97 -5.27 -0.53
CA LYS A 77 9.77 -5.44 0.29
C LYS A 77 9.88 -4.66 1.59
N GLU A 78 11.03 -4.76 2.24
CA GLU A 78 11.26 -4.05 3.49
C GLU A 78 10.74 -2.62 3.43
N ILE A 79 11.36 -1.81 2.57
CA ILE A 79 10.96 -0.42 2.40
C ILE A 79 9.46 -0.32 2.15
N ALA A 80 9.02 -0.77 0.98
CA ALA A 80 7.61 -0.73 0.61
C ALA A 80 6.73 -0.98 1.82
N TRP A 81 6.93 -2.13 2.47
CA TRP A 81 6.15 -2.50 3.64
C TRP A 81 6.09 -1.34 4.64
N GLN A 82 7.26 -0.89 5.07
CA GLN A 82 7.35 0.20 6.03
C GLN A 82 6.50 1.39 5.58
N ALA A 83 6.55 1.69 4.29
CA ALA A 83 5.79 2.80 3.73
C ALA A 83 4.29 2.54 3.83
N LEU A 84 3.90 1.28 3.59
CA LEU A 84 2.49 0.90 3.65
C LEU A 84 1.92 1.14 5.04
N HIS A 85 2.49 0.48 6.04
CA HIS A 85 2.04 0.63 7.42
C HIS A 85 2.22 2.07 7.89
N LEU A 86 3.28 2.71 7.43
CA LEU A 86 3.56 4.09 7.81
C LEU A 86 2.51 5.03 7.24
N VAL A 87 2.11 4.79 6.00
CA VAL A 87 1.12 5.62 5.34
C VAL A 87 -0.22 4.89 5.22
N ASN A 88 -0.51 4.05 6.20
CA ASN A 88 -1.75 3.28 6.21
C ASN A 88 -2.93 4.18 6.60
N GLY A 89 -3.96 4.20 5.75
CA GLY A 89 -5.12 5.01 6.03
C GLY A 89 -4.81 6.50 6.03
N TYR A 90 -3.94 6.92 5.12
CA TYR A 90 -3.56 8.33 5.03
C TYR A 90 -4.63 9.14 4.31
N LYS A 91 -5.11 10.19 4.96
CA LYS A 91 -6.13 11.05 4.39
C LYS A 91 -5.53 12.01 3.36
N LEU A 92 -6.02 11.94 2.13
CA LEU A 92 -5.53 12.80 1.06
C LEU A 92 -6.67 13.55 0.41
N TYR A 93 -6.41 14.80 0.01
CA TYR A 93 -7.43 15.62 -0.63
C TYR A 93 -8.80 15.41 0.00
N GLY A 94 -8.80 15.14 1.30
CA GLY A 94 -10.06 14.92 2.01
C GLY A 94 -10.67 13.58 1.67
N LYS A 95 -9.87 12.53 1.70
CA LYS A 95 -10.35 11.18 1.39
C LYS A 95 -9.33 10.13 1.84
N ILE A 96 -9.77 9.24 2.72
CA ILE A 96 -8.90 8.18 3.23
C ILE A 96 -8.24 7.42 2.08
N LEU A 97 -6.99 7.04 2.27
CA LEU A 97 -6.24 6.30 1.25
C LEU A 97 -6.00 4.85 1.70
N VAL A 98 -6.06 3.94 0.74
CA VAL A 98 -5.85 2.52 1.03
C VAL A 98 -4.55 2.02 0.39
N ILE A 99 -3.85 1.14 1.09
CA ILE A 99 -2.60 0.59 0.59
C ILE A 99 -2.55 -0.92 0.80
N GLU A 100 -2.10 -1.65 -0.22
CA GLU A 100 -2.00 -3.10 -0.14
C GLU A 100 -0.70 -3.59 -0.78
N PHE A 101 -0.49 -4.90 -0.75
CA PHE A 101 0.71 -5.50 -1.33
C PHE A 101 0.39 -6.19 -2.65
N GLY A 102 1.22 -5.94 -3.66
CA GLY A 102 1.00 -6.55 -4.96
C GLY A 102 2.05 -7.59 -5.29
N LYS A 103 1.63 -8.66 -5.97
CA LYS A 103 2.55 -9.73 -6.34
C LYS A 103 2.44 -10.03 -7.84
N ASN A 104 3.52 -10.57 -8.40
CA ASN A 104 3.55 -10.91 -9.81
C ASN A 104 3.54 -12.43 -10.01
N LYS A 105 4.41 -13.12 -9.28
CA LYS A 105 4.51 -14.56 -9.38
C LYS A 105 5.05 -15.15 -8.08
N LYS A 106 4.33 -16.12 -7.52
CA LYS A 106 4.75 -16.77 -6.28
C LYS A 106 5.79 -17.86 -6.56
N GLN A 107 6.77 -17.53 -7.40
CA GLN A 107 7.81 -18.49 -7.75
C GLN A 107 9.18 -17.96 -7.32
N ARG A 108 10.09 -18.87 -7.02
CA ARG A 108 11.44 -18.50 -6.61
C ARG A 108 12.48 -19.10 -7.54
N SER A 109 12.32 -20.38 -7.87
CA SER A 109 13.24 -21.08 -8.76
C SER A 109 14.69 -20.81 -8.34
N SER A 110 14.95 -20.88 -7.04
CA SER A 110 16.29 -20.64 -6.51
C SER A 110 17.23 -21.76 -6.92
N GLY A 111 18.37 -21.39 -7.52
CA GLY A 111 19.34 -22.37 -7.94
C GLY A 111 19.98 -22.00 -9.27
N PRO A 112 21.12 -21.29 -9.20
CA PRO A 112 21.85 -20.87 -10.40
C PRO A 112 22.66 -22.00 -11.02
N SER A 113 22.25 -22.42 -12.22
CA SER A 113 22.93 -23.50 -12.92
C SER A 113 24.43 -23.22 -13.03
N SER A 114 25.22 -23.99 -12.29
CA SER A 114 26.67 -23.83 -12.30
C SER A 114 27.32 -24.76 -13.32
N GLY A 115 28.31 -24.25 -14.03
CA GLY A 115 29.00 -25.05 -15.03
C GLY A 115 30.25 -24.37 -15.56
N GLY A 1 -34.04 -11.92 29.58
CA GLY A 1 -32.83 -12.66 29.26
C GLY A 1 -32.07 -12.07 28.08
N SER A 2 -31.86 -10.75 28.13
CA SER A 2 -31.15 -10.06 27.06
C SER A 2 -29.68 -10.51 27.00
N SER A 3 -29.41 -11.47 26.13
CA SER A 3 -28.06 -11.99 25.97
C SER A 3 -27.76 -12.32 24.51
N GLY A 4 -26.48 -12.46 24.19
CA GLY A 4 -26.09 -12.77 22.83
C GLY A 4 -24.85 -12.02 22.39
N SER A 5 -24.13 -12.58 21.42
CA SER A 5 -22.91 -11.95 20.92
C SER A 5 -22.82 -12.09 19.40
N SER A 6 -22.05 -11.20 18.78
CA SER A 6 -21.89 -11.21 17.33
C SER A 6 -20.49 -10.73 16.94
N GLY A 7 -19.71 -11.62 16.33
CA GLY A 7 -18.36 -11.26 15.91
C GLY A 7 -17.37 -12.38 16.17
N GLU A 8 -16.88 -12.98 15.10
CA GLU A 8 -15.91 -14.07 15.21
C GLU A 8 -14.48 -13.54 15.13
N GLU A 9 -14.27 -12.55 14.27
CA GLU A 9 -12.95 -11.95 14.09
C GLU A 9 -12.79 -10.72 15.00
N ILE A 10 -13.91 -10.16 15.42
CA ILE A 10 -13.89 -8.98 16.27
C ILE A 10 -14.18 -9.34 17.72
N ARG A 11 -13.82 -8.45 18.64
CA ARG A 11 -14.05 -8.68 20.07
C ARG A 11 -15.11 -7.72 20.61
N LYS A 12 -14.85 -6.43 20.45
CA LYS A 12 -15.77 -5.41 20.93
C LYS A 12 -16.38 -4.63 19.76
N ILE A 13 -15.51 -4.07 18.92
CA ILE A 13 -15.97 -3.31 17.76
C ILE A 13 -15.93 -4.15 16.50
N PRO A 14 -17.03 -4.11 15.73
CA PRO A 14 -17.15 -4.87 14.48
C PRO A 14 -16.39 -4.21 13.32
N MET A 15 -16.49 -2.89 13.23
CA MET A 15 -15.82 -2.14 12.18
C MET A 15 -14.35 -1.90 12.54
N PHE A 16 -13.70 -2.93 13.06
CA PHE A 16 -12.29 -2.83 13.45
C PHE A 16 -11.39 -3.00 12.24
N SER A 17 -11.60 -4.08 11.50
CA SER A 17 -10.80 -4.36 10.32
C SER A 17 -11.60 -4.13 9.03
N SER A 18 -11.61 -2.88 8.57
CA SER A 18 -12.35 -2.52 7.36
C SER A 18 -11.66 -3.10 6.12
N TYR A 19 -10.37 -2.82 5.99
CA TYR A 19 -9.61 -3.31 4.85
C TYR A 19 -8.30 -3.95 5.30
N ASN A 20 -7.97 -5.09 4.71
CA ASN A 20 -6.74 -5.81 5.06
C ASN A 20 -5.67 -5.61 3.98
N PRO A 21 -4.43 -5.37 4.42
CA PRO A 21 -3.30 -5.15 3.50
C PRO A 21 -2.76 -6.47 2.95
N GLY A 22 -2.46 -7.41 3.84
CA GLY A 22 -1.93 -8.69 3.41
C GLY A 22 -0.50 -8.91 3.86
N GLU A 23 0.19 -9.83 3.20
CA GLU A 23 1.57 -10.14 3.54
C GLU A 23 2.52 -9.13 2.91
N PRO A 24 3.50 -8.65 3.72
CA PRO A 24 4.48 -7.67 3.25
C PRO A 24 5.08 -8.04 1.90
N ASN A 25 4.96 -7.13 0.94
CA ASN A 25 5.48 -7.35 -0.40
C ASN A 25 6.31 -6.16 -0.87
N LYS A 26 6.81 -6.24 -2.10
CA LYS A 26 7.62 -5.17 -2.66
C LYS A 26 6.79 -4.27 -3.57
N VAL A 27 5.59 -4.75 -3.93
CA VAL A 27 4.70 -4.00 -4.80
C VAL A 27 3.46 -3.54 -4.03
N LEU A 28 3.31 -2.23 -3.88
CA LEU A 28 2.17 -1.66 -3.18
C LEU A 28 1.12 -1.15 -4.16
N TYR A 29 -0.14 -1.39 -3.83
CA TYR A 29 -1.24 -0.95 -4.68
C TYR A 29 -2.20 -0.02 -3.92
N LEU A 30 -2.09 1.27 -4.20
CA LEU A 30 -2.94 2.26 -3.54
C LEU A 30 -4.26 2.43 -4.28
N LYS A 31 -5.30 2.80 -3.54
CA LYS A 31 -6.62 2.98 -4.13
C LYS A 31 -7.31 4.20 -3.52
N ASN A 32 -8.56 4.43 -3.92
CA ASN A 32 -9.33 5.56 -3.42
C ASN A 32 -8.57 6.87 -3.63
N LEU A 33 -8.15 7.10 -4.87
CA LEU A 33 -7.42 8.32 -5.21
C LEU A 33 -8.26 9.24 -6.08
N SER A 34 -8.78 10.31 -5.47
CA SER A 34 -9.62 11.26 -6.21
C SER A 34 -8.96 11.66 -7.53
N PRO A 35 -9.79 11.86 -8.56
CA PRO A 35 -9.33 12.24 -9.90
C PRO A 35 -8.30 13.36 -9.86
N ARG A 36 -8.26 14.07 -8.74
CA ARG A 36 -7.32 15.17 -8.57
C ARG A 36 -5.92 14.65 -8.25
N VAL A 37 -5.86 13.57 -7.49
CA VAL A 37 -4.58 12.97 -7.11
C VAL A 37 -3.64 12.86 -8.32
N THR A 38 -2.34 12.89 -8.05
CA THR A 38 -1.35 12.80 -9.11
C THR A 38 0.00 12.34 -8.56
N GLU A 39 0.90 11.95 -9.46
CA GLU A 39 2.22 11.49 -9.07
C GLU A 39 2.71 12.24 -7.83
N ARG A 40 2.74 13.56 -7.93
CA ARG A 40 3.20 14.40 -6.83
C ARG A 40 2.75 13.83 -5.49
N ASP A 41 1.48 13.46 -5.42
CA ASP A 41 0.92 12.89 -4.19
C ASP A 41 1.71 11.67 -3.74
N LEU A 42 1.77 10.66 -4.60
CA LEU A 42 2.50 9.43 -4.29
C LEU A 42 3.96 9.73 -3.97
N VAL A 43 4.62 10.48 -4.86
CA VAL A 43 6.01 10.84 -4.67
C VAL A 43 6.23 11.47 -3.30
N SER A 44 5.51 12.56 -3.03
CA SER A 44 5.63 13.27 -1.76
C SER A 44 5.30 12.34 -0.59
N LEU A 45 4.30 11.49 -0.78
CA LEU A 45 3.88 10.56 0.26
C LEU A 45 5.03 9.61 0.63
N PHE A 46 5.75 9.16 -0.39
CA PHE A 46 6.88 8.25 -0.18
C PHE A 46 8.16 8.82 -0.77
N ALA A 47 8.43 10.09 -0.47
CA ALA A 47 9.63 10.74 -0.98
C ALA A 47 10.84 10.43 -0.10
N ARG A 48 10.73 10.75 1.18
CA ARG A 48 11.82 10.50 2.13
C ARG A 48 12.44 9.14 1.89
N PHE A 49 11.59 8.12 1.73
CA PHE A 49 12.07 6.76 1.50
C PHE A 49 13.16 6.73 0.45
N GLN A 50 12.97 7.51 -0.62
CA GLN A 50 13.94 7.57 -1.70
C GLN A 50 15.30 8.02 -1.18
N GLU A 51 16.14 7.05 -0.83
CA GLU A 51 17.48 7.35 -0.32
C GLU A 51 18.53 7.04 -1.37
N LYS A 52 19.80 7.28 -1.01
CA LYS A 52 20.90 7.03 -1.92
C LYS A 52 21.11 5.54 -2.14
N LYS A 53 21.21 4.79 -1.04
CA LYS A 53 21.39 3.34 -1.11
C LYS A 53 20.33 2.70 -2.00
N GLY A 54 19.06 2.89 -1.64
CA GLY A 54 17.97 2.33 -2.42
C GLY A 54 17.68 3.13 -3.68
N PRO A 55 17.93 2.51 -4.84
CA PRO A 55 17.70 3.15 -6.14
C PRO A 55 16.36 3.87 -6.19
N PRO A 56 16.25 4.85 -7.11
CA PRO A 56 15.03 5.64 -7.29
C PRO A 56 13.78 4.77 -7.31
N ILE A 57 12.86 5.03 -6.39
CA ILE A 57 11.62 4.27 -6.32
C ILE A 57 10.75 4.49 -7.56
N GLN A 58 10.12 3.43 -8.03
CA GLN A 58 9.27 3.51 -9.22
C GLN A 58 7.81 3.67 -8.81
N PHE A 59 7.11 4.56 -9.52
CA PHE A 59 5.70 4.82 -9.24
C PHE A 59 4.84 4.51 -10.46
N ARG A 60 3.59 4.14 -10.22
CA ARG A 60 2.66 3.81 -11.30
C ARG A 60 1.26 4.33 -10.98
N MET A 61 0.71 5.12 -11.89
CA MET A 61 -0.62 5.68 -11.71
C MET A 61 -1.60 5.09 -12.74
N MET A 62 -2.77 4.70 -12.26
CA MET A 62 -3.79 4.12 -13.12
C MET A 62 -4.66 5.21 -13.75
N THR A 63 -5.32 4.88 -14.86
CA THR A 63 -6.18 5.84 -15.54
C THR A 63 -7.13 5.13 -16.49
N GLY A 64 -8.37 5.60 -16.55
CA GLY A 64 -9.36 5.00 -17.42
C GLY A 64 -10.74 4.96 -16.80
N ARG A 65 -11.56 4.01 -17.25
CA ARG A 65 -12.91 3.87 -16.74
C ARG A 65 -12.91 3.76 -15.21
N MET A 66 -12.13 2.81 -14.70
CA MET A 66 -12.04 2.60 -13.26
C MET A 66 -10.76 3.22 -12.70
N ARG A 67 -10.80 4.53 -12.46
CA ARG A 67 -9.64 5.24 -11.93
C ARG A 67 -9.68 5.28 -10.41
N GLY A 68 -8.63 5.85 -9.81
CA GLY A 68 -8.56 5.93 -8.36
C GLY A 68 -7.63 4.90 -7.76
N GLN A 69 -6.79 4.31 -8.60
CA GLN A 69 -5.84 3.30 -8.15
C GLN A 69 -4.44 3.58 -8.70
N ALA A 70 -3.43 3.15 -7.96
CA ALA A 70 -2.05 3.35 -8.37
C ALA A 70 -1.13 2.28 -7.78
N PHE A 71 -0.06 1.97 -8.49
CA PHE A 71 0.89 0.95 -8.04
C PHE A 71 2.25 1.58 -7.73
N ILE A 72 3.00 0.96 -6.83
CA ILE A 72 4.31 1.45 -6.46
C ILE A 72 5.30 0.30 -6.30
N THR A 73 6.55 0.53 -6.71
CA THR A 73 7.59 -0.47 -6.61
C THR A 73 8.80 0.06 -5.84
N PHE A 74 9.15 -0.63 -4.76
CA PHE A 74 10.28 -0.23 -3.93
C PHE A 74 11.47 -1.15 -4.17
N PRO A 75 12.68 -0.64 -3.86
CA PRO A 75 13.92 -1.40 -4.03
C PRO A 75 13.81 -2.82 -3.49
N ASN A 76 13.10 -2.98 -2.38
CA ASN A 76 12.92 -4.29 -1.76
C ASN A 76 11.58 -4.37 -1.05
N LYS A 77 11.26 -5.56 -0.54
CA LYS A 77 10.00 -5.78 0.16
C LYS A 77 10.01 -5.08 1.52
N GLU A 78 11.20 -4.94 2.10
CA GLU A 78 11.35 -4.29 3.40
C GLU A 78 10.84 -2.86 3.35
N ILE A 79 11.49 -2.03 2.54
CA ILE A 79 11.11 -0.63 2.39
C ILE A 79 9.62 -0.50 2.12
N ALA A 80 9.16 -1.13 1.04
CA ALA A 80 7.75 -1.08 0.67
C ALA A 80 6.85 -1.20 1.90
N TRP A 81 6.96 -2.32 2.59
CA TRP A 81 6.16 -2.56 3.78
C TRP A 81 6.20 -1.36 4.72
N GLN A 82 7.39 -1.04 5.22
CA GLN A 82 7.57 0.09 6.13
C GLN A 82 6.79 1.31 5.64
N ALA A 83 6.85 1.55 4.33
CA ALA A 83 6.15 2.68 3.73
C ALA A 83 4.63 2.55 3.92
N LEU A 84 4.12 1.34 3.72
CA LEU A 84 2.69 1.09 3.87
C LEU A 84 2.24 1.34 5.30
N HIS A 85 2.84 0.63 6.24
CA HIS A 85 2.50 0.79 7.66
C HIS A 85 2.65 2.23 8.09
N LEU A 86 3.58 2.95 7.48
CA LEU A 86 3.82 4.35 7.81
C LEU A 86 2.77 5.25 7.17
N VAL A 87 2.35 4.90 5.95
CA VAL A 87 1.35 5.66 5.24
C VAL A 87 0.05 4.88 5.10
N ASN A 88 -0.30 4.14 6.15
CA ASN A 88 -1.51 3.34 6.15
C ASN A 88 -2.72 4.19 6.51
N GLY A 89 -3.73 4.19 5.64
CA GLY A 89 -4.93 4.97 5.89
C GLY A 89 -4.65 6.45 5.93
N TYR A 90 -3.84 6.93 5.00
CA TYR A 90 -3.48 8.34 4.95
C TYR A 90 -4.60 9.15 4.31
N LYS A 91 -4.93 10.29 4.91
CA LYS A 91 -5.99 11.16 4.41
C LYS A 91 -5.44 12.13 3.37
N LEU A 92 -5.96 12.04 2.15
CA LEU A 92 -5.52 12.92 1.07
C LEU A 92 -6.72 13.49 0.32
N TYR A 93 -6.81 14.82 0.30
CA TYR A 93 -7.91 15.50 -0.39
C TYR A 93 -9.26 14.97 0.09
N GLY A 94 -9.37 14.75 1.39
CA GLY A 94 -10.61 14.25 1.96
C GLY A 94 -10.92 12.82 1.52
N LYS A 95 -9.87 12.04 1.28
CA LYS A 95 -10.02 10.66 0.85
C LYS A 95 -9.10 9.74 1.63
N ILE A 96 -9.65 8.65 2.17
CA ILE A 96 -8.88 7.69 2.94
C ILE A 96 -8.06 6.79 2.01
N LEU A 97 -6.82 7.20 1.75
CA LEU A 97 -5.93 6.43 0.88
C LEU A 97 -5.68 5.05 1.47
N VAL A 98 -6.13 4.02 0.77
CA VAL A 98 -5.95 2.64 1.21
C VAL A 98 -4.81 1.97 0.46
N ILE A 99 -3.88 1.38 1.21
CA ILE A 99 -2.74 0.71 0.61
C ILE A 99 -2.90 -0.81 0.69
N GLU A 100 -2.77 -1.47 -0.45
CA GLU A 100 -2.90 -2.92 -0.51
C GLU A 100 -1.70 -3.55 -1.23
N PHE A 101 -1.05 -4.49 -0.56
CA PHE A 101 0.11 -5.17 -1.13
C PHE A 101 -0.25 -5.87 -2.44
N GLY A 102 0.76 -6.13 -3.27
CA GLY A 102 0.52 -6.79 -4.54
C GLY A 102 -0.55 -7.86 -4.45
N LYS A 103 -1.71 -7.59 -5.04
CA LYS A 103 -2.81 -8.54 -5.02
C LYS A 103 -2.34 -9.95 -5.39
N ASN A 104 -1.52 -10.03 -6.44
CA ASN A 104 -0.99 -11.32 -6.89
C ASN A 104 0.50 -11.41 -6.61
N LYS A 105 0.97 -12.63 -6.35
CA LYS A 105 2.38 -12.87 -6.06
C LYS A 105 2.99 -13.83 -7.07
N LYS A 106 2.26 -14.90 -7.37
CA LYS A 106 2.72 -15.90 -8.32
C LYS A 106 3.49 -15.25 -9.47
N GLN A 107 4.76 -15.63 -9.61
CA GLN A 107 5.60 -15.08 -10.67
C GLN A 107 6.64 -16.09 -11.12
N ARG A 108 6.93 -16.10 -12.41
CA ARG A 108 7.92 -17.02 -12.97
C ARG A 108 9.12 -16.27 -13.52
N SER A 109 10.32 -16.73 -13.17
CA SER A 109 11.55 -16.10 -13.62
C SER A 109 12.12 -16.83 -14.82
N SER A 110 13.06 -16.18 -15.51
CA SER A 110 13.69 -16.78 -16.68
C SER A 110 15.20 -16.92 -16.49
N GLY A 111 15.71 -18.10 -16.80
CA GLY A 111 17.14 -18.34 -16.65
C GLY A 111 17.93 -17.93 -17.87
N PRO A 112 19.25 -17.72 -17.68
CA PRO A 112 20.14 -17.31 -18.77
C PRO A 112 20.51 -18.47 -19.68
N SER A 113 20.24 -18.33 -20.96
CA SER A 113 20.56 -19.38 -21.94
C SER A 113 21.26 -18.80 -23.16
N SER A 114 22.34 -19.45 -23.59
CA SER A 114 23.10 -19.00 -24.75
C SER A 114 22.37 -19.33 -26.04
N GLY A 115 22.07 -18.32 -26.84
CA GLY A 115 21.39 -18.53 -28.09
C GLY A 115 20.07 -17.78 -28.17
N GLY A 1 -32.83 -10.99 30.44
CA GLY A 1 -33.64 -10.41 29.38
C GLY A 1 -33.22 -9.00 29.04
N SER A 2 -32.23 -8.86 28.17
CA SER A 2 -31.73 -7.55 27.76
C SER A 2 -31.27 -7.57 26.31
N SER A 3 -31.17 -6.38 25.71
CA SER A 3 -30.75 -6.26 24.32
C SER A 3 -29.42 -5.50 24.22
N GLY A 4 -28.67 -5.79 23.16
CA GLY A 4 -27.39 -5.13 22.97
C GLY A 4 -26.58 -5.76 21.86
N SER A 5 -26.97 -5.49 20.61
CA SER A 5 -26.27 -6.05 19.46
C SER A 5 -25.82 -4.94 18.51
N SER A 6 -24.62 -4.41 18.76
CA SER A 6 -24.08 -3.34 17.94
C SER A 6 -22.85 -3.82 17.18
N GLY A 7 -22.85 -3.58 15.87
CA GLY A 7 -21.72 -3.99 15.04
C GLY A 7 -21.80 -5.45 14.63
N GLU A 8 -22.09 -5.69 13.36
CA GLU A 8 -22.20 -7.05 12.85
C GLU A 8 -20.86 -7.78 12.94
N GLU A 9 -19.85 -7.22 12.27
CA GLU A 9 -18.51 -7.83 12.28
C GLU A 9 -17.61 -7.11 13.28
N ILE A 10 -17.61 -5.78 13.23
CA ILE A 10 -16.78 -4.99 14.12
C ILE A 10 -17.13 -5.27 15.59
N ARG A 11 -16.25 -4.85 16.49
CA ARG A 11 -16.46 -5.05 17.91
C ARG A 11 -16.41 -3.72 18.67
N LYS A 12 -15.41 -2.91 18.38
CA LYS A 12 -15.25 -1.62 19.03
C LYS A 12 -15.10 -0.51 17.99
N ILE A 13 -14.22 -0.73 17.01
CA ILE A 13 -13.99 0.25 15.97
C ILE A 13 -14.66 -0.16 14.66
N PRO A 14 -15.82 0.45 14.37
CA PRO A 14 -16.58 0.16 13.16
C PRO A 14 -15.70 0.07 11.92
N MET A 15 -14.51 0.67 12.00
CA MET A 15 -13.57 0.66 10.89
C MET A 15 -12.39 -0.27 11.19
N PHE A 16 -12.68 -1.45 11.70
CA PHE A 16 -11.65 -2.42 12.04
C PHE A 16 -11.45 -3.42 10.89
N SER A 17 -12.56 -3.90 10.35
CA SER A 17 -12.51 -4.86 9.25
C SER A 17 -13.04 -4.24 7.96
N SER A 18 -12.13 -3.64 7.19
CA SER A 18 -12.49 -3.01 5.92
C SER A 18 -11.75 -3.66 4.76
N TYR A 19 -10.44 -3.79 4.89
CA TYR A 19 -9.62 -4.39 3.85
C TYR A 19 -8.33 -4.95 4.42
N ASN A 20 -7.65 -5.78 3.64
CA ASN A 20 -6.40 -6.39 4.07
C ASN A 20 -5.27 -6.08 3.10
N PRO A 21 -4.08 -5.77 3.65
CA PRO A 21 -2.89 -5.45 2.84
C PRO A 21 -2.24 -6.69 2.26
N GLY A 22 -2.02 -7.69 3.10
CA GLY A 22 -1.39 -8.92 2.64
C GLY A 22 -0.03 -9.14 3.26
N GLU A 23 0.85 -9.83 2.53
CA GLU A 23 2.20 -10.10 3.01
C GLU A 23 3.19 -9.08 2.47
N PRO A 24 4.12 -8.64 3.33
CA PRO A 24 5.14 -7.65 2.96
C PRO A 24 5.80 -7.99 1.64
N ASN A 25 5.40 -7.27 0.60
CA ASN A 25 5.97 -7.48 -0.74
C ASN A 25 6.72 -6.24 -1.22
N LYS A 26 7.33 -6.35 -2.39
CA LYS A 26 8.09 -5.24 -2.97
C LYS A 26 7.20 -4.36 -3.84
N VAL A 27 5.90 -4.68 -3.85
CA VAL A 27 4.94 -3.92 -4.64
C VAL A 27 3.76 -3.46 -3.79
N LEU A 28 3.44 -2.17 -3.88
CA LEU A 28 2.34 -1.60 -3.11
C LEU A 28 1.25 -1.08 -4.04
N TYR A 29 0.04 -1.61 -3.88
CA TYR A 29 -1.09 -1.19 -4.71
C TYR A 29 -2.04 -0.30 -3.92
N LEU A 30 -1.99 0.99 -4.19
CA LEU A 30 -2.85 1.96 -3.51
C LEU A 30 -4.16 2.15 -4.27
N LYS A 31 -5.24 2.34 -3.54
CA LYS A 31 -6.56 2.55 -4.15
C LYS A 31 -7.27 3.73 -3.50
N ASN A 32 -8.47 4.02 -3.97
CA ASN A 32 -9.27 5.12 -3.44
C ASN A 32 -8.50 6.43 -3.52
N LEU A 33 -8.01 6.74 -4.72
CA LEU A 33 -7.26 7.97 -4.95
C LEU A 33 -8.06 8.96 -5.79
N SER A 34 -8.55 10.01 -5.15
CA SER A 34 -9.33 11.03 -5.83
C SER A 34 -8.76 11.33 -7.21
N PRO A 35 -9.64 11.61 -8.18
CA PRO A 35 -9.23 11.91 -9.57
C PRO A 35 -8.11 12.93 -9.62
N ARG A 36 -8.04 13.79 -8.62
CA ARG A 36 -7.00 14.82 -8.56
C ARG A 36 -5.66 14.21 -8.20
N VAL A 37 -5.68 13.13 -7.42
CA VAL A 37 -4.47 12.45 -7.01
C VAL A 37 -3.58 12.15 -8.21
N THR A 38 -2.37 12.70 -8.21
CA THR A 38 -1.42 12.48 -9.29
C THR A 38 -0.10 11.93 -8.77
N GLU A 39 0.79 11.56 -9.68
CA GLU A 39 2.08 11.02 -9.32
C GLU A 39 2.73 11.84 -8.20
N ARG A 40 2.64 13.17 -8.33
CA ARG A 40 3.21 14.06 -7.34
C ARG A 40 2.78 13.66 -5.93
N ASP A 41 1.48 13.54 -5.72
CA ASP A 41 0.94 13.16 -4.41
C ASP A 41 1.65 11.92 -3.88
N LEU A 42 1.83 10.92 -4.75
CA LEU A 42 2.50 9.69 -4.36
C LEU A 42 3.94 9.96 -3.94
N VAL A 43 4.69 10.62 -4.82
CA VAL A 43 6.09 10.93 -4.53
C VAL A 43 6.26 11.44 -3.10
N SER A 44 5.42 12.42 -2.73
CA SER A 44 5.48 13.00 -1.40
C SER A 44 5.11 11.97 -0.34
N LEU A 45 4.04 11.22 -0.59
CA LEU A 45 3.58 10.20 0.35
C LEU A 45 4.72 9.25 0.71
N PHE A 46 5.56 8.95 -0.26
CA PHE A 46 6.70 8.05 -0.05
C PHE A 46 7.98 8.65 -0.61
N ALA A 47 8.20 9.93 -0.35
CA ALA A 47 9.38 10.62 -0.82
C ALA A 47 10.58 10.32 0.07
N ARG A 48 10.42 10.54 1.37
CA ARG A 48 11.48 10.30 2.33
C ARG A 48 12.29 9.07 1.95
N PHE A 49 11.62 8.09 1.35
CA PHE A 49 12.27 6.86 0.93
C PHE A 49 13.15 7.09 -0.31
N GLN A 50 12.58 7.80 -1.29
CA GLN A 50 13.31 8.09 -2.52
C GLN A 50 14.69 8.67 -2.22
N GLU A 51 14.74 9.59 -1.27
CA GLU A 51 16.00 10.23 -0.89
C GLU A 51 16.75 9.37 0.11
N LYS A 52 16.81 8.07 -0.15
CA LYS A 52 17.50 7.13 0.73
C LYS A 52 18.47 6.26 -0.06
N LYS A 53 19.44 5.67 0.65
CA LYS A 53 20.43 4.80 0.01
C LYS A 53 19.79 3.97 -1.09
N GLY A 54 18.76 3.20 -0.72
CA GLY A 54 18.08 2.37 -1.69
C GLY A 54 17.84 3.08 -3.00
N PRO A 55 18.04 2.36 -4.13
CA PRO A 55 17.85 2.92 -5.47
C PRO A 55 16.52 3.65 -5.61
N PRO A 56 16.42 4.52 -6.62
CA PRO A 56 15.20 5.30 -6.89
C PRO A 56 13.95 4.44 -6.83
N ILE A 57 12.82 5.08 -6.52
CA ILE A 57 11.55 4.38 -6.42
C ILE A 57 10.71 4.60 -7.68
N GLN A 58 10.09 3.52 -8.16
CA GLN A 58 9.25 3.60 -9.35
C GLN A 58 7.78 3.77 -8.98
N PHE A 59 7.14 4.78 -9.57
CA PHE A 59 5.74 5.06 -9.29
C PHE A 59 4.91 4.91 -10.56
N ARG A 60 3.70 4.38 -10.41
CA ARG A 60 2.80 4.18 -11.55
C ARG A 60 1.36 4.50 -11.16
N MET A 61 0.68 5.29 -11.99
CA MET A 61 -0.70 5.67 -11.74
C MET A 61 -1.62 5.07 -12.79
N MET A 62 -2.82 4.67 -12.36
CA MET A 62 -3.80 4.08 -13.27
C MET A 62 -4.64 5.17 -13.94
N THR A 63 -5.24 4.84 -15.08
CA THR A 63 -6.06 5.78 -15.81
C THR A 63 -7.27 5.08 -16.43
N GLY A 64 -8.36 5.83 -16.59
CA GLY A 64 -9.56 5.26 -17.18
C GLY A 64 -10.78 5.47 -16.31
N ARG A 65 -11.79 4.62 -16.48
CA ARG A 65 -13.02 4.72 -15.71
C ARG A 65 -12.72 5.18 -14.28
N MET A 66 -12.12 4.29 -13.50
CA MET A 66 -11.77 4.60 -12.11
C MET A 66 -10.26 4.69 -11.93
N ARG A 67 -9.73 5.89 -12.08
CA ARG A 67 -8.30 6.10 -11.93
C ARG A 67 -7.92 6.30 -10.46
N GLY A 68 -8.71 5.71 -9.57
CA GLY A 68 -8.45 5.84 -8.15
C GLY A 68 -7.54 4.74 -7.63
N GLN A 69 -6.62 4.29 -8.48
CA GLN A 69 -5.68 3.23 -8.09
C GLN A 69 -4.31 3.49 -8.69
N ALA A 70 -3.27 3.15 -7.92
CA ALA A 70 -1.89 3.35 -8.37
C ALA A 70 -0.98 2.23 -7.84
N PHE A 71 0.09 1.96 -8.58
CA PHE A 71 1.04 0.92 -8.19
C PHE A 71 2.43 1.51 -7.99
N ILE A 72 3.06 1.15 -6.88
CA ILE A 72 4.40 1.64 -6.57
C ILE A 72 5.37 0.49 -6.34
N THR A 73 6.58 0.61 -6.88
CA THR A 73 7.59 -0.42 -6.73
C THR A 73 8.80 0.11 -5.97
N PHE A 74 9.08 -0.49 -4.80
CA PHE A 74 10.20 -0.08 -3.98
C PHE A 74 11.39 -1.00 -4.20
N PRO A 75 12.60 -0.50 -3.87
CA PRO A 75 13.84 -1.26 -4.02
C PRO A 75 13.71 -2.68 -3.47
N ASN A 76 12.96 -2.83 -2.38
CA ASN A 76 12.76 -4.13 -1.76
C ASN A 76 11.49 -4.15 -0.92
N LYS A 77 11.06 -5.34 -0.52
CA LYS A 77 9.86 -5.48 0.29
C LYS A 77 9.99 -4.70 1.59
N GLU A 78 11.10 -4.90 2.29
CA GLU A 78 11.35 -4.21 3.54
C GLU A 78 10.80 -2.78 3.51
N ILE A 79 11.36 -1.98 2.61
CA ILE A 79 10.93 -0.59 2.48
C ILE A 79 9.43 -0.51 2.20
N ALA A 80 9.01 -1.07 1.07
CA ALA A 80 7.61 -1.06 0.69
C ALA A 80 6.70 -1.26 1.90
N TRP A 81 6.89 -2.39 2.58
CA TRP A 81 6.09 -2.72 3.75
C TRP A 81 6.03 -1.53 4.71
N GLN A 82 7.19 -1.08 5.16
CA GLN A 82 7.27 0.05 6.08
C GLN A 82 6.52 1.26 5.52
N ALA A 83 6.56 1.42 4.21
CA ALA A 83 5.88 2.54 3.56
C ALA A 83 4.36 2.38 3.65
N LEU A 84 3.89 1.15 3.52
CA LEU A 84 2.46 0.86 3.58
C LEU A 84 1.93 1.13 4.98
N HIS A 85 2.51 0.47 5.97
CA HIS A 85 2.08 0.63 7.36
C HIS A 85 2.26 2.09 7.81
N LEU A 86 3.34 2.71 7.36
CA LEU A 86 3.62 4.10 7.71
C LEU A 86 2.57 5.04 7.13
N VAL A 87 2.17 4.76 5.89
CA VAL A 87 1.17 5.58 5.22
C VAL A 87 -0.17 4.85 5.12
N ASN A 88 -0.42 3.99 6.10
CA ASN A 88 -1.66 3.22 6.13
C ASN A 88 -2.82 4.09 6.61
N GLY A 89 -3.80 4.30 5.73
CA GLY A 89 -4.95 5.12 6.09
C GLY A 89 -4.62 6.59 6.15
N TYR A 90 -3.90 7.08 5.13
CA TYR A 90 -3.52 8.48 5.07
C TYR A 90 -4.63 9.33 4.45
N LYS A 91 -4.87 10.49 5.04
CA LYS A 91 -5.90 11.40 4.53
C LYS A 91 -5.33 12.35 3.49
N LEU A 92 -5.95 12.36 2.31
CA LEU A 92 -5.51 13.23 1.22
C LEU A 92 -6.70 13.91 0.54
N TYR A 93 -6.46 15.10 0.01
CA TYR A 93 -7.51 15.85 -0.66
C TYR A 93 -8.85 15.64 0.02
N GLY A 94 -8.82 15.51 1.34
CA GLY A 94 -10.05 15.30 2.10
C GLY A 94 -10.70 13.97 1.80
N LYS A 95 -9.93 12.90 1.93
CA LYS A 95 -10.44 11.56 1.67
C LYS A 95 -9.42 10.50 2.07
N ILE A 96 -9.85 9.55 2.90
CA ILE A 96 -8.97 8.48 3.36
C ILE A 96 -8.37 7.71 2.19
N LEU A 97 -7.13 7.28 2.35
CA LEU A 97 -6.44 6.53 1.29
C LEU A 97 -6.21 5.08 1.73
N VAL A 98 -6.38 4.16 0.79
CA VAL A 98 -6.18 2.75 1.06
C VAL A 98 -4.94 2.21 0.36
N ILE A 99 -4.24 1.29 1.01
CA ILE A 99 -3.03 0.70 0.44
C ILE A 99 -3.06 -0.82 0.55
N GLU A 100 -2.39 -1.49 -0.38
CA GLU A 100 -2.34 -2.94 -0.40
C GLU A 100 -1.01 -3.44 -0.97
N PHE A 101 -0.82 -4.75 -0.94
CA PHE A 101 0.41 -5.36 -1.44
C PHE A 101 0.17 -6.01 -2.81
N GLY A 102 1.24 -6.11 -3.59
CA GLY A 102 1.12 -6.72 -4.91
C GLY A 102 1.55 -8.17 -4.91
N LYS A 103 0.62 -9.05 -5.28
CA LYS A 103 0.90 -10.48 -5.32
C LYS A 103 1.85 -10.82 -6.47
N ASN A 104 2.29 -12.07 -6.53
CA ASN A 104 3.20 -12.52 -7.57
C ASN A 104 2.67 -13.79 -8.25
N LYS A 105 3.26 -14.12 -9.40
CA LYS A 105 2.86 -15.31 -10.13
C LYS A 105 3.47 -16.57 -9.54
N LYS A 106 2.64 -17.40 -8.92
CA LYS A 106 3.11 -18.63 -8.31
C LYS A 106 3.62 -19.61 -9.37
N GLN A 107 4.94 -19.69 -9.50
CA GLN A 107 5.56 -20.58 -10.48
C GLN A 107 6.75 -21.31 -9.87
N ARG A 108 6.70 -22.64 -9.88
CA ARG A 108 7.78 -23.44 -9.33
C ARG A 108 9.12 -23.05 -9.94
N SER A 109 10.20 -23.65 -9.44
CA SER A 109 11.54 -23.36 -9.93
C SER A 109 12.37 -24.63 -10.05
N SER A 110 12.63 -25.06 -11.28
CA SER A 110 13.40 -26.26 -11.54
C SER A 110 14.39 -26.04 -12.68
N GLY A 111 15.59 -26.61 -12.53
CA GLY A 111 16.61 -26.47 -13.56
C GLY A 111 17.97 -26.95 -13.10
N PRO A 112 18.31 -28.20 -13.47
CA PRO A 112 19.60 -28.80 -13.09
C PRO A 112 20.77 -27.83 -13.27
N SER A 113 21.87 -28.13 -12.61
CA SER A 113 23.06 -27.28 -12.69
C SER A 113 24.33 -28.13 -12.77
N SER A 114 25.45 -27.48 -13.08
CA SER A 114 26.73 -28.18 -13.19
C SER A 114 27.87 -27.18 -13.35
N GLY A 115 29.09 -27.70 -13.41
CA GLY A 115 30.26 -26.85 -13.55
C GLY A 115 30.18 -25.61 -12.69
N GLY A 1 -28.39 -14.06 28.22
CA GLY A 1 -28.21 -15.18 27.32
C GLY A 1 -27.27 -14.86 26.17
N SER A 2 -26.53 -15.87 25.72
CA SER A 2 -25.59 -15.69 24.62
C SER A 2 -24.78 -14.41 24.80
N SER A 3 -24.34 -14.15 26.04
CA SER A 3 -23.57 -12.96 26.35
C SER A 3 -22.25 -12.96 25.58
N GLY A 4 -21.92 -11.82 24.99
CA GLY A 4 -20.68 -11.71 24.24
C GLY A 4 -20.79 -12.31 22.85
N SER A 5 -20.28 -11.59 21.85
CA SER A 5 -20.33 -12.07 20.48
C SER A 5 -18.94 -12.44 19.98
N SER A 6 -18.88 -13.38 19.05
CA SER A 6 -17.61 -13.85 18.50
C SER A 6 -17.56 -13.62 16.99
N GLY A 7 -18.03 -12.45 16.56
CA GLY A 7 -18.03 -12.12 15.15
C GLY A 7 -19.17 -12.78 14.40
N GLU A 8 -19.77 -12.05 13.46
CA GLU A 8 -20.89 -12.56 12.68
C GLU A 8 -20.41 -13.03 11.31
N GLU A 9 -19.66 -12.17 10.62
CA GLU A 9 -19.15 -12.50 9.29
C GLU A 9 -17.65 -12.75 9.34
N ILE A 10 -16.97 -12.07 10.24
CA ILE A 10 -15.52 -12.22 10.38
C ILE A 10 -15.16 -13.65 10.80
N ARG A 11 -14.01 -14.13 10.31
CA ARG A 11 -13.55 -15.47 10.63
C ARG A 11 -12.04 -15.51 10.78
N LYS A 12 -11.57 -16.27 11.77
CA LYS A 12 -10.14 -16.40 12.03
C LYS A 12 -9.49 -15.02 12.17
N ILE A 13 -10.20 -14.11 12.83
CA ILE A 13 -9.70 -12.76 13.04
C ILE A 13 -9.69 -12.40 14.53
N PRO A 14 -8.49 -12.09 15.06
CA PRO A 14 -8.33 -11.72 16.47
C PRO A 14 -8.73 -10.28 16.74
N MET A 15 -8.33 -9.37 15.85
CA MET A 15 -8.66 -7.96 16.00
C MET A 15 -8.91 -7.32 14.64
N PHE A 16 -10.15 -6.92 14.39
CA PHE A 16 -10.52 -6.29 13.12
C PHE A 16 -10.49 -4.76 13.25
N SER A 17 -9.57 -4.13 12.53
CA SER A 17 -9.45 -2.68 12.56
C SER A 17 -9.59 -2.09 11.17
N SER A 18 -8.80 -2.62 10.22
CA SER A 18 -8.83 -2.15 8.85
C SER A 18 -8.27 -3.21 7.89
N TYR A 19 -8.36 -2.92 6.59
CA TYR A 19 -7.87 -3.85 5.58
C TYR A 19 -6.49 -4.40 5.97
N ASN A 20 -6.31 -5.71 5.80
CA ASN A 20 -5.05 -6.35 6.13
C ASN A 20 -4.26 -6.67 4.86
N PRO A 21 -3.27 -5.82 4.55
CA PRO A 21 -2.43 -5.99 3.37
C PRO A 21 -2.01 -7.44 3.16
N GLY A 22 -1.74 -8.13 4.26
CA GLY A 22 -1.33 -9.53 4.17
C GLY A 22 0.17 -9.69 4.30
N GLU A 23 0.81 -10.09 3.20
CA GLU A 23 2.26 -10.29 3.19
C GLU A 23 2.98 -9.09 2.60
N PRO A 24 4.11 -8.72 3.20
CA PRO A 24 4.92 -7.58 2.75
C PRO A 24 5.66 -7.87 1.45
N ASN A 25 5.18 -7.29 0.35
CA ASN A 25 5.79 -7.49 -0.95
C ASN A 25 6.56 -6.24 -1.39
N LYS A 26 7.29 -6.35 -2.49
CA LYS A 26 8.07 -5.24 -3.02
C LYS A 26 7.20 -4.34 -3.90
N VAL A 27 5.90 -4.58 -3.88
CA VAL A 27 4.96 -3.80 -4.68
C VAL A 27 3.79 -3.33 -3.83
N LEU A 28 3.51 -2.02 -3.88
CA LEU A 28 2.41 -1.45 -3.13
C LEU A 28 1.33 -0.91 -4.06
N TYR A 29 0.12 -1.41 -3.90
CA TYR A 29 -1.00 -0.98 -4.73
C TYR A 29 -1.90 0.00 -3.97
N LEU A 30 -1.81 1.27 -4.36
CA LEU A 30 -2.61 2.31 -3.73
C LEU A 30 -3.99 2.44 -4.39
N LYS A 31 -5.01 2.70 -3.57
CA LYS A 31 -6.37 2.84 -4.08
C LYS A 31 -7.08 4.00 -3.40
N ASN A 32 -8.30 4.29 -3.84
CA ASN A 32 -9.09 5.37 -3.27
C ASN A 32 -8.37 6.71 -3.44
N LEU A 33 -7.99 7.03 -4.66
CA LEU A 33 -7.30 8.28 -4.96
C LEU A 33 -8.16 9.20 -5.81
N SER A 34 -8.63 10.28 -5.21
CA SER A 34 -9.48 11.24 -5.93
C SER A 34 -8.88 11.60 -7.28
N PRO A 35 -9.74 11.79 -8.28
CA PRO A 35 -9.32 12.14 -9.64
C PRO A 35 -8.26 13.24 -9.66
N ARG A 36 -8.17 13.98 -8.56
CA ARG A 36 -7.20 15.06 -8.44
C ARG A 36 -5.80 14.52 -8.15
N VAL A 37 -5.75 13.50 -7.30
CA VAL A 37 -4.47 12.89 -6.93
C VAL A 37 -3.65 12.55 -8.17
N THR A 38 -2.37 12.89 -8.14
CA THR A 38 -1.48 12.62 -9.25
C THR A 38 -0.16 12.02 -8.78
N GLU A 39 0.65 11.55 -9.72
CA GLU A 39 1.94 10.94 -9.39
C GLU A 39 2.68 11.78 -8.34
N ARG A 40 2.73 13.08 -8.56
CA ARG A 40 3.40 13.99 -7.64
C ARG A 40 3.03 13.65 -6.19
N ASP A 41 1.74 13.69 -5.88
CA ASP A 41 1.26 13.39 -4.54
C ASP A 41 1.88 12.09 -4.02
N LEU A 42 1.92 11.08 -4.88
CA LEU A 42 2.49 9.79 -4.50
C LEU A 42 3.96 9.92 -4.15
N VAL A 43 4.72 10.60 -5.01
CA VAL A 43 6.15 10.79 -4.79
C VAL A 43 6.41 11.36 -3.40
N SER A 44 5.73 12.46 -3.09
CA SER A 44 5.89 13.11 -1.78
C SER A 44 5.49 12.18 -0.65
N LEU A 45 4.45 11.39 -0.89
CA LEU A 45 3.96 10.44 0.11
C LEU A 45 5.06 9.45 0.51
N PHE A 46 5.85 9.04 -0.48
CA PHE A 46 6.94 8.09 -0.24
C PHE A 46 8.25 8.64 -0.75
N ALA A 47 8.50 9.93 -0.51
CA ALA A 47 9.73 10.57 -0.94
C ALA A 47 10.87 10.29 0.03
N ARG A 48 10.60 10.45 1.32
CA ARG A 48 11.60 10.20 2.34
C ARG A 48 12.33 8.88 2.09
N PHE A 49 11.61 7.91 1.57
CA PHE A 49 12.18 6.59 1.28
C PHE A 49 13.08 6.66 0.04
N GLN A 50 12.57 7.30 -1.02
CA GLN A 50 13.32 7.42 -2.26
C GLN A 50 14.69 8.02 -2.02
N GLU A 51 14.77 8.97 -1.08
CA GLU A 51 16.02 9.62 -0.75
C GLU A 51 16.82 8.79 0.24
N LYS A 52 16.98 7.51 -0.07
CA LYS A 52 17.72 6.59 0.79
C LYS A 52 18.91 6.00 0.06
N LYS A 53 19.64 5.11 0.72
CA LYS A 53 20.81 4.48 0.12
C LYS A 53 20.40 3.27 -0.71
N GLY A 54 19.41 3.47 -1.58
CA GLY A 54 18.94 2.39 -2.43
C GLY A 54 18.37 2.88 -3.74
N PRO A 55 18.13 1.96 -4.68
CA PRO A 55 17.58 2.28 -5.99
C PRO A 55 16.39 3.23 -5.90
N PRO A 56 16.02 3.83 -7.05
CA PRO A 56 14.89 4.77 -7.12
C PRO A 56 13.54 4.06 -7.10
N ILE A 57 12.58 4.64 -6.39
CA ILE A 57 11.25 4.06 -6.29
C ILE A 57 10.41 4.39 -7.53
N GLN A 58 9.87 3.37 -8.17
CA GLN A 58 9.05 3.56 -9.36
C GLN A 58 7.59 3.79 -8.98
N PHE A 59 6.92 4.67 -9.72
CA PHE A 59 5.52 4.98 -9.46
C PHE A 59 4.68 4.81 -10.73
N ARG A 60 3.46 4.34 -10.56
CA ARG A 60 2.56 4.13 -11.69
C ARG A 60 1.13 4.53 -11.33
N MET A 61 0.49 5.29 -12.21
CA MET A 61 -0.88 5.74 -11.98
C MET A 61 -1.82 5.15 -13.02
N MET A 62 -3.06 4.89 -12.61
CA MET A 62 -4.06 4.33 -13.51
C MET A 62 -4.92 5.43 -14.13
N THR A 63 -5.62 5.09 -15.21
CA THR A 63 -6.48 6.06 -15.89
C THR A 63 -7.82 5.43 -16.26
N GLY A 64 -8.77 6.27 -16.67
CA GLY A 64 -10.08 5.77 -17.04
C GLY A 64 -11.17 6.22 -16.09
N ARG A 65 -12.41 5.87 -16.41
CA ARG A 65 -13.55 6.25 -15.58
C ARG A 65 -13.18 6.19 -14.10
N MET A 66 -12.31 5.26 -13.76
CA MET A 66 -11.87 5.09 -12.36
C MET A 66 -10.36 5.11 -12.27
N ARG A 67 -9.78 6.30 -12.20
CA ARG A 67 -8.34 6.46 -12.10
C ARG A 67 -7.90 6.64 -10.65
N GLY A 68 -8.70 6.09 -9.74
CA GLY A 68 -8.38 6.20 -8.32
C GLY A 68 -7.51 5.06 -7.84
N GLN A 69 -6.67 4.54 -8.72
CA GLN A 69 -5.78 3.43 -8.37
C GLN A 69 -4.38 3.66 -8.94
N ALA A 70 -3.37 3.27 -8.17
CA ALA A 70 -1.99 3.44 -8.59
C ALA A 70 -1.10 2.32 -8.02
N PHE A 71 -0.02 2.02 -8.73
CA PHE A 71 0.91 0.98 -8.29
C PHE A 71 2.32 1.53 -8.17
N ILE A 72 2.95 1.28 -7.03
CA ILE A 72 4.32 1.74 -6.80
C ILE A 72 5.25 0.59 -6.44
N THR A 73 6.47 0.63 -6.96
CA THR A 73 7.44 -0.42 -6.71
C THR A 73 8.63 0.13 -5.92
N PHE A 74 8.97 -0.56 -4.82
CA PHE A 74 10.10 -0.14 -3.99
C PHE A 74 11.29 -1.07 -4.19
N PRO A 75 12.49 -0.55 -3.87
CA PRO A 75 13.74 -1.31 -4.01
C PRO A 75 13.62 -2.72 -3.44
N ASN A 76 12.96 -2.84 -2.29
CA ASN A 76 12.78 -4.12 -1.64
C ASN A 76 11.38 -4.24 -1.04
N LYS A 77 11.13 -5.35 -0.35
CA LYS A 77 9.83 -5.59 0.27
C LYS A 77 9.79 -4.96 1.66
N GLU A 78 10.91 -5.02 2.37
CA GLU A 78 10.99 -4.45 3.72
C GLU A 78 10.58 -2.98 3.71
N ILE A 79 11.26 -2.19 2.90
CA ILE A 79 10.97 -0.76 2.80
C ILE A 79 9.50 -0.53 2.49
N ALA A 80 9.03 -1.11 1.39
CA ALA A 80 7.63 -0.97 0.99
C ALA A 80 6.70 -1.13 2.17
N TRP A 81 6.77 -2.29 2.82
CA TRP A 81 5.91 -2.59 3.96
C TRP A 81 5.95 -1.44 4.97
N GLN A 82 7.11 -1.23 5.58
CA GLN A 82 7.28 -0.17 6.57
C GLN A 82 6.56 1.10 6.12
N ALA A 83 6.66 1.42 4.83
CA ALA A 83 6.01 2.60 4.29
C ALA A 83 4.49 2.41 4.22
N LEU A 84 4.06 1.21 3.85
CA LEU A 84 2.64 0.90 3.74
C LEU A 84 1.93 1.19 5.06
N HIS A 85 2.47 0.66 6.15
CA HIS A 85 1.88 0.87 7.47
C HIS A 85 2.03 2.31 7.92
N LEU A 86 3.15 2.93 7.56
CA LEU A 86 3.42 4.31 7.92
C LEU A 86 2.39 5.25 7.30
N VAL A 87 2.15 5.07 6.00
CA VAL A 87 1.18 5.90 5.28
C VAL A 87 -0.24 5.37 5.48
N ASN A 88 -0.36 4.07 5.71
CA ASN A 88 -1.66 3.45 5.92
C ASN A 88 -2.59 4.38 6.68
N GLY A 89 -3.73 4.71 6.07
CA GLY A 89 -4.68 5.60 6.71
C GLY A 89 -4.33 7.06 6.53
N TYR A 90 -3.80 7.41 5.37
CA TYR A 90 -3.41 8.78 5.08
C TYR A 90 -4.56 9.53 4.40
N LYS A 91 -5.23 10.38 5.18
CA LYS A 91 -6.35 11.17 4.67
C LYS A 91 -5.85 12.26 3.72
N LEU A 92 -6.00 12.02 2.42
CA LEU A 92 -5.56 12.98 1.42
C LEU A 92 -6.75 13.53 0.63
N TYR A 93 -6.88 14.84 0.59
CA TYR A 93 -7.98 15.49 -0.12
C TYR A 93 -9.32 14.86 0.27
N GLY A 94 -9.47 14.52 1.55
CA GLY A 94 -10.70 13.92 2.01
C GLY A 94 -10.89 12.51 1.49
N LYS A 95 -9.80 11.76 1.40
CA LYS A 95 -9.85 10.39 0.91
C LYS A 95 -8.90 9.49 1.70
N ILE A 96 -9.44 8.45 2.32
CA ILE A 96 -8.64 7.52 3.10
C ILE A 96 -7.85 6.57 2.21
N LEU A 97 -6.67 7.02 1.79
CA LEU A 97 -5.82 6.21 0.92
C LEU A 97 -5.69 4.79 1.45
N VAL A 98 -5.82 3.82 0.56
CA VAL A 98 -5.71 2.41 0.93
C VAL A 98 -4.53 1.73 0.25
N ILE A 99 -3.53 1.38 1.04
CA ILE A 99 -2.33 0.73 0.51
C ILE A 99 -2.40 -0.78 0.70
N GLU A 100 -2.37 -1.52 -0.41
CA GLU A 100 -2.43 -2.97 -0.36
C GLU A 100 -1.31 -3.58 -1.20
N PHE A 101 -0.54 -4.48 -0.59
CA PHE A 101 0.56 -5.14 -1.28
C PHE A 101 0.07 -5.81 -2.57
N GLY A 102 0.90 -5.72 -3.62
CA GLY A 102 0.54 -6.30 -4.89
C GLY A 102 0.07 -7.74 -4.76
N LYS A 103 -1.25 -7.94 -4.84
CA LYS A 103 -1.83 -9.27 -4.73
C LYS A 103 -1.43 -10.15 -5.90
N ASN A 104 -1.69 -9.66 -7.11
CA ASN A 104 -1.35 -10.40 -8.32
C ASN A 104 0.04 -11.03 -8.20
N LYS A 105 0.16 -12.27 -8.69
CA LYS A 105 1.44 -12.98 -8.63
C LYS A 105 2.03 -13.13 -10.03
N LYS A 106 3.11 -12.38 -10.28
CA LYS A 106 3.79 -12.42 -11.57
C LYS A 106 5.27 -12.66 -11.40
N GLN A 107 5.67 -13.93 -11.34
CA GLN A 107 7.07 -14.29 -11.18
C GLN A 107 7.96 -13.44 -12.08
N ARG A 108 9.15 -13.12 -11.59
CA ARG A 108 10.10 -12.31 -12.35
C ARG A 108 11.52 -12.83 -12.19
N SER A 109 12.11 -13.30 -13.28
CA SER A 109 13.46 -13.84 -13.26
C SER A 109 13.99 -14.06 -14.66
N SER A 110 15.04 -13.34 -15.02
CA SER A 110 15.64 -13.45 -16.35
C SER A 110 17.05 -14.03 -16.26
N GLY A 111 17.49 -14.65 -17.36
CA GLY A 111 18.82 -15.24 -17.39
C GLY A 111 19.04 -16.10 -18.60
N PRO A 112 19.64 -15.53 -19.65
CA PRO A 112 19.92 -16.24 -20.90
C PRO A 112 20.51 -17.63 -20.66
N SER A 113 19.88 -18.64 -21.25
CA SER A 113 20.33 -20.02 -21.10
C SER A 113 21.74 -20.19 -21.67
N SER A 114 22.72 -20.35 -20.78
CA SER A 114 24.10 -20.53 -21.20
C SER A 114 24.46 -19.59 -22.34
N GLY A 115 24.00 -18.35 -22.24
CA GLY A 115 24.26 -17.37 -23.28
C GLY A 115 23.01 -16.90 -23.97
N GLY A 1 -27.45 -8.46 34.98
CA GLY A 1 -26.08 -8.32 35.41
C GLY A 1 -25.38 -7.12 34.77
N SER A 2 -24.46 -7.40 33.85
CA SER A 2 -23.73 -6.35 33.17
C SER A 2 -23.68 -6.62 31.66
N SER A 3 -23.84 -5.55 30.88
CA SER A 3 -23.82 -5.67 29.42
C SER A 3 -22.77 -6.66 28.97
N GLY A 4 -21.53 -6.46 29.44
CA GLY A 4 -20.44 -7.34 29.06
C GLY A 4 -19.67 -6.84 27.86
N SER A 5 -18.36 -7.06 27.87
CA SER A 5 -17.50 -6.62 26.78
C SER A 5 -17.67 -7.52 25.56
N SER A 6 -17.47 -6.96 24.38
CA SER A 6 -17.60 -7.71 23.13
C SER A 6 -16.24 -7.94 22.49
N GLY A 7 -15.26 -8.28 23.31
CA GLY A 7 -13.92 -8.53 22.81
C GLY A 7 -12.88 -8.60 23.91
N GLU A 8 -11.96 -9.56 23.81
CA GLU A 8 -10.93 -9.73 24.81
C GLU A 8 -9.66 -8.96 24.42
N GLU A 9 -9.14 -9.26 23.24
CA GLU A 9 -7.93 -8.61 22.75
C GLU A 9 -8.16 -7.10 22.58
N ILE A 10 -9.24 -6.75 21.90
CA ILE A 10 -9.58 -5.34 21.67
C ILE A 10 -9.74 -4.59 22.99
N ARG A 11 -9.33 -3.34 22.99
CA ARG A 11 -9.43 -2.51 24.20
C ARG A 11 -10.01 -1.14 23.86
N LYS A 12 -11.34 -1.06 23.81
CA LYS A 12 -12.02 0.19 23.51
C LYS A 12 -11.55 0.76 22.17
N ILE A 13 -11.42 -0.11 21.18
CA ILE A 13 -10.98 0.29 19.85
C ILE A 13 -12.18 0.67 18.98
N PRO A 14 -12.28 1.97 18.64
CA PRO A 14 -13.37 2.48 17.81
C PRO A 14 -13.62 1.60 16.59
N MET A 15 -12.55 1.20 15.91
CA MET A 15 -12.65 0.35 14.74
C MET A 15 -11.49 -0.63 14.66
N PHE A 16 -11.78 -1.86 14.23
CA PHE A 16 -10.76 -2.90 14.12
C PHE A 16 -10.86 -3.61 12.77
N SER A 17 -12.09 -3.92 12.36
CA SER A 17 -12.32 -4.61 11.11
C SER A 17 -12.06 -3.68 9.93
N SER A 18 -11.00 -3.97 9.16
CA SER A 18 -10.65 -3.15 8.01
C SER A 18 -9.72 -3.92 7.07
N TYR A 19 -9.31 -3.27 5.99
CA TYR A 19 -8.42 -3.88 5.02
C TYR A 19 -7.19 -4.49 5.70
N ASN A 20 -6.65 -5.54 5.09
CA ASN A 20 -5.47 -6.21 5.64
C ASN A 20 -4.38 -6.34 4.59
N PRO A 21 -3.19 -5.79 4.89
CA PRO A 21 -2.05 -5.84 3.97
C PRO A 21 -1.40 -7.21 3.93
N GLY A 22 -1.33 -7.87 5.08
CA GLY A 22 -0.73 -9.18 5.16
C GLY A 22 0.77 -9.16 4.91
N GLU A 23 1.33 -10.32 4.59
CA GLU A 23 2.76 -10.42 4.32
C GLU A 23 3.25 -9.24 3.50
N PRO A 24 4.46 -8.76 3.82
CA PRO A 24 5.08 -7.62 3.12
C PRO A 24 5.60 -8.01 1.74
N ASN A 25 5.36 -7.13 0.76
CA ASN A 25 5.82 -7.39 -0.60
C ASN A 25 6.58 -6.18 -1.15
N LYS A 26 7.32 -6.40 -2.24
CA LYS A 26 8.09 -5.33 -2.86
C LYS A 26 7.21 -4.46 -3.75
N VAL A 27 5.90 -4.67 -3.67
CA VAL A 27 4.95 -3.91 -4.46
C VAL A 27 3.83 -3.35 -3.60
N LEU A 28 3.58 -2.06 -3.71
CA LEU A 28 2.52 -1.40 -2.94
C LEU A 28 1.42 -0.87 -3.85
N TYR A 29 0.21 -1.38 -3.68
CA TYR A 29 -0.93 -0.96 -4.49
C TYR A 29 -1.81 0.01 -3.71
N LEU A 30 -1.82 1.27 -4.14
CA LEU A 30 -2.63 2.30 -3.49
C LEU A 30 -3.95 2.49 -4.22
N LYS A 31 -4.99 2.83 -3.46
CA LYS A 31 -6.31 3.04 -4.04
C LYS A 31 -7.01 4.23 -3.36
N ASN A 32 -8.27 4.46 -3.73
CA ASN A 32 -9.04 5.56 -3.16
C ASN A 32 -8.32 6.89 -3.36
N LEU A 33 -7.98 7.19 -4.61
CA LEU A 33 -7.29 8.45 -4.92
C LEU A 33 -8.18 9.35 -5.78
N SER A 34 -8.64 10.44 -5.19
CA SER A 34 -9.50 11.39 -5.90
C SER A 34 -8.87 11.79 -7.22
N PRO A 35 -9.73 12.00 -8.25
CA PRO A 35 -9.28 12.38 -9.59
C PRO A 35 -8.27 13.51 -9.55
N ARG A 36 -8.24 14.26 -8.45
CA ARG A 36 -7.32 15.38 -8.30
C ARG A 36 -5.91 14.87 -8.01
N VAL A 37 -5.81 13.77 -7.27
CA VAL A 37 -4.51 13.19 -6.94
C VAL A 37 -3.61 13.12 -8.16
N THR A 38 -2.34 13.46 -7.97
CA THR A 38 -1.37 13.45 -9.06
C THR A 38 -0.09 12.73 -8.63
N GLU A 39 0.59 12.13 -9.60
CA GLU A 39 1.84 11.41 -9.33
C GLU A 39 2.61 12.09 -8.21
N ARG A 40 2.65 13.41 -8.24
CA ARG A 40 3.37 14.18 -7.23
C ARG A 40 3.04 13.68 -5.82
N ASP A 41 1.76 13.64 -5.50
CA ASP A 41 1.31 13.16 -4.19
C ASP A 41 2.00 11.87 -3.82
N LEU A 42 2.09 10.95 -4.77
CA LEU A 42 2.72 9.65 -4.54
C LEU A 42 4.21 9.84 -4.22
N VAL A 43 4.89 10.65 -5.02
CA VAL A 43 6.31 10.90 -4.82
C VAL A 43 6.57 11.45 -3.42
N SER A 44 5.82 12.47 -3.05
CA SER A 44 5.97 13.10 -1.73
C SER A 44 5.60 12.13 -0.62
N LEU A 45 4.51 11.40 -0.83
CA LEU A 45 4.03 10.43 0.16
C LEU A 45 5.16 9.48 0.55
N PHE A 46 5.94 9.04 -0.42
CA PHE A 46 7.04 8.13 -0.17
C PHE A 46 8.36 8.70 -0.71
N ALA A 47 8.55 10.00 -0.53
CA ALA A 47 9.76 10.66 -0.99
C ALA A 47 10.95 10.32 -0.11
N ARG A 48 10.72 10.30 1.20
CA ARG A 48 11.77 9.99 2.16
C ARG A 48 12.51 8.72 1.77
N PHE A 49 11.75 7.69 1.40
CA PHE A 49 12.34 6.41 1.01
C PHE A 49 13.17 6.56 -0.27
N GLN A 50 12.58 7.23 -1.26
CA GLN A 50 13.27 7.45 -2.54
C GLN A 50 14.76 7.64 -2.33
N GLU A 51 15.12 8.38 -1.28
CA GLU A 51 16.53 8.63 -0.96
C GLU A 51 17.06 7.60 0.02
N LYS A 52 17.19 6.36 -0.46
CA LYS A 52 17.71 5.28 0.37
C LYS A 52 18.45 4.25 -0.47
N LYS A 53 19.02 3.25 0.18
CA LYS A 53 19.76 2.19 -0.50
C LYS A 53 18.85 1.44 -1.47
N GLY A 54 19.09 1.62 -2.77
CA GLY A 54 18.30 0.94 -3.78
C GLY A 54 17.99 1.85 -4.96
N PRO A 55 17.36 1.27 -5.99
CA PRO A 55 16.99 2.00 -7.21
C PRO A 55 15.79 2.91 -6.99
N PRO A 56 15.77 4.04 -7.71
CA PRO A 56 14.67 5.02 -7.61
C PRO A 56 13.31 4.36 -7.65
N ILE A 57 12.53 4.54 -6.58
CA ILE A 57 11.19 3.96 -6.50
C ILE A 57 10.40 4.25 -7.76
N GLN A 58 9.84 3.21 -8.36
CA GLN A 58 9.04 3.35 -9.57
C GLN A 58 7.57 3.57 -9.23
N PHE A 59 7.02 4.69 -9.67
CA PHE A 59 5.63 5.02 -9.41
C PHE A 59 4.79 4.87 -10.68
N ARG A 60 3.60 4.30 -10.53
CA ARG A 60 2.70 4.09 -11.65
C ARG A 60 1.26 4.47 -11.29
N MET A 61 0.65 5.28 -12.14
CA MET A 61 -0.73 5.72 -11.91
C MET A 61 -1.67 5.11 -12.93
N MET A 62 -2.90 4.82 -12.50
CA MET A 62 -3.90 4.24 -13.38
C MET A 62 -4.61 5.30 -14.20
N THR A 63 -5.28 4.89 -15.27
CA THR A 63 -5.99 5.80 -16.14
C THR A 63 -7.40 5.30 -16.45
N GLY A 64 -8.34 6.23 -16.53
CA GLY A 64 -9.72 5.86 -16.82
C GLY A 64 -10.70 6.45 -15.83
N ARG A 65 -11.98 6.44 -16.18
CA ARG A 65 -13.02 6.98 -15.33
C ARG A 65 -12.69 6.75 -13.86
N MET A 66 -12.10 5.60 -13.56
CA MET A 66 -11.73 5.25 -12.20
C MET A 66 -10.22 5.24 -12.03
N ARG A 67 -9.60 6.39 -12.25
CA ARG A 67 -8.14 6.51 -12.13
C ARG A 67 -7.75 6.77 -10.68
N GLY A 68 -8.54 6.25 -9.75
CA GLY A 68 -8.25 6.42 -8.34
C GLY A 68 -7.38 5.32 -7.78
N GLN A 69 -6.57 4.71 -8.65
CA GLN A 69 -5.68 3.64 -8.24
C GLN A 69 -4.28 3.84 -8.79
N ALA A 70 -3.28 3.44 -8.01
CA ALA A 70 -1.88 3.57 -8.43
C ALA A 70 -1.03 2.44 -7.89
N PHE A 71 -0.04 2.02 -8.67
CA PHE A 71 0.85 0.93 -8.27
C PHE A 71 2.29 1.43 -8.13
N ILE A 72 2.87 1.23 -6.95
CA ILE A 72 4.23 1.66 -6.69
C ILE A 72 5.15 0.46 -6.46
N THR A 73 6.37 0.55 -6.99
CA THR A 73 7.35 -0.53 -6.83
C THR A 73 8.57 -0.07 -6.07
N PHE A 74 8.77 -0.63 -4.88
CA PHE A 74 9.91 -0.28 -4.04
C PHE A 74 11.05 -1.27 -4.22
N PRO A 75 12.27 -0.83 -3.88
CA PRO A 75 13.47 -1.67 -3.99
C PRO A 75 13.24 -3.09 -3.48
N ASN A 76 12.57 -3.21 -2.34
CA ASN A 76 12.28 -4.51 -1.76
C ASN A 76 11.02 -4.46 -0.91
N LYS A 77 10.70 -5.57 -0.25
CA LYS A 77 9.52 -5.65 0.59
C LYS A 77 9.71 -4.89 1.89
N GLU A 78 10.91 -4.98 2.45
CA GLU A 78 11.23 -4.29 3.70
C GLU A 78 10.79 -2.83 3.65
N ILE A 79 11.42 -2.06 2.78
CA ILE A 79 11.09 -0.65 2.63
C ILE A 79 9.60 -0.46 2.34
N ALA A 80 9.12 -1.11 1.29
CA ALA A 80 7.72 -1.02 0.90
C ALA A 80 6.81 -1.12 2.13
N TRP A 81 6.89 -2.23 2.83
CA TRP A 81 6.07 -2.44 4.02
C TRP A 81 6.12 -1.23 4.94
N GLN A 82 7.31 -0.87 5.38
CA GLN A 82 7.48 0.28 6.26
C GLN A 82 6.70 1.49 5.75
N ALA A 83 6.77 1.72 4.44
CA ALA A 83 6.06 2.84 3.82
C ALA A 83 4.55 2.66 3.96
N LEU A 84 4.08 1.44 3.79
CA LEU A 84 2.65 1.14 3.88
C LEU A 84 2.13 1.41 5.29
N HIS A 85 2.81 0.84 6.29
CA HIS A 85 2.43 1.02 7.68
C HIS A 85 2.54 2.48 8.09
N LEU A 86 3.52 3.18 7.52
CA LEU A 86 3.72 4.59 7.82
C LEU A 86 2.63 5.46 7.21
N VAL A 87 2.27 5.14 5.97
CA VAL A 87 1.23 5.88 5.26
C VAL A 87 -0.06 5.08 5.18
N ASN A 88 -0.31 4.27 6.21
CA ASN A 88 -1.51 3.44 6.25
C ASN A 88 -2.74 4.28 6.61
N GLY A 89 -3.78 4.18 5.80
CA GLY A 89 -4.99 4.94 6.05
C GLY A 89 -4.74 6.43 6.08
N TYR A 90 -3.97 6.93 5.12
CA TYR A 90 -3.66 8.35 5.05
C TYR A 90 -4.77 9.12 4.33
N LYS A 91 -5.46 9.98 5.08
CA LYS A 91 -6.54 10.77 4.52
C LYS A 91 -6.01 11.77 3.48
N LEU A 92 -6.22 11.48 2.21
CA LEU A 92 -5.77 12.35 1.14
C LEU A 92 -6.95 12.86 0.31
N TYR A 93 -6.93 14.15 0.00
CA TYR A 93 -7.99 14.76 -0.78
C TYR A 93 -9.36 14.26 -0.33
N GLY A 94 -9.60 14.33 0.98
CA GLY A 94 -10.87 13.89 1.53
C GLY A 94 -11.21 12.47 1.12
N LYS A 95 -10.21 11.59 1.13
CA LYS A 95 -10.42 10.19 0.75
C LYS A 95 -9.34 9.30 1.37
N ILE A 96 -9.74 8.48 2.33
CA ILE A 96 -8.82 7.58 3.00
C ILE A 96 -8.03 6.76 1.99
N LEU A 97 -6.71 6.92 2.01
CA LEU A 97 -5.83 6.20 1.09
C LEU A 97 -5.63 4.76 1.55
N VAL A 98 -6.12 3.81 0.76
CA VAL A 98 -6.00 2.40 1.08
C VAL A 98 -4.76 1.79 0.41
N ILE A 99 -3.85 1.29 1.22
CA ILE A 99 -2.63 0.67 0.71
C ILE A 99 -2.67 -0.84 0.89
N GLU A 100 -2.41 -1.56 -0.21
CA GLU A 100 -2.41 -3.01 -0.19
C GLU A 100 -1.27 -3.58 -1.02
N PHE A 101 -0.51 -4.51 -0.45
CA PHE A 101 0.60 -5.12 -1.14
C PHE A 101 0.15 -5.79 -2.43
N GLY A 102 0.88 -5.52 -3.51
CA GLY A 102 0.54 -6.10 -4.80
C GLY A 102 0.12 -7.56 -4.69
N LYS A 103 -1.16 -7.82 -4.86
CA LYS A 103 -1.68 -9.18 -4.77
C LYS A 103 -0.86 -10.13 -5.65
N ASN A 104 -0.87 -11.41 -5.28
CA ASN A 104 -0.13 -12.42 -6.03
C ASN A 104 -0.98 -13.66 -6.26
N LYS A 105 -1.40 -14.28 -5.17
CA LYS A 105 -2.23 -15.49 -5.25
C LYS A 105 -3.19 -15.57 -4.06
N LYS A 106 -4.34 -16.18 -4.28
CA LYS A 106 -5.35 -16.33 -3.23
C LYS A 106 -5.07 -17.57 -2.39
N GLN A 107 -4.46 -18.57 -3.00
CA GLN A 107 -4.14 -19.81 -2.31
C GLN A 107 -2.79 -20.36 -2.77
N ARG A 108 -1.79 -20.27 -1.90
CA ARG A 108 -0.46 -20.76 -2.22
C ARG A 108 -0.31 -22.24 -1.86
N SER A 109 0.33 -23.00 -2.74
CA SER A 109 0.52 -24.42 -2.53
C SER A 109 1.63 -24.67 -1.52
N SER A 110 1.71 -25.90 -1.01
CA SER A 110 2.73 -26.27 -0.03
C SER A 110 2.65 -25.36 1.19
N GLY A 111 1.42 -25.08 1.64
CA GLY A 111 1.24 -24.23 2.80
C GLY A 111 -0.02 -24.57 3.57
N PRO A 112 0.04 -24.45 4.91
CA PRO A 112 -1.10 -24.74 5.78
C PRO A 112 -2.12 -23.61 5.80
N SER A 113 -3.36 -23.93 5.45
CA SER A 113 -4.43 -22.94 5.44
C SER A 113 -5.11 -22.84 6.79
N SER A 114 -5.19 -21.63 7.32
CA SER A 114 -5.82 -21.40 8.62
C SER A 114 -7.33 -21.63 8.54
N GLY A 115 -7.99 -20.88 7.66
CA GLY A 115 -9.42 -21.01 7.51
C GLY A 115 -10.19 -19.95 8.27
N GLY A 1 -27.03 1.39 29.85
CA GLY A 1 -25.59 1.28 30.02
C GLY A 1 -24.84 1.58 28.73
N SER A 2 -23.59 2.00 28.86
CA SER A 2 -22.77 2.32 27.71
C SER A 2 -21.28 2.25 28.06
N SER A 3 -20.46 1.89 27.08
CA SER A 3 -19.02 1.79 27.29
C SER A 3 -18.27 2.81 26.44
N GLY A 4 -18.47 2.74 25.13
CA GLY A 4 -17.81 3.66 24.23
C GLY A 4 -16.88 2.96 23.25
N SER A 5 -16.95 3.36 21.99
CA SER A 5 -16.12 2.75 20.95
C SER A 5 -14.65 3.11 21.16
N SER A 6 -13.96 2.34 21.99
CA SER A 6 -12.56 2.59 22.27
C SER A 6 -11.70 1.38 21.90
N GLY A 7 -10.43 1.63 21.59
CA GLY A 7 -9.54 0.56 21.21
C GLY A 7 -9.65 -0.64 22.13
N GLU A 8 -9.43 -1.83 21.57
CA GLU A 8 -9.51 -3.05 22.35
C GLU A 8 -8.41 -3.10 23.41
N GLU A 9 -7.17 -2.91 22.97
CA GLU A 9 -6.03 -2.93 23.89
C GLU A 9 -5.41 -1.54 24.03
N ILE A 10 -5.15 -0.91 22.89
CA ILE A 10 -4.56 0.43 22.87
C ILE A 10 -5.30 1.36 23.83
N ARG A 11 -6.62 1.22 23.88
CA ARG A 11 -7.45 2.05 24.75
C ARG A 11 -6.94 3.49 24.76
N LYS A 12 -6.32 3.91 23.66
CA LYS A 12 -5.80 5.26 23.55
C LYS A 12 -6.41 5.99 22.35
N ILE A 13 -6.47 5.30 21.22
CA ILE A 13 -7.03 5.88 20.01
C ILE A 13 -7.95 4.88 19.30
N PRO A 14 -9.18 5.34 18.98
CA PRO A 14 -10.17 4.51 18.30
C PRO A 14 -9.84 4.30 16.82
N MET A 15 -9.31 5.34 16.19
CA MET A 15 -8.94 5.27 14.78
C MET A 15 -7.49 4.85 14.61
N PHE A 16 -7.21 3.57 14.84
CA PHE A 16 -5.85 3.05 14.72
C PHE A 16 -5.76 2.05 13.57
N SER A 17 -6.57 0.99 13.65
CA SER A 17 -6.58 -0.03 12.61
C SER A 17 -7.41 0.40 11.41
N SER A 18 -6.73 0.94 10.40
CA SER A 18 -7.42 1.41 9.19
C SER A 18 -7.78 0.24 8.29
N TYR A 19 -6.78 -0.58 7.96
CA TYR A 19 -6.99 -1.74 7.11
C TYR A 19 -5.80 -2.69 7.17
N ASN A 20 -6.07 -3.95 7.45
CA ASN A 20 -5.02 -4.97 7.54
C ASN A 20 -4.53 -5.35 6.15
N PRO A 21 -3.25 -5.07 5.87
CA PRO A 21 -2.63 -5.37 4.58
C PRO A 21 -2.24 -6.85 4.47
N GLY A 22 -1.55 -7.36 5.47
CA GLY A 22 -1.14 -8.75 5.46
C GLY A 22 0.35 -8.92 5.24
N GLU A 23 0.73 -9.87 4.40
CA GLU A 23 2.14 -10.13 4.12
C GLU A 23 2.75 -8.97 3.33
N PRO A 24 4.01 -8.64 3.66
CA PRO A 24 4.74 -7.55 2.99
C PRO A 24 5.24 -7.95 1.61
N ASN A 25 5.24 -7.00 0.68
CA ASN A 25 5.70 -7.25 -0.68
C ASN A 25 6.52 -6.07 -1.20
N LYS A 26 7.29 -6.32 -2.25
CA LYS A 26 8.12 -5.29 -2.85
C LYS A 26 7.27 -4.26 -3.58
N VAL A 27 6.07 -4.67 -4.01
CA VAL A 27 5.16 -3.79 -4.72
C VAL A 27 4.00 -3.37 -3.83
N LEU A 28 3.57 -2.13 -3.96
CA LEU A 28 2.46 -1.60 -3.17
C LEU A 28 1.35 -1.05 -4.07
N TYR A 29 0.15 -1.61 -3.93
CA TYR A 29 -0.98 -1.17 -4.72
C TYR A 29 -1.81 -0.14 -3.98
N LEU A 30 -1.65 1.12 -4.35
CA LEU A 30 -2.39 2.21 -3.71
C LEU A 30 -3.75 2.41 -4.36
N LYS A 31 -4.79 2.54 -3.54
CA LYS A 31 -6.14 2.74 -4.04
C LYS A 31 -6.83 3.87 -3.29
N ASN A 32 -8.10 4.11 -3.62
CA ASN A 32 -8.87 5.16 -2.99
C ASN A 32 -8.24 6.53 -3.23
N LEU A 33 -7.96 6.83 -4.49
CA LEU A 33 -7.36 8.11 -4.86
C LEU A 33 -8.32 8.96 -5.68
N SER A 34 -8.60 10.16 -5.19
CA SER A 34 -9.51 11.07 -5.88
C SER A 34 -8.97 11.44 -7.25
N PRO A 35 -9.89 11.58 -8.23
CA PRO A 35 -9.52 11.93 -9.60
C PRO A 35 -8.51 13.07 -9.67
N ARG A 36 -8.49 13.89 -8.62
CA ARG A 36 -7.57 15.03 -8.56
C ARG A 36 -6.14 14.55 -8.27
N VAL A 37 -6.03 13.57 -7.39
CA VAL A 37 -4.72 13.02 -7.03
C VAL A 37 -3.81 12.92 -8.25
N THR A 38 -2.56 13.35 -8.08
CA THR A 38 -1.60 13.31 -9.16
C THR A 38 -0.31 12.60 -8.73
N GLU A 39 0.35 11.97 -9.69
CA GLU A 39 1.59 11.25 -9.40
C GLU A 39 2.38 11.94 -8.31
N ARG A 40 2.44 13.27 -8.37
CA ARG A 40 3.17 14.05 -7.38
C ARG A 40 2.87 13.57 -5.97
N ASP A 41 1.59 13.54 -5.62
CA ASP A 41 1.16 13.10 -4.30
C ASP A 41 1.90 11.83 -3.88
N LEU A 42 1.88 10.83 -4.76
CA LEU A 42 2.55 9.56 -4.49
C LEU A 42 4.03 9.78 -4.19
N VAL A 43 4.69 10.56 -5.04
CA VAL A 43 6.11 10.85 -4.86
C VAL A 43 6.38 11.44 -3.49
N SER A 44 5.65 12.51 -3.16
CA SER A 44 5.82 13.17 -1.88
C SER A 44 5.42 12.24 -0.73
N LEU A 45 4.44 11.40 -0.97
CA LEU A 45 3.96 10.45 0.04
C LEU A 45 5.05 9.44 0.38
N PHE A 46 5.83 9.05 -0.62
CA PHE A 46 6.90 8.09 -0.42
C PHE A 46 8.23 8.62 -0.96
N ALA A 47 8.51 9.88 -0.66
CA ALA A 47 9.74 10.51 -1.11
C ALA A 47 10.92 10.16 -0.20
N ARG A 48 10.78 10.50 1.08
CA ARG A 48 11.81 10.21 2.06
C ARG A 48 12.43 8.83 1.83
N PHE A 49 11.56 7.86 1.55
CA PHE A 49 12.01 6.49 1.32
C PHE A 49 12.96 6.44 0.12
N GLN A 50 12.65 7.22 -0.91
CA GLN A 50 13.47 7.25 -2.12
C GLN A 50 14.95 7.08 -1.77
N GLU A 51 15.43 7.90 -0.84
CA GLU A 51 16.83 7.85 -0.42
C GLU A 51 17.05 6.73 0.59
N LYS A 52 17.31 5.52 0.10
CA LYS A 52 17.54 4.37 0.96
C LYS A 52 18.25 3.26 0.20
N LYS A 53 19.05 2.48 0.92
CA LYS A 53 19.79 1.37 0.32
C LYS A 53 18.95 0.68 -0.76
N GLY A 54 19.15 1.09 -2.01
CA GLY A 54 18.41 0.51 -3.11
C GLY A 54 18.04 1.52 -4.17
N PRO A 55 18.03 1.09 -5.44
CA PRO A 55 17.69 1.96 -6.57
C PRO A 55 16.43 2.77 -6.33
N PRO A 56 16.30 3.90 -7.03
CA PRO A 56 15.14 4.78 -6.90
C PRO A 56 13.82 4.02 -6.92
N ILE A 57 12.77 4.63 -6.39
CA ILE A 57 11.46 4.00 -6.35
C ILE A 57 10.66 4.32 -7.62
N GLN A 58 9.97 3.30 -8.14
CA GLN A 58 9.17 3.47 -9.35
C GLN A 58 7.71 3.72 -9.01
N PHE A 59 7.10 4.68 -9.69
CA PHE A 59 5.70 5.01 -9.46
C PHE A 59 4.89 4.90 -10.75
N ARG A 60 3.66 4.40 -10.63
CA ARG A 60 2.78 4.24 -11.78
C ARG A 60 1.34 4.62 -11.43
N MET A 61 0.75 5.50 -12.24
CA MET A 61 -0.61 5.94 -12.02
C MET A 61 -1.54 5.38 -13.10
N MET A 62 -2.78 5.09 -12.71
CA MET A 62 -3.77 4.56 -13.63
C MET A 62 -4.56 5.69 -14.30
N THR A 63 -5.34 5.33 -15.32
CA THR A 63 -6.14 6.31 -16.04
C THR A 63 -7.44 5.70 -16.54
N GLY A 64 -8.46 6.54 -16.72
CA GLY A 64 -9.75 6.05 -17.19
C GLY A 64 -10.89 6.46 -16.28
N ARG A 65 -12.09 5.96 -16.58
CA ARG A 65 -13.27 6.28 -15.78
C ARG A 65 -12.94 6.24 -14.29
N MET A 66 -12.16 5.24 -13.89
CA MET A 66 -11.77 5.09 -12.50
C MET A 66 -10.26 5.18 -12.33
N ARG A 67 -9.72 6.38 -12.49
CA ARG A 67 -8.28 6.60 -12.37
C ARG A 67 -7.90 6.85 -10.92
N GLY A 68 -8.67 6.27 -10.00
CA GLY A 68 -8.39 6.44 -8.59
C GLY A 68 -7.52 5.34 -8.02
N GLN A 69 -6.62 4.81 -8.85
CA GLN A 69 -5.73 3.74 -8.43
C GLN A 69 -4.32 3.97 -8.96
N ALA A 70 -3.34 3.37 -8.28
CA ALA A 70 -1.94 3.52 -8.67
C ALA A 70 -1.10 2.36 -8.14
N PHE A 71 0.02 2.10 -8.81
CA PHE A 71 0.92 1.02 -8.40
C PHE A 71 2.35 1.53 -8.23
N ILE A 72 2.92 1.28 -7.06
CA ILE A 72 4.28 1.72 -6.76
C ILE A 72 5.18 0.53 -6.47
N THR A 73 6.45 0.63 -6.88
CA THR A 73 7.41 -0.44 -6.65
C THR A 73 8.60 0.05 -5.83
N PHE A 74 8.93 -0.67 -4.78
CA PHE A 74 10.05 -0.31 -3.92
C PHE A 74 11.21 -1.29 -4.09
N PRO A 75 12.42 -0.84 -3.72
CA PRO A 75 13.63 -1.66 -3.81
C PRO A 75 13.42 -3.08 -3.29
N ASN A 76 12.91 -3.17 -2.06
CA ASN A 76 12.65 -4.48 -1.44
C ASN A 76 11.31 -4.47 -0.71
N LYS A 77 10.88 -5.65 -0.26
CA LYS A 77 9.62 -5.79 0.46
C LYS A 77 9.70 -5.09 1.81
N GLU A 78 10.85 -5.20 2.47
CA GLU A 78 11.04 -4.58 3.77
C GLU A 78 10.62 -3.11 3.75
N ILE A 79 11.34 -2.31 2.98
CA ILE A 79 11.03 -0.88 2.87
C ILE A 79 9.56 -0.66 2.52
N ALA A 80 9.13 -1.24 1.40
CA ALA A 80 7.75 -1.11 0.96
C ALA A 80 6.78 -1.22 2.13
N TRP A 81 6.92 -2.29 2.90
CA TRP A 81 6.06 -2.52 4.06
C TRP A 81 6.09 -1.33 5.00
N GLN A 82 7.25 -1.08 5.61
CA GLN A 82 7.40 0.03 6.53
C GLN A 82 6.61 1.25 6.06
N ALA A 83 6.73 1.57 4.79
CA ALA A 83 6.01 2.71 4.22
C ALA A 83 4.51 2.47 4.21
N LEU A 84 4.09 1.31 3.70
CA LEU A 84 2.68 0.96 3.65
C LEU A 84 2.01 1.18 5.00
N HIS A 85 2.62 0.64 6.05
CA HIS A 85 2.07 0.78 7.40
C HIS A 85 2.11 2.24 7.85
N LEU A 86 3.16 2.96 7.44
CA LEU A 86 3.30 4.36 7.80
C LEU A 86 2.19 5.20 7.19
N VAL A 87 2.11 5.19 5.86
CA VAL A 87 1.09 5.96 5.15
C VAL A 87 -0.30 5.38 5.39
N ASN A 88 -0.36 4.06 5.56
CA ASN A 88 -1.63 3.38 5.79
C ASN A 88 -2.56 4.24 6.65
N GLY A 89 -3.59 4.77 6.02
CA GLY A 89 -4.55 5.61 6.73
C GLY A 89 -4.28 7.09 6.52
N TYR A 90 -3.80 7.44 5.33
CA TYR A 90 -3.50 8.84 5.02
C TYR A 90 -4.66 9.48 4.26
N LYS A 91 -5.36 10.38 4.95
CA LYS A 91 -6.50 11.06 4.35
C LYS A 91 -6.03 12.21 3.44
N LEU A 92 -6.12 11.99 2.13
CA LEU A 92 -5.70 12.99 1.16
C LEU A 92 -6.91 13.59 0.45
N TYR A 93 -6.91 14.92 0.32
CA TYR A 93 -8.01 15.62 -0.35
C TYR A 93 -9.34 15.24 0.28
N GLY A 94 -9.31 14.85 1.55
CA GLY A 94 -10.53 14.47 2.24
C GLY A 94 -10.97 13.05 1.90
N LYS A 95 -10.00 12.18 1.68
CA LYS A 95 -10.29 10.78 1.35
C LYS A 95 -9.18 9.86 1.85
N ILE A 96 -9.56 8.90 2.68
CA ILE A 96 -8.61 7.95 3.24
C ILE A 96 -7.98 7.09 2.14
N LEU A 97 -6.66 6.90 2.22
CA LEU A 97 -5.94 6.11 1.24
C LEU A 97 -5.75 4.68 1.73
N VAL A 98 -6.05 3.71 0.87
CA VAL A 98 -5.90 2.30 1.20
C VAL A 98 -4.80 1.65 0.38
N ILE A 99 -3.78 1.13 1.06
CA ILE A 99 -2.67 0.47 0.39
C ILE A 99 -2.77 -1.05 0.52
N GLU A 100 -2.46 -1.75 -0.58
CA GLU A 100 -2.51 -3.21 -0.58
C GLU A 100 -1.29 -3.79 -1.29
N PHE A 101 -0.52 -4.59 -0.56
CA PHE A 101 0.68 -5.21 -1.11
C PHE A 101 0.38 -5.88 -2.45
N GLY A 102 1.04 -5.39 -3.50
CA GLY A 102 0.83 -5.94 -4.83
C GLY A 102 1.07 -7.44 -4.88
N LYS A 103 0.21 -8.14 -5.62
CA LYS A 103 0.33 -9.60 -5.75
C LYS A 103 0.33 -10.01 -7.22
N ASN A 104 1.52 -10.10 -7.80
CA ASN A 104 1.66 -10.50 -9.19
C ASN A 104 3.10 -10.88 -9.51
N LYS A 105 3.27 -11.87 -10.40
CA LYS A 105 4.59 -12.33 -10.79
C LYS A 105 5.38 -12.79 -9.58
N LYS A 106 4.77 -13.61 -8.75
CA LYS A 106 5.42 -14.13 -7.55
C LYS A 106 6.53 -15.11 -7.91
N GLN A 107 6.24 -15.99 -8.87
CA GLN A 107 7.22 -16.98 -9.31
C GLN A 107 8.07 -16.44 -10.45
N ARG A 108 9.36 -16.27 -10.18
CA ARG A 108 10.28 -15.75 -11.18
C ARG A 108 11.29 -16.82 -11.60
N SER A 109 12.12 -16.49 -12.58
CA SER A 109 13.13 -17.43 -13.07
C SER A 109 14.04 -16.76 -14.11
N SER A 110 15.30 -17.16 -14.12
CA SER A 110 16.28 -16.61 -15.04
C SER A 110 17.20 -17.69 -15.59
N GLY A 111 17.63 -17.52 -16.83
CA GLY A 111 18.52 -18.49 -17.45
C GLY A 111 19.01 -18.04 -18.81
N PRO A 112 20.31 -18.29 -19.08
CA PRO A 112 20.93 -17.91 -20.36
C PRO A 112 20.60 -18.90 -21.48
N SER A 113 21.08 -18.60 -22.68
CA SER A 113 20.84 -19.47 -23.83
C SER A 113 22.15 -19.87 -24.50
N SER A 114 22.64 -21.05 -24.15
CA SER A 114 23.89 -21.54 -24.71
C SER A 114 23.64 -22.81 -25.54
N GLY A 115 24.62 -23.15 -26.38
CA GLY A 115 24.50 -24.33 -27.22
C GLY A 115 23.13 -24.43 -27.86
N GLY A 1 -11.38 -29.48 11.81
CA GLY A 1 -10.71 -28.29 11.30
C GLY A 1 -11.70 -27.27 10.74
N SER A 2 -11.31 -26.00 10.77
CA SER A 2 -12.17 -24.94 10.25
C SER A 2 -11.47 -24.15 9.15
N SER A 3 -12.15 -23.97 8.03
CA SER A 3 -11.59 -23.23 6.90
C SER A 3 -11.71 -21.73 7.11
N GLY A 4 -10.75 -20.99 6.56
CA GLY A 4 -10.76 -19.54 6.71
C GLY A 4 -11.05 -19.10 8.13
N SER A 5 -12.19 -18.44 8.33
CA SER A 5 -12.57 -17.97 9.64
C SER A 5 -11.39 -17.35 10.38
N SER A 6 -10.52 -16.67 9.62
CA SER A 6 -9.34 -16.04 10.18
C SER A 6 -9.70 -14.69 10.82
N GLY A 7 -9.00 -14.35 11.90
CA GLY A 7 -9.25 -13.10 12.58
C GLY A 7 -8.91 -13.16 14.06
N GLU A 8 -7.63 -13.01 14.37
CA GLU A 8 -7.18 -13.05 15.76
C GLU A 8 -6.88 -11.64 16.28
N GLU A 9 -7.33 -11.37 17.50
CA GLU A 9 -7.13 -10.05 18.11
C GLU A 9 -7.44 -8.94 17.12
N ILE A 10 -8.56 -9.07 16.42
CA ILE A 10 -8.98 -8.08 15.43
C ILE A 10 -9.97 -7.09 16.04
N ARG A 11 -10.86 -7.59 16.89
CA ARG A 11 -11.85 -6.76 17.54
C ARG A 11 -11.19 -5.71 18.42
N LYS A 12 -10.23 -6.14 19.24
CA LYS A 12 -9.52 -5.24 20.14
C LYS A 12 -9.08 -3.99 19.40
N ILE A 13 -8.40 -4.17 18.29
CA ILE A 13 -7.92 -3.04 17.49
C ILE A 13 -8.63 -2.97 16.15
N PRO A 14 -9.62 -2.06 16.06
CA PRO A 14 -10.40 -1.86 14.83
C PRO A 14 -9.53 -1.86 13.57
N MET A 15 -8.38 -1.19 13.67
CA MET A 15 -7.45 -1.11 12.53
C MET A 15 -7.30 -2.47 11.87
N PHE A 16 -7.22 -3.52 12.68
CA PHE A 16 -7.06 -4.88 12.17
C PHE A 16 -8.29 -5.29 11.37
N SER A 17 -9.46 -4.95 11.88
CA SER A 17 -10.71 -5.31 11.22
C SER A 17 -10.89 -4.51 9.93
N SER A 18 -10.50 -3.24 9.97
CA SER A 18 -10.61 -2.36 8.81
C SER A 18 -10.21 -3.11 7.53
N TYR A 19 -8.96 -3.54 7.48
CA TYR A 19 -8.45 -4.26 6.31
C TYR A 19 -7.05 -4.80 6.58
N ASN A 20 -6.71 -5.89 5.90
CA ASN A 20 -5.40 -6.51 6.06
C ASN A 20 -4.58 -6.38 4.78
N PRO A 21 -3.64 -5.43 4.76
CA PRO A 21 -2.77 -5.19 3.61
C PRO A 21 -2.27 -6.49 2.97
N GLY A 22 -1.64 -7.33 3.78
CA GLY A 22 -1.13 -8.59 3.27
C GLY A 22 0.26 -8.89 3.79
N GLU A 23 1.09 -9.48 2.93
CA GLU A 23 2.45 -9.83 3.31
C GLU A 23 3.46 -8.84 2.72
N PRO A 24 4.46 -8.47 3.53
CA PRO A 24 5.50 -7.52 3.11
C PRO A 24 6.06 -7.85 1.72
N ASN A 25 5.69 -7.04 0.74
CA ASN A 25 6.15 -7.24 -0.63
C ASN A 25 6.82 -5.98 -1.16
N LYS A 26 7.55 -6.13 -2.27
CA LYS A 26 8.25 -5.00 -2.88
C LYS A 26 7.30 -4.20 -3.77
N VAL A 27 6.01 -4.46 -3.63
CA VAL A 27 5.00 -3.75 -4.42
C VAL A 27 3.81 -3.35 -3.56
N LEU A 28 3.43 -2.09 -3.64
CA LEU A 28 2.29 -1.57 -2.88
C LEU A 28 1.22 -1.02 -3.80
N TYR A 29 0.03 -1.63 -3.74
CA TYR A 29 -1.08 -1.19 -4.57
C TYR A 29 -1.97 -0.21 -3.82
N LEU A 30 -1.88 1.07 -4.19
CA LEU A 30 -2.67 2.12 -3.55
C LEU A 30 -4.02 2.27 -4.24
N LYS A 31 -5.05 2.58 -3.46
CA LYS A 31 -6.39 2.77 -4.01
C LYS A 31 -7.11 3.89 -3.27
N ASN A 32 -8.27 4.27 -3.80
CA ASN A 32 -9.07 5.33 -3.20
C ASN A 32 -8.36 6.68 -3.31
N LEU A 33 -8.01 7.06 -4.53
CA LEU A 33 -7.33 8.32 -4.78
C LEU A 33 -8.20 9.26 -5.61
N SER A 34 -8.49 10.43 -5.04
CA SER A 34 -9.32 11.42 -5.73
C SER A 34 -8.71 11.79 -7.08
N PRO A 35 -9.58 12.02 -8.07
CA PRO A 35 -9.16 12.40 -9.42
C PRO A 35 -8.04 13.44 -9.42
N ARG A 36 -8.01 14.25 -8.36
CA ARG A 36 -7.00 15.30 -8.23
C ARG A 36 -5.63 14.69 -7.95
N VAL A 37 -5.60 13.65 -7.13
CA VAL A 37 -4.35 12.97 -6.78
C VAL A 37 -3.51 12.71 -8.03
N THR A 38 -2.28 13.23 -8.02
CA THR A 38 -1.38 13.04 -9.15
C THR A 38 -0.03 12.49 -8.68
N GLU A 39 0.79 12.07 -9.64
CA GLU A 39 2.11 11.52 -9.33
C GLU A 39 2.76 12.29 -8.19
N ARG A 40 2.76 13.62 -8.32
CA ARG A 40 3.36 14.47 -7.30
C ARG A 40 2.97 14.01 -5.89
N ASP A 41 1.67 13.82 -5.69
CA ASP A 41 1.16 13.37 -4.40
C ASP A 41 1.88 12.10 -3.93
N LEU A 42 1.93 11.11 -4.81
CA LEU A 42 2.58 9.85 -4.48
C LEU A 42 4.03 10.08 -4.05
N VAL A 43 4.78 10.81 -4.87
CA VAL A 43 6.17 11.10 -4.56
C VAL A 43 6.34 11.58 -3.12
N SER A 44 5.66 12.67 -2.78
CA SER A 44 5.73 13.22 -1.43
C SER A 44 5.39 12.15 -0.39
N LEU A 45 4.30 11.43 -0.62
CA LEU A 45 3.87 10.39 0.29
C LEU A 45 5.02 9.45 0.63
N PHE A 46 5.76 9.03 -0.39
CA PHE A 46 6.89 8.14 -0.19
C PHE A 46 8.18 8.78 -0.67
N ALA A 47 8.35 10.06 -0.37
CA ALA A 47 9.55 10.79 -0.78
C ALA A 47 10.67 10.60 0.23
N ARG A 48 10.30 10.30 1.47
CA ARG A 48 11.28 10.09 2.53
C ARG A 48 12.15 8.88 2.24
N PHE A 49 11.53 7.84 1.68
CA PHE A 49 12.25 6.61 1.35
C PHE A 49 12.74 6.63 -0.09
N GLN A 50 12.83 7.82 -0.66
CA GLN A 50 13.28 7.98 -2.05
C GLN A 50 14.61 8.74 -2.09
N GLU A 51 15.69 8.02 -1.87
CA GLU A 51 17.02 8.62 -1.90
C GLU A 51 18.07 7.62 -2.38
N LYS A 52 19.30 8.08 -2.54
CA LYS A 52 20.39 7.22 -3.00
C LYS A 52 20.26 5.82 -2.41
N LYS A 53 20.08 5.74 -1.09
CA LYS A 53 19.94 4.46 -0.42
C LYS A 53 19.21 3.46 -1.31
N GLY A 54 18.01 3.82 -1.76
CA GLY A 54 17.23 2.94 -2.60
C GLY A 54 16.95 3.54 -3.97
N PRO A 55 17.06 2.72 -5.02
CA PRO A 55 16.82 3.16 -6.40
C PRO A 55 15.55 3.97 -6.53
N PRO A 56 15.52 4.86 -7.54
CA PRO A 56 14.35 5.72 -7.81
C PRO A 56 13.05 4.94 -7.82
N ILE A 57 12.34 4.97 -6.69
CA ILE A 57 11.08 4.25 -6.57
C ILE A 57 10.23 4.41 -7.84
N GLN A 58 9.68 3.30 -8.31
CA GLN A 58 8.87 3.30 -9.51
C GLN A 58 7.39 3.54 -9.17
N PHE A 59 6.86 4.66 -9.64
CA PHE A 59 5.47 5.00 -9.38
C PHE A 59 4.62 4.85 -10.64
N ARG A 60 3.50 4.14 -10.51
CA ARG A 60 2.60 3.91 -11.63
C ARG A 60 1.16 4.27 -11.26
N MET A 61 0.60 5.26 -11.97
CA MET A 61 -0.76 5.69 -11.71
C MET A 61 -1.70 5.16 -12.79
N MET A 62 -2.94 4.88 -12.40
CA MET A 62 -3.94 4.37 -13.33
C MET A 62 -5.04 5.41 -13.58
N THR A 63 -5.85 5.17 -14.60
CA THR A 63 -6.93 6.09 -14.94
C THR A 63 -8.08 5.34 -15.61
N GLY A 64 -9.29 5.87 -15.44
CA GLY A 64 -10.47 5.25 -16.03
C GLY A 64 -11.67 5.27 -15.10
N ARG A 65 -12.76 4.69 -15.55
CA ARG A 65 -13.99 4.64 -14.74
C ARG A 65 -13.67 4.30 -13.29
N MET A 66 -12.93 3.22 -13.09
CA MET A 66 -12.56 2.79 -11.74
C MET A 66 -11.25 3.45 -11.31
N ARG A 67 -11.08 4.70 -11.68
CA ARG A 67 -9.87 5.45 -11.34
C ARG A 67 -9.70 5.51 -9.83
N GLY A 68 -8.59 6.12 -9.38
CA GLY A 68 -8.33 6.23 -7.96
C GLY A 68 -7.47 5.11 -7.43
N GLN A 69 -6.50 4.68 -8.23
CA GLN A 69 -5.61 3.60 -7.85
C GLN A 69 -4.25 3.72 -8.55
N ALA A 70 -3.19 3.39 -7.83
CA ALA A 70 -1.84 3.47 -8.39
C ALA A 70 -0.96 2.36 -7.84
N PHE A 71 -0.09 1.82 -8.68
CA PHE A 71 0.82 0.75 -8.29
C PHE A 71 2.24 1.27 -8.10
N ILE A 72 2.74 1.22 -6.87
CA ILE A 72 4.09 1.68 -6.59
C ILE A 72 5.02 0.52 -6.29
N THR A 73 6.17 0.50 -6.96
CA THR A 73 7.15 -0.56 -6.79
C THR A 73 8.39 -0.04 -6.05
N PHE A 74 8.63 -0.58 -4.86
CA PHE A 74 9.78 -0.16 -4.06
C PHE A 74 10.96 -1.10 -4.29
N PRO A 75 12.17 -0.62 -3.98
CA PRO A 75 13.40 -1.39 -4.15
C PRO A 75 13.26 -2.83 -3.65
N ASN A 76 12.72 -2.97 -2.44
CA ASN A 76 12.52 -4.29 -1.84
C ASN A 76 11.21 -4.34 -1.06
N LYS A 77 10.90 -5.52 -0.54
CA LYS A 77 9.67 -5.72 0.24
C LYS A 77 9.80 -5.08 1.61
N GLU A 78 11.02 -5.04 2.14
CA GLU A 78 11.27 -4.47 3.45
C GLU A 78 10.90 -2.98 3.48
N ILE A 79 11.50 -2.21 2.58
CA ILE A 79 11.23 -0.78 2.51
C ILE A 79 9.74 -0.51 2.30
N ALA A 80 9.18 -1.08 1.26
CA ALA A 80 7.76 -0.91 0.96
C ALA A 80 6.91 -1.19 2.19
N TRP A 81 7.17 -2.31 2.85
CA TRP A 81 6.42 -2.68 4.04
C TRP A 81 6.38 -1.55 5.04
N GLN A 82 7.55 -0.97 5.33
CA GLN A 82 7.65 0.14 6.27
C GLN A 82 6.83 1.33 5.80
N ALA A 83 7.06 1.75 4.56
CA ALA A 83 6.34 2.89 3.99
C ALA A 83 4.84 2.66 4.03
N LEU A 84 4.43 1.40 3.86
CA LEU A 84 3.02 1.05 3.88
C LEU A 84 2.40 1.30 5.25
N HIS A 85 2.84 0.54 6.24
CA HIS A 85 2.34 0.68 7.60
C HIS A 85 2.32 2.14 8.02
N LEU A 86 3.30 2.91 7.57
CA LEU A 86 3.39 4.32 7.89
C LEU A 86 2.32 5.12 7.16
N VAL A 87 2.33 5.04 5.83
CA VAL A 87 1.36 5.75 5.01
C VAL A 87 0.05 4.97 4.92
N ASN A 88 -0.33 4.34 6.02
CA ASN A 88 -1.57 3.55 6.06
C ASN A 88 -2.76 4.45 6.38
N GLY A 89 -3.86 4.24 5.65
CA GLY A 89 -5.06 5.03 5.86
C GLY A 89 -4.77 6.51 5.90
N TYR A 90 -3.86 6.96 5.04
CA TYR A 90 -3.48 8.37 4.97
C TYR A 90 -4.54 9.17 4.22
N LYS A 91 -4.98 10.27 4.82
CA LYS A 91 -5.98 11.13 4.20
C LYS A 91 -5.39 11.88 3.01
N LEU A 92 -6.09 11.83 1.88
CA LEU A 92 -5.63 12.50 0.66
C LEU A 92 -6.82 13.06 -0.12
N TYR A 93 -6.78 14.36 -0.39
CA TYR A 93 -7.84 15.02 -1.13
C TYR A 93 -9.22 14.56 -0.64
N GLY A 94 -9.40 14.57 0.68
CA GLY A 94 -10.67 14.15 1.25
C GLY A 94 -11.02 12.72 0.90
N LYS A 95 -10.02 11.83 0.97
CA LYS A 95 -10.23 10.43 0.65
C LYS A 95 -9.19 9.56 1.35
N ILE A 96 -9.65 8.65 2.21
CA ILE A 96 -8.76 7.75 2.93
C ILE A 96 -7.97 6.87 1.97
N LEU A 97 -6.69 7.16 1.82
CA LEU A 97 -5.82 6.38 0.95
C LEU A 97 -5.56 4.99 1.51
N VAL A 98 -6.03 3.97 0.81
CA VAL A 98 -5.85 2.59 1.24
C VAL A 98 -4.70 1.92 0.50
N ILE A 99 -3.87 1.20 1.24
CA ILE A 99 -2.72 0.51 0.65
C ILE A 99 -2.89 -1.01 0.72
N GLU A 100 -2.59 -1.69 -0.38
CA GLU A 100 -2.71 -3.14 -0.43
C GLU A 100 -1.52 -3.75 -1.15
N PHE A 101 -0.77 -4.59 -0.45
CA PHE A 101 0.40 -5.24 -1.02
C PHE A 101 0.08 -5.85 -2.37
N GLY A 102 1.09 -5.94 -3.23
CA GLY A 102 0.89 -6.51 -4.55
C GLY A 102 0.29 -7.90 -4.51
N LYS A 103 -0.11 -8.41 -5.66
CA LYS A 103 -0.71 -9.73 -5.76
C LYS A 103 0.29 -10.81 -5.35
N ASN A 104 0.29 -11.16 -4.08
CA ASN A 104 1.20 -12.18 -3.56
C ASN A 104 1.39 -13.31 -4.58
N LYS A 105 2.57 -13.35 -5.19
CA LYS A 105 2.88 -14.36 -6.18
C LYS A 105 3.92 -15.35 -5.65
N LYS A 106 4.18 -16.39 -6.42
CA LYS A 106 5.17 -17.41 -6.02
C LYS A 106 6.56 -17.05 -6.54
N GLN A 107 6.90 -15.77 -6.43
CA GLN A 107 8.21 -15.30 -6.89
C GLN A 107 9.17 -15.15 -5.72
N ARG A 108 10.04 -16.13 -5.54
CA ARG A 108 11.01 -16.11 -4.45
C ARG A 108 12.44 -16.05 -4.99
N SER A 109 13.28 -15.27 -4.34
CA SER A 109 14.67 -15.13 -4.75
C SER A 109 15.54 -16.26 -4.20
N SER A 110 15.58 -17.37 -4.92
CA SER A 110 16.36 -18.52 -4.50
C SER A 110 16.53 -19.52 -5.64
N GLY A 111 17.70 -20.15 -5.71
CA GLY A 111 17.96 -21.12 -6.76
C GLY A 111 19.11 -20.70 -7.66
N PRO A 112 20.31 -21.24 -7.40
CA PRO A 112 21.51 -20.93 -8.19
C PRO A 112 21.50 -21.60 -9.55
N SER A 113 22.36 -21.13 -10.45
CA SER A 113 22.44 -21.69 -11.79
C SER A 113 23.82 -21.43 -12.40
N SER A 114 24.42 -22.48 -12.96
CA SER A 114 25.75 -22.37 -13.56
C SER A 114 25.77 -21.25 -14.61
N GLY A 115 26.96 -20.96 -15.12
CA GLY A 115 27.09 -19.91 -16.13
C GLY A 115 26.16 -18.74 -15.88
N GLY A 1 -24.85 1.94 38.21
CA GLY A 1 -24.36 2.59 37.01
C GLY A 1 -22.85 2.77 37.02
N SER A 2 -22.22 2.55 35.87
CA SER A 2 -20.77 2.68 35.75
C SER A 2 -20.41 3.77 34.75
N SER A 3 -20.99 3.70 33.56
CA SER A 3 -20.71 4.68 32.52
C SER A 3 -19.21 4.89 32.34
N GLY A 4 -18.46 3.80 32.40
CA GLY A 4 -17.02 3.89 32.25
C GLY A 4 -16.45 2.72 31.47
N SER A 5 -16.71 2.71 30.16
CA SER A 5 -16.22 1.64 29.30
C SER A 5 -15.10 2.14 28.39
N SER A 6 -13.86 1.79 28.73
CA SER A 6 -12.71 2.21 27.95
C SER A 6 -11.54 1.25 28.14
N GLY A 7 -10.55 1.34 27.26
CA GLY A 7 -9.39 0.47 27.36
C GLY A 7 -8.35 0.99 28.35
N GLU A 8 -7.61 0.06 28.94
CA GLU A 8 -6.58 0.44 29.91
C GLU A 8 -5.44 1.19 29.24
N GLU A 9 -5.02 0.70 28.07
CA GLU A 9 -3.94 1.33 27.33
C GLU A 9 -4.44 1.91 26.01
N ILE A 10 -5.18 1.10 25.26
CA ILE A 10 -5.71 1.52 23.97
C ILE A 10 -6.72 2.65 24.16
N ARG A 11 -6.93 3.43 23.09
CA ARG A 11 -7.87 4.54 23.14
C ARG A 11 -9.30 4.04 22.95
N LYS A 12 -10.26 4.88 23.35
CA LYS A 12 -11.68 4.53 23.22
C LYS A 12 -11.91 3.65 22.00
N ILE A 13 -11.35 4.06 20.87
CA ILE A 13 -11.50 3.31 19.63
C ILE A 13 -11.16 1.84 19.83
N PRO A 14 -12.15 0.96 19.61
CA PRO A 14 -11.97 -0.48 19.77
C PRO A 14 -11.16 -1.09 18.63
N MET A 15 -11.57 -0.80 17.39
CA MET A 15 -10.87 -1.32 16.22
C MET A 15 -9.37 -1.03 16.31
N PHE A 16 -9.02 0.25 16.34
CA PHE A 16 -7.62 0.65 16.41
C PHE A 16 -6.81 0.01 15.30
N SER A 17 -7.36 0.02 14.08
CA SER A 17 -6.69 -0.56 12.94
C SER A 17 -7.39 -0.17 11.64
N SER A 18 -6.71 0.65 10.83
CA SER A 18 -7.28 1.11 9.56
C SER A 18 -7.62 -0.08 8.66
N TYR A 19 -6.63 -0.91 8.38
CA TYR A 19 -6.84 -2.08 7.53
C TYR A 19 -5.65 -3.04 7.62
N ASN A 20 -5.93 -4.33 7.50
CA ASN A 20 -4.88 -5.35 7.56
C ASN A 20 -4.47 -5.80 6.16
N PRO A 21 -3.23 -5.44 5.77
CA PRO A 21 -2.69 -5.81 4.46
C PRO A 21 -2.24 -7.26 4.40
N GLY A 22 -1.42 -7.65 5.37
CA GLY A 22 -0.91 -9.02 5.40
C GLY A 22 0.57 -9.11 5.09
N GLU A 23 0.97 -10.19 4.44
CA GLU A 23 2.36 -10.39 4.08
C GLU A 23 2.89 -9.22 3.26
N PRO A 24 4.12 -8.77 3.59
CA PRO A 24 4.76 -7.66 2.89
C PRO A 24 5.29 -8.06 1.52
N ASN A 25 5.23 -7.12 0.57
CA ASN A 25 5.71 -7.38 -0.78
C ASN A 25 6.49 -6.18 -1.31
N LYS A 26 7.16 -6.39 -2.45
CA LYS A 26 7.96 -5.32 -3.07
C LYS A 26 7.06 -4.28 -3.71
N VAL A 27 5.92 -4.73 -4.23
CA VAL A 27 4.96 -3.84 -4.87
C VAL A 27 3.83 -3.45 -3.92
N LEU A 28 3.35 -2.23 -4.05
CA LEU A 28 2.26 -1.74 -3.21
C LEU A 28 1.13 -1.17 -4.04
N TYR A 29 -0.03 -1.83 -3.98
CA TYR A 29 -1.20 -1.39 -4.74
C TYR A 29 -2.02 -0.40 -3.93
N LEU A 30 -1.95 0.87 -4.30
CA LEU A 30 -2.69 1.92 -3.61
C LEU A 30 -4.04 2.17 -4.29
N LYS A 31 -5.04 2.54 -3.50
CA LYS A 31 -6.37 2.82 -4.03
C LYS A 31 -7.03 3.96 -3.27
N ASN A 32 -8.23 4.34 -3.71
CA ASN A 32 -8.97 5.42 -3.06
C ASN A 32 -8.27 6.77 -3.28
N LEU A 33 -7.99 7.08 -4.53
CA LEU A 33 -7.32 8.33 -4.87
C LEU A 33 -8.21 9.20 -5.75
N SER A 34 -8.66 10.33 -5.21
CA SER A 34 -9.52 11.24 -5.94
C SER A 34 -9.08 11.35 -7.40
N PRO A 35 -10.04 11.69 -8.28
CA PRO A 35 -9.78 11.83 -9.72
C PRO A 35 -8.89 13.03 -10.02
N ARG A 36 -8.45 13.73 -8.98
CA ARG A 36 -7.59 14.90 -9.14
C ARG A 36 -6.16 14.60 -8.68
N VAL A 37 -6.03 13.62 -7.78
CA VAL A 37 -4.73 13.23 -7.26
C VAL A 37 -3.74 12.97 -8.39
N THR A 38 -2.49 13.37 -8.18
CA THR A 38 -1.44 13.18 -9.17
C THR A 38 -0.18 12.61 -8.55
N GLU A 39 0.70 12.07 -9.39
CA GLU A 39 1.95 11.48 -8.92
C GLU A 39 2.54 12.31 -7.78
N ARG A 40 2.72 13.61 -8.03
CA ARG A 40 3.27 14.52 -7.03
C ARG A 40 2.83 14.12 -5.63
N ASP A 41 1.56 13.77 -5.49
CA ASP A 41 1.01 13.36 -4.20
C ASP A 41 1.69 12.09 -3.70
N LEU A 42 1.75 11.07 -4.55
CA LEU A 42 2.37 9.81 -4.19
C LEU A 42 3.84 10.01 -3.83
N VAL A 43 4.57 10.73 -4.67
CA VAL A 43 5.98 11.00 -4.44
C VAL A 43 6.21 11.51 -3.03
N SER A 44 5.60 12.64 -2.70
CA SER A 44 5.74 13.24 -1.37
C SER A 44 5.40 12.23 -0.29
N LEU A 45 4.39 11.41 -0.54
CA LEU A 45 3.95 10.41 0.42
C LEU A 45 5.06 9.38 0.67
N PHE A 46 5.75 8.99 -0.40
CA PHE A 46 6.84 8.02 -0.29
C PHE A 46 8.15 8.63 -0.78
N ALA A 47 8.43 9.84 -0.33
CA ALA A 47 9.66 10.54 -0.72
C ALA A 47 10.77 10.27 0.28
N ARG A 48 10.53 10.62 1.55
CA ARG A 48 11.52 10.43 2.60
C ARG A 48 12.26 9.11 2.41
N PHE A 49 11.51 8.04 2.16
CA PHE A 49 12.09 6.72 1.96
C PHE A 49 13.26 6.79 0.98
N GLN A 50 13.03 7.44 -0.16
CA GLN A 50 14.06 7.58 -1.18
C GLN A 50 15.18 8.49 -0.71
N GLU A 51 16.04 7.97 0.15
CA GLU A 51 17.16 8.73 0.69
C GLU A 51 18.48 8.03 0.39
N LYS A 52 18.96 8.18 -0.84
CA LYS A 52 20.21 7.57 -1.25
C LYS A 52 20.24 6.10 -0.89
N LYS A 53 19.11 5.43 -1.03
CA LYS A 53 19.00 4.01 -0.73
C LYS A 53 18.55 3.22 -1.95
N GLY A 54 19.32 2.19 -2.30
CA GLY A 54 18.99 1.38 -3.45
C GLY A 54 18.56 2.20 -4.64
N PRO A 55 17.88 1.56 -5.61
CA PRO A 55 17.39 2.21 -6.81
C PRO A 55 16.24 3.18 -6.54
N PRO A 56 15.88 3.98 -7.55
CA PRO A 56 14.78 4.95 -7.44
C PRO A 56 13.41 4.28 -7.46
N ILE A 57 12.62 4.55 -6.42
CA ILE A 57 11.28 3.97 -6.33
C ILE A 57 10.45 4.32 -7.55
N GLN A 58 9.91 3.29 -8.19
CA GLN A 58 9.09 3.48 -9.39
C GLN A 58 7.63 3.70 -9.01
N PHE A 59 7.00 4.70 -9.62
CA PHE A 59 5.61 5.03 -9.35
C PHE A 59 4.76 4.88 -10.61
N ARG A 60 3.56 4.34 -10.45
CA ARG A 60 2.65 4.15 -11.57
C ARG A 60 1.23 4.53 -11.19
N MET A 61 0.64 5.45 -11.95
CA MET A 61 -0.72 5.91 -11.69
C MET A 61 -1.69 5.29 -12.69
N MET A 62 -2.81 4.77 -12.17
CA MET A 62 -3.82 4.15 -13.01
C MET A 62 -4.85 5.18 -13.49
N THR A 63 -5.32 5.00 -14.72
CA THR A 63 -6.31 5.92 -15.30
C THR A 63 -7.37 5.16 -16.08
N GLY A 64 -8.55 5.76 -16.18
CA GLY A 64 -9.64 5.12 -16.90
C GLY A 64 -10.93 5.07 -16.11
N ARG A 65 -11.64 3.95 -16.22
CA ARG A 65 -12.89 3.78 -15.50
C ARG A 65 -12.74 4.17 -14.03
N MET A 66 -11.67 3.69 -13.40
CA MET A 66 -11.41 4.00 -12.00
C MET A 66 -10.01 4.60 -11.82
N ARG A 67 -9.90 5.91 -11.98
CA ARG A 67 -8.62 6.59 -11.85
C ARG A 67 -8.15 6.57 -10.39
N GLY A 68 -8.98 6.02 -9.51
CA GLY A 68 -8.64 5.95 -8.11
C GLY A 68 -7.78 4.75 -7.77
N GLN A 69 -6.75 4.53 -8.58
CA GLN A 69 -5.84 3.40 -8.37
C GLN A 69 -4.42 3.75 -8.78
N ALA A 70 -3.44 3.18 -8.08
CA ALA A 70 -2.04 3.44 -8.38
C ALA A 70 -1.16 2.28 -7.91
N PHE A 71 -0.13 1.97 -8.69
CA PHE A 71 0.78 0.88 -8.37
C PHE A 71 2.21 1.40 -8.22
N ILE A 72 2.80 1.18 -7.05
CA ILE A 72 4.15 1.62 -6.78
C ILE A 72 5.08 0.43 -6.56
N THR A 73 6.33 0.58 -7.01
CA THR A 73 7.32 -0.48 -6.86
C THR A 73 8.54 0.00 -6.08
N PHE A 74 8.79 -0.61 -4.92
CA PHE A 74 9.92 -0.23 -4.09
C PHE A 74 11.08 -1.20 -4.28
N PRO A 75 12.30 -0.75 -3.96
CA PRO A 75 13.51 -1.55 -4.10
C PRO A 75 13.30 -2.98 -3.62
N ASN A 76 12.58 -3.13 -2.52
CA ASN A 76 12.31 -4.45 -1.95
C ASN A 76 11.09 -4.42 -1.04
N LYS A 77 10.64 -5.59 -0.62
CA LYS A 77 9.48 -5.70 0.27
C LYS A 77 9.71 -4.91 1.55
N GLU A 78 10.81 -5.21 2.24
CA GLU A 78 11.14 -4.53 3.49
C GLU A 78 10.73 -3.06 3.43
N ILE A 79 11.37 -2.31 2.54
CA ILE A 79 11.07 -0.89 2.39
C ILE A 79 9.60 -0.66 2.11
N ALA A 80 9.10 -1.29 1.04
CA ALA A 80 7.70 -1.16 0.67
C ALA A 80 6.79 -1.23 1.89
N TRP A 81 6.85 -2.35 2.60
CA TRP A 81 6.03 -2.54 3.80
C TRP A 81 6.11 -1.33 4.72
N GLN A 82 7.30 -1.08 5.24
CA GLN A 82 7.52 0.05 6.14
C GLN A 82 6.71 1.26 5.69
N ALA A 83 6.76 1.56 4.40
CA ALA A 83 6.03 2.69 3.84
C ALA A 83 4.52 2.48 3.97
N LEU A 84 4.08 1.25 3.77
CA LEU A 84 2.66 0.92 3.87
C LEU A 84 2.13 1.20 5.27
N HIS A 85 2.68 0.50 6.26
CA HIS A 85 2.27 0.68 7.65
C HIS A 85 2.41 2.14 8.08
N LEU A 86 3.36 2.84 7.47
CA LEU A 86 3.59 4.25 7.80
C LEU A 86 2.49 5.12 7.21
N VAL A 87 2.22 4.95 5.93
CA VAL A 87 1.18 5.73 5.25
C VAL A 87 -0.11 4.93 5.14
N ASN A 88 -0.41 4.16 6.18
CA ASN A 88 -1.63 3.35 6.20
C ASN A 88 -2.80 4.14 6.77
N GLY A 89 -3.50 4.87 5.89
CA GLY A 89 -4.64 5.66 6.32
C GLY A 89 -4.37 7.15 6.22
N TYR A 90 -3.75 7.57 5.12
CA TYR A 90 -3.44 8.98 4.91
C TYR A 90 -4.58 9.69 4.20
N LYS A 91 -5.05 10.78 4.80
CA LYS A 91 -6.14 11.56 4.23
C LYS A 91 -5.66 12.36 3.03
N LEU A 92 -5.82 11.80 1.84
CA LEU A 92 -5.41 12.48 0.61
C LEU A 92 -6.61 13.02 -0.14
N TYR A 93 -6.52 14.29 -0.56
CA TYR A 93 -7.60 14.93 -1.29
C TYR A 93 -8.95 14.66 -0.62
N GLY A 94 -8.97 14.74 0.71
CA GLY A 94 -10.20 14.51 1.44
C GLY A 94 -10.69 13.08 1.30
N LYS A 95 -9.77 12.13 1.34
CA LYS A 95 -10.11 10.72 1.22
C LYS A 95 -9.09 9.84 1.93
N ILE A 96 -9.54 8.71 2.44
CA ILE A 96 -8.66 7.78 3.15
C ILE A 96 -7.94 6.85 2.16
N LEU A 97 -6.65 7.09 1.98
CA LEU A 97 -5.83 6.28 1.08
C LEU A 97 -5.58 4.90 1.67
N VAL A 98 -5.82 3.87 0.86
CA VAL A 98 -5.61 2.49 1.30
C VAL A 98 -4.46 1.84 0.54
N ILE A 99 -3.39 1.51 1.26
CA ILE A 99 -2.23 0.89 0.65
C ILE A 99 -2.24 -0.62 0.86
N GLU A 100 -2.06 -1.37 -0.23
CA GLU A 100 -2.05 -2.82 -0.16
C GLU A 100 -0.78 -3.39 -0.79
N PHE A 101 -0.55 -4.69 -0.57
CA PHE A 101 0.63 -5.35 -1.12
C PHE A 101 0.30 -6.03 -2.44
N GLY A 102 1.20 -5.89 -3.42
CA GLY A 102 0.99 -6.49 -4.71
C GLY A 102 1.39 -7.96 -4.74
N LYS A 103 1.46 -8.53 -5.94
CA LYS A 103 1.83 -9.93 -6.10
C LYS A 103 3.22 -10.06 -6.71
N ASN A 104 4.03 -10.95 -6.13
CA ASN A 104 5.38 -11.16 -6.61
C ASN A 104 5.37 -11.82 -7.99
N LYS A 105 6.31 -11.41 -8.84
CA LYS A 105 6.41 -11.96 -10.18
C LYS A 105 7.87 -11.96 -10.66
N LYS A 106 8.30 -13.09 -11.21
CA LYS A 106 9.66 -13.23 -11.71
C LYS A 106 9.80 -14.49 -12.56
N GLN A 107 10.62 -14.41 -13.61
CA GLN A 107 10.85 -15.54 -14.50
C GLN A 107 11.95 -15.23 -15.49
N ARG A 108 12.59 -16.29 -16.01
CA ARG A 108 13.67 -16.13 -16.98
C ARG A 108 13.12 -15.80 -18.36
N SER A 109 13.97 -15.24 -19.21
CA SER A 109 13.57 -14.88 -20.56
C SER A 109 14.61 -15.32 -21.58
N SER A 110 15.86 -14.89 -21.36
CA SER A 110 16.96 -15.23 -22.26
C SER A 110 18.30 -14.89 -21.63
N GLY A 111 19.21 -15.85 -21.64
CA GLY A 111 20.53 -15.63 -21.07
C GLY A 111 21.38 -14.72 -21.91
N PRO A 112 22.42 -14.12 -21.30
CA PRO A 112 23.33 -13.21 -21.98
C PRO A 112 24.35 -13.94 -22.85
N SER A 113 24.27 -13.72 -24.16
CA SER A 113 25.18 -14.37 -25.10
C SER A 113 26.33 -13.45 -25.45
N SER A 114 27.54 -13.85 -25.06
CA SER A 114 28.73 -13.06 -25.33
C SER A 114 29.91 -13.95 -25.70
N GLY A 115 30.68 -13.53 -26.70
CA GLY A 115 31.82 -14.30 -27.14
C GLY A 115 31.79 -14.60 -28.62
N GLY A 1 -27.09 -11.32 32.84
CA GLY A 1 -26.70 -11.31 31.45
C GLY A 1 -26.90 -9.95 30.80
N SER A 2 -26.28 -9.77 29.64
CA SER A 2 -26.38 -8.50 28.92
C SER A 2 -26.61 -8.74 27.43
N SER A 3 -26.83 -7.66 26.68
CA SER A 3 -27.06 -7.76 25.25
C SER A 3 -26.02 -6.94 24.48
N GLY A 4 -25.73 -7.38 23.25
CA GLY A 4 -24.76 -6.68 22.43
C GLY A 4 -23.85 -7.62 21.67
N SER A 5 -24.13 -7.81 20.38
CA SER A 5 -23.34 -8.71 19.54
C SER A 5 -22.84 -7.98 18.31
N SER A 6 -21.52 -7.81 18.21
CA SER A 6 -20.91 -7.13 17.08
C SER A 6 -19.43 -7.44 16.99
N GLY A 7 -18.89 -7.42 15.77
CA GLY A 7 -17.48 -7.71 15.57
C GLY A 7 -17.18 -9.19 15.57
N GLU A 8 -17.10 -9.78 14.39
CA GLU A 8 -16.83 -11.21 14.26
C GLU A 8 -15.34 -11.49 14.47
N GLU A 9 -14.49 -10.79 13.71
CA GLU A 9 -13.05 -10.96 13.80
C GLU A 9 -12.48 -10.21 15.01
N ILE A 10 -12.92 -8.96 15.17
CA ILE A 10 -12.46 -8.13 16.28
C ILE A 10 -13.08 -8.59 17.60
N ARG A 11 -12.50 -8.13 18.70
CA ARG A 11 -13.00 -8.49 20.03
C ARG A 11 -13.27 -7.24 20.86
N LYS A 12 -12.29 -6.34 20.91
CA LYS A 12 -12.42 -5.11 21.67
C LYS A 12 -12.36 -3.89 20.75
N ILE A 13 -11.30 -3.81 19.96
CA ILE A 13 -11.12 -2.70 19.03
C ILE A 13 -11.88 -2.94 17.73
N PRO A 14 -12.67 -1.94 17.31
CA PRO A 14 -13.46 -2.03 16.08
C PRO A 14 -12.61 -1.81 14.83
N MET A 15 -11.81 -0.73 14.84
CA MET A 15 -10.95 -0.41 13.70
C MET A 15 -9.66 -1.21 13.76
N PHE A 16 -9.77 -2.50 14.10
CA PHE A 16 -8.61 -3.37 14.19
C PHE A 16 -8.32 -4.04 12.85
N SER A 17 -9.29 -4.79 12.35
CA SER A 17 -9.15 -5.49 11.08
C SER A 17 -9.87 -4.74 9.96
N SER A 18 -9.72 -3.42 9.95
CA SER A 18 -10.36 -2.59 8.94
C SER A 18 -10.23 -3.22 7.55
N TYR A 19 -8.98 -3.44 7.14
CA TYR A 19 -8.71 -4.03 5.83
C TYR A 19 -7.42 -4.84 5.85
N ASN A 20 -7.28 -5.76 4.91
CA ASN A 20 -6.09 -6.60 4.83
C ASN A 20 -5.12 -6.05 3.78
N PRO A 21 -3.93 -5.63 4.24
CA PRO A 21 -2.90 -5.08 3.36
C PRO A 21 -2.17 -6.17 2.56
N GLY A 22 -1.89 -7.29 3.23
CA GLY A 22 -1.20 -8.39 2.56
C GLY A 22 0.18 -8.62 3.11
N GLU A 23 0.91 -9.55 2.50
CA GLU A 23 2.26 -9.87 2.95
C GLU A 23 3.24 -8.76 2.55
N PRO A 24 4.09 -8.35 3.49
CA PRO A 24 5.09 -7.30 3.26
C PRO A 24 5.82 -7.48 1.93
N ASN A 25 5.30 -6.86 0.88
CA ASN A 25 5.90 -6.95 -0.44
C ASN A 25 6.58 -5.64 -0.81
N LYS A 26 7.25 -5.63 -1.96
CA LYS A 26 7.94 -4.44 -2.45
C LYS A 26 6.99 -3.53 -3.21
N VAL A 27 5.95 -4.11 -3.80
CA VAL A 27 4.97 -3.34 -4.56
C VAL A 27 3.75 -3.03 -3.71
N LEU A 28 3.42 -1.75 -3.60
CA LEU A 28 2.27 -1.31 -2.82
C LEU A 28 1.19 -0.72 -3.73
N TYR A 29 0.04 -1.38 -3.77
CA TYR A 29 -1.07 -0.93 -4.59
C TYR A 29 -1.95 0.05 -3.83
N LEU A 30 -1.82 1.33 -4.15
CA LEU A 30 -2.60 2.38 -3.50
C LEU A 30 -3.95 2.55 -4.18
N LYS A 31 -4.99 2.71 -3.37
CA LYS A 31 -6.34 2.90 -3.89
C LYS A 31 -7.05 4.05 -3.19
N ASN A 32 -8.27 4.35 -3.63
CA ASN A 32 -9.05 5.42 -3.03
C ASN A 32 -8.35 6.77 -3.20
N LEU A 33 -8.02 7.11 -4.45
CA LEU A 33 -7.35 8.36 -4.75
C LEU A 33 -8.28 9.30 -5.50
N SER A 34 -8.39 10.53 -4.99
CA SER A 34 -9.25 11.53 -5.63
C SER A 34 -8.77 11.85 -7.04
N PRO A 35 -9.72 12.09 -7.96
CA PRO A 35 -9.41 12.40 -9.35
C PRO A 35 -8.33 13.48 -9.48
N ARG A 36 -8.13 14.23 -8.40
CA ARG A 36 -7.12 15.29 -8.39
C ARG A 36 -5.73 14.72 -8.11
N VAL A 37 -5.68 13.66 -7.29
CA VAL A 37 -4.42 13.03 -6.95
C VAL A 37 -3.54 12.85 -8.17
N THR A 38 -2.27 13.22 -8.04
CA THR A 38 -1.32 13.10 -9.14
C THR A 38 -0.05 12.39 -8.69
N GLU A 39 0.61 11.70 -9.63
CA GLU A 39 1.83 10.97 -9.33
C GLU A 39 2.66 11.70 -8.27
N ARG A 40 2.68 13.03 -8.37
CA ARG A 40 3.42 13.84 -7.42
C ARG A 40 3.13 13.42 -5.98
N ASP A 41 1.85 13.44 -5.62
CA ASP A 41 1.44 13.05 -4.27
C ASP A 41 2.12 11.76 -3.84
N LEU A 42 2.13 10.78 -4.75
CA LEU A 42 2.76 9.49 -4.46
C LEU A 42 4.24 9.66 -4.17
N VAL A 43 4.92 10.43 -5.00
CA VAL A 43 6.35 10.66 -4.83
C VAL A 43 6.65 11.24 -3.46
N SER A 44 5.96 12.32 -3.10
CA SER A 44 6.16 12.97 -1.81
C SER A 44 5.78 12.03 -0.68
N LEU A 45 4.67 11.32 -0.85
CA LEU A 45 4.20 10.38 0.17
C LEU A 45 5.28 9.37 0.53
N PHE A 46 5.99 8.88 -0.49
CA PHE A 46 7.06 7.91 -0.27
C PHE A 46 8.39 8.43 -0.81
N ALA A 47 8.64 9.72 -0.59
CA ALA A 47 9.88 10.34 -1.05
C ALA A 47 11.04 10.01 -0.13
N ARG A 48 10.86 10.30 1.16
CA ARG A 48 11.91 10.03 2.15
C ARG A 48 12.59 8.70 1.88
N PHE A 49 11.83 7.75 1.36
CA PHE A 49 12.37 6.42 1.04
C PHE A 49 13.21 6.46 -0.22
N GLN A 50 12.77 7.24 -1.20
CA GLN A 50 13.49 7.36 -2.47
C GLN A 50 14.98 7.56 -2.22
N GLU A 51 15.32 8.47 -1.32
CA GLU A 51 16.71 8.75 -0.99
C GLU A 51 17.21 7.82 0.10
N LYS A 52 16.83 6.55 0.01
CA LYS A 52 17.24 5.55 0.99
C LYS A 52 17.90 4.35 0.31
N LYS A 53 18.60 3.54 1.09
CA LYS A 53 19.27 2.36 0.56
C LYS A 53 18.46 1.74 -0.57
N GLY A 54 18.97 1.85 -1.79
CA GLY A 54 18.28 1.29 -2.94
C GLY A 54 17.91 2.35 -3.97
N PRO A 55 18.06 2.00 -5.25
CA PRO A 55 17.75 2.91 -6.36
C PRO A 55 16.39 3.58 -6.19
N PRO A 56 16.16 4.65 -6.96
CA PRO A 56 14.91 5.40 -6.91
C PRO A 56 13.68 4.49 -6.93
N ILE A 57 12.54 5.03 -6.50
CA ILE A 57 11.31 4.25 -6.47
C ILE A 57 10.51 4.44 -7.75
N GLN A 58 9.84 3.38 -8.19
CA GLN A 58 9.04 3.42 -9.40
C GLN A 58 7.56 3.64 -9.07
N PHE A 59 6.99 4.70 -9.63
CA PHE A 59 5.59 5.02 -9.41
C PHE A 59 4.77 4.88 -10.69
N ARG A 60 3.57 4.34 -10.57
CA ARG A 60 2.70 4.15 -11.72
C ARG A 60 1.24 4.45 -11.35
N MET A 61 0.63 5.36 -12.10
CA MET A 61 -0.77 5.73 -11.85
C MET A 61 -1.68 5.20 -12.96
N MET A 62 -2.83 4.68 -12.56
CA MET A 62 -3.78 4.14 -13.52
C MET A 62 -4.94 5.10 -13.75
N THR A 63 -5.28 5.33 -15.00
CA THR A 63 -6.37 6.24 -15.36
C THR A 63 -7.51 5.49 -16.03
N GLY A 64 -7.73 4.25 -15.62
CA GLY A 64 -8.79 3.45 -16.20
C GLY A 64 -10.10 3.62 -15.47
N ARG A 65 -10.97 2.61 -15.57
CA ARG A 65 -12.28 2.66 -14.92
C ARG A 65 -12.19 3.42 -13.60
N MET A 66 -11.19 3.08 -12.78
CA MET A 66 -11.00 3.72 -11.49
C MET A 66 -9.65 4.43 -11.42
N ARG A 67 -9.62 5.70 -11.80
CA ARG A 67 -8.39 6.48 -11.79
C ARG A 67 -7.92 6.71 -10.36
N GLY A 68 -8.69 6.23 -9.39
CA GLY A 68 -8.32 6.40 -8.00
C GLY A 68 -7.46 5.27 -7.48
N GLN A 69 -6.56 4.78 -8.34
CA GLN A 69 -5.68 3.69 -7.97
C GLN A 69 -4.31 3.85 -8.60
N ALA A 70 -3.26 3.49 -7.87
CA ALA A 70 -1.89 3.61 -8.38
C ALA A 70 -1.01 2.48 -7.85
N PHE A 71 -0.07 2.04 -8.67
CA PHE A 71 0.83 0.96 -8.28
C PHE A 71 2.26 1.47 -8.10
N ILE A 72 2.82 1.25 -6.92
CA ILE A 72 4.17 1.69 -6.63
C ILE A 72 5.10 0.51 -6.34
N THR A 73 6.33 0.59 -6.83
CA THR A 73 7.31 -0.47 -6.64
C THR A 73 8.53 0.04 -5.88
N PHE A 74 8.77 -0.54 -4.71
CA PHE A 74 9.91 -0.15 -3.88
C PHE A 74 11.12 -1.04 -4.16
N PRO A 75 12.31 -0.52 -3.88
CA PRO A 75 13.57 -1.25 -4.09
C PRO A 75 13.52 -2.66 -3.51
N ASN A 76 12.78 -2.82 -2.42
CA ASN A 76 12.65 -4.11 -1.75
C ASN A 76 11.31 -4.22 -1.03
N LYS A 77 11.09 -5.35 -0.38
CA LYS A 77 9.86 -5.59 0.36
C LYS A 77 9.89 -4.87 1.71
N GLU A 78 11.03 -4.91 2.38
CA GLU A 78 11.20 -4.27 3.67
C GLU A 78 10.81 -2.79 3.59
N ILE A 79 11.54 -2.04 2.79
CA ILE A 79 11.27 -0.61 2.64
C ILE A 79 9.79 -0.36 2.39
N ALA A 80 9.26 -0.91 1.30
CA ALA A 80 7.86 -0.75 0.97
C ALA A 80 6.97 -0.93 2.19
N TRP A 81 6.96 -2.14 2.73
CA TRP A 81 6.16 -2.46 3.91
C TRP A 81 6.13 -1.28 4.87
N GLN A 82 7.30 -0.76 5.20
CA GLN A 82 7.40 0.37 6.12
C GLN A 82 6.56 1.54 5.64
N ALA A 83 6.76 1.94 4.39
CA ALA A 83 6.02 3.05 3.81
C ALA A 83 4.51 2.83 3.95
N LEU A 84 4.08 1.59 3.75
CA LEU A 84 2.66 1.26 3.85
C LEU A 84 2.14 1.56 5.25
N HIS A 85 2.61 0.80 6.23
CA HIS A 85 2.18 1.00 7.62
C HIS A 85 2.30 2.46 8.02
N LEU A 86 3.30 3.14 7.48
CA LEU A 86 3.52 4.55 7.79
C LEU A 86 2.46 5.42 7.12
N VAL A 87 2.09 5.07 5.90
CA VAL A 87 1.09 5.82 5.15
C VAL A 87 -0.20 5.03 5.00
N ASN A 88 -0.59 4.34 6.08
CA ASN A 88 -1.80 3.53 6.08
C ASN A 88 -3.03 4.39 6.35
N GLY A 89 -4.13 4.10 5.66
CA GLY A 89 -5.35 4.85 5.85
C GLY A 89 -5.11 6.35 5.79
N TYR A 90 -4.12 6.77 5.02
CA TYR A 90 -3.79 8.19 4.89
C TYR A 90 -4.87 8.92 4.10
N LYS A 91 -5.64 9.75 4.80
CA LYS A 91 -6.71 10.52 4.16
C LYS A 91 -6.12 11.62 3.28
N LEU A 92 -6.03 11.36 1.99
CA LEU A 92 -5.50 12.33 1.04
C LEU A 92 -6.63 13.02 0.28
N TYR A 93 -6.57 14.34 0.22
CA TYR A 93 -7.58 15.12 -0.49
C TYR A 93 -8.98 14.76 0.01
N GLY A 94 -9.07 14.41 1.29
CA GLY A 94 -10.35 14.05 1.87
C GLY A 94 -10.84 12.70 1.42
N LYS A 95 -9.90 11.77 1.23
CA LYS A 95 -10.24 10.42 0.79
C LYS A 95 -9.33 9.40 1.47
N ILE A 96 -9.92 8.58 2.33
CA ILE A 96 -9.18 7.55 3.04
C ILE A 96 -8.38 6.67 2.07
N LEU A 97 -7.09 6.95 1.96
CA LEU A 97 -6.23 6.19 1.06
C LEU A 97 -6.02 4.76 1.58
N VAL A 98 -6.41 3.78 0.77
CA VAL A 98 -6.27 2.38 1.15
C VAL A 98 -5.11 1.73 0.42
N ILE A 99 -4.14 1.23 1.18
CA ILE A 99 -2.97 0.58 0.60
C ILE A 99 -3.12 -0.94 0.63
N GLU A 100 -2.71 -1.59 -0.46
CA GLU A 100 -2.79 -3.04 -0.56
C GLU A 100 -1.56 -3.61 -1.26
N PHE A 101 -0.84 -4.47 -0.56
CA PHE A 101 0.36 -5.09 -1.10
C PHE A 101 0.07 -5.77 -2.43
N GLY A 102 1.06 -5.78 -3.31
CA GLY A 102 0.89 -6.39 -4.61
C GLY A 102 0.61 -7.89 -4.52
N LYS A 103 0.07 -8.46 -5.58
CA LYS A 103 -0.24 -9.88 -5.62
C LYS A 103 0.99 -10.71 -5.94
N ASN A 104 0.96 -11.97 -5.57
CA ASN A 104 2.08 -12.87 -5.83
C ASN A 104 1.59 -14.28 -6.16
N LYS A 105 2.20 -14.89 -7.17
CA LYS A 105 1.83 -16.24 -7.59
C LYS A 105 2.86 -17.26 -7.11
N LYS A 106 2.50 -18.54 -7.21
CA LYS A 106 3.40 -19.62 -6.80
C LYS A 106 4.83 -19.33 -7.22
N GLN A 107 5.79 -19.74 -6.39
CA GLN A 107 7.20 -19.53 -6.68
C GLN A 107 8.01 -20.78 -6.38
N ARG A 108 9.27 -20.77 -6.80
CA ARG A 108 10.15 -21.91 -6.59
C ARG A 108 11.49 -21.46 -6.02
N SER A 109 11.87 -22.04 -4.88
CA SER A 109 13.12 -21.69 -4.22
C SER A 109 14.30 -21.90 -5.16
N SER A 110 14.72 -20.84 -5.84
CA SER A 110 15.83 -20.91 -6.77
C SER A 110 17.00 -20.06 -6.30
N GLY A 111 18.07 -20.71 -5.86
CA GLY A 111 19.23 -19.99 -5.37
C GLY A 111 20.05 -20.81 -4.40
N PRO A 112 20.98 -21.62 -4.94
CA PRO A 112 21.85 -22.47 -4.12
C PRO A 112 22.45 -21.72 -2.93
N SER A 113 22.83 -20.46 -3.17
CA SER A 113 23.42 -19.65 -2.12
C SER A 113 24.33 -20.48 -1.22
N SER A 114 25.12 -21.35 -1.84
CA SER A 114 26.04 -22.20 -1.10
C SER A 114 27.41 -22.22 -1.77
N GLY A 115 28.41 -21.66 -1.08
CA GLY A 115 29.76 -21.62 -1.61
C GLY A 115 30.72 -20.92 -0.69
#